data_2RQ4
#
_entry.id   2RQ4
#
_entity_poly.entity_id   1
_entity_poly.type   'polypeptide(L)'
_entity_poly.pdbx_seq_one_letter_code
;GSSGSSGLTQQSIGAAGSQKEGPEGANLFIYHLPQEFGDQDLLQMFMPFGNVVSAKVFIDKQTNLSKCFGFVSYDNPVSA
QAAIQSMNGFQIGMKRLKVQLKRSKNDSKSGPSSG
;
_entity_poly.pdbx_strand_id   A
#
# COMPACT_ATOMS: atom_id res chain seq x y z
N GLY A 1 -8.14 9.98 -21.69
CA GLY A 1 -8.89 9.03 -20.84
C GLY A 1 -8.05 8.59 -19.63
N SER A 2 -8.36 7.41 -19.10
CA SER A 2 -7.58 6.69 -18.05
C SER A 2 -7.63 7.30 -16.64
N SER A 3 -8.34 8.42 -16.44
CA SER A 3 -8.49 9.16 -15.18
C SER A 3 -9.65 10.18 -15.27
N GLY A 4 -10.19 10.59 -14.12
CA GLY A 4 -11.27 11.59 -14.00
C GLY A 4 -10.95 12.69 -12.98
N SER A 5 -11.50 13.88 -13.19
CA SER A 5 -11.31 15.05 -12.31
C SER A 5 -12.27 15.08 -11.11
N SER A 6 -13.34 14.28 -11.14
CA SER A 6 -14.41 14.26 -10.12
C SER A 6 -14.78 12.83 -9.66
N GLY A 7 -13.99 11.82 -10.04
CA GLY A 7 -14.24 10.40 -9.74
C GLY A 7 -13.39 9.44 -10.58
N LEU A 8 -13.78 8.17 -10.60
CA LEU A 8 -13.09 7.06 -11.27
C LEU A 8 -14.03 5.88 -11.59
N THR A 9 -13.56 4.91 -12.37
CA THR A 9 -14.32 3.74 -12.84
C THR A 9 -14.39 2.64 -11.77
N GLN A 10 -15.17 1.60 -12.05
CA GLN A 10 -15.33 0.42 -11.18
C GLN A 10 -14.15 -0.57 -11.29
N GLN A 11 -13.03 -0.19 -11.93
CA GLN A 11 -11.86 -1.05 -12.14
C GLN A 11 -11.07 -1.36 -10.85
N SER A 12 -11.38 -0.69 -9.74
CA SER A 12 -10.81 -0.91 -8.39
C SER A 12 -11.12 -2.30 -7.78
N ILE A 13 -11.75 -3.19 -8.55
CA ILE A 13 -11.94 -4.63 -8.22
C ILE A 13 -10.66 -5.46 -8.43
N GLY A 14 -9.63 -4.88 -9.05
CA GLY A 14 -8.29 -5.46 -9.22
C GLY A 14 -7.41 -5.21 -7.99
N ALA A 15 -6.14 -4.87 -8.19
CA ALA A 15 -5.22 -4.53 -7.10
C ALA A 15 -5.06 -3.01 -6.91
N ALA A 16 -4.60 -2.28 -7.93
CA ALA A 16 -4.45 -0.82 -7.91
C ALA A 16 -5.83 -0.12 -7.79
N GLY A 17 -5.94 0.77 -6.81
CA GLY A 17 -7.15 1.50 -6.46
C GLY A 17 -8.05 0.73 -5.48
N SER A 18 -7.73 -0.51 -5.17
CA SER A 18 -8.57 -1.39 -4.36
C SER A 18 -8.40 -1.18 -2.85
N GLN A 19 -9.42 -1.56 -2.08
CA GLN A 19 -9.49 -1.38 -0.61
C GLN A 19 -9.83 -2.69 0.12
N LYS A 20 -9.72 -3.85 -0.56
CA LYS A 20 -9.75 -5.17 0.08
C LYS A 20 -8.45 -5.41 0.89
N GLU A 21 -8.35 -6.53 1.59
CA GLU A 21 -7.10 -6.99 2.20
C GLU A 21 -7.06 -8.52 2.36
N GLY A 22 -5.84 -9.06 2.46
CA GLY A 22 -5.56 -10.48 2.68
C GLY A 22 -5.63 -10.90 4.16
N PRO A 23 -4.97 -12.00 4.55
CA PRO A 23 -4.97 -12.49 5.94
C PRO A 23 -4.27 -11.50 6.88
N GLU A 24 -4.53 -11.61 8.18
CA GLU A 24 -3.97 -10.73 9.20
C GLU A 24 -2.44 -10.87 9.25
N GLY A 25 -1.73 -9.74 9.09
CA GLY A 25 -0.27 -9.67 8.97
C GLY A 25 0.22 -9.54 7.53
N ALA A 26 -0.67 -9.68 6.54
CA ALA A 26 -0.40 -9.45 5.11
C ALA A 26 -0.82 -8.03 4.66
N ASN A 27 -0.92 -7.08 5.58
CA ASN A 27 -1.53 -5.75 5.39
C ASN A 27 -0.55 -4.64 5.80
N LEU A 28 -0.16 -3.77 4.87
CA LEU A 28 0.92 -2.80 4.98
C LEU A 28 0.46 -1.37 4.67
N PHE A 29 1.00 -0.41 5.42
CA PHE A 29 0.90 1.04 5.15
C PHE A 29 2.29 1.59 4.83
N ILE A 30 2.37 2.40 3.77
CA ILE A 30 3.61 2.89 3.15
C ILE A 30 3.59 4.41 3.20
N TYR A 31 4.70 5.05 3.60
CA TYR A 31 4.80 6.49 3.83
C TYR A 31 6.05 7.11 3.17
N HIS A 32 5.99 8.44 2.95
CA HIS A 32 7.02 9.29 2.31
C HIS A 32 7.12 9.09 0.77
N LEU A 33 6.02 8.67 0.14
CA LEU A 33 5.94 8.42 -1.31
C LEU A 33 6.09 9.73 -2.12
N PRO A 34 6.64 9.69 -3.35
CA PRO A 34 6.69 10.83 -4.25
C PRO A 34 5.29 11.39 -4.57
N GLN A 35 5.19 12.70 -4.82
CA GLN A 35 3.92 13.36 -5.17
C GLN A 35 3.38 12.98 -6.58
N GLU A 36 4.19 12.27 -7.36
CA GLU A 36 3.85 11.75 -8.70
C GLU A 36 3.40 10.28 -8.71
N PHE A 37 3.58 9.56 -7.60
CA PHE A 37 3.17 8.16 -7.45
C PHE A 37 1.65 8.04 -7.29
N GLY A 38 1.03 7.20 -8.13
CA GLY A 38 -0.36 6.76 -8.03
C GLY A 38 -0.47 5.29 -7.61
N ASP A 39 -1.68 4.76 -7.66
CA ASP A 39 -2.01 3.41 -7.18
C ASP A 39 -1.30 2.30 -7.98
N GLN A 40 -1.06 2.53 -9.28
CA GLN A 40 -0.35 1.60 -10.15
C GLN A 40 1.17 1.67 -9.97
N ASP A 41 1.72 2.83 -9.59
CA ASP A 41 3.15 2.97 -9.29
C ASP A 41 3.51 2.26 -7.98
N LEU A 42 2.64 2.38 -6.96
CA LEU A 42 2.76 1.62 -5.72
C LEU A 42 2.58 0.12 -5.94
N LEU A 43 1.68 -0.30 -6.83
CA LEU A 43 1.51 -1.71 -7.20
C LEU A 43 2.78 -2.26 -7.86
N GLN A 44 3.31 -1.58 -8.89
CA GLN A 44 4.52 -2.02 -9.60
C GLN A 44 5.77 -2.02 -8.70
N MET A 45 5.83 -1.13 -7.71
CA MET A 45 6.89 -1.11 -6.68
C MET A 45 6.82 -2.31 -5.72
N PHE A 46 5.64 -2.87 -5.46
CA PHE A 46 5.42 -3.94 -4.47
C PHE A 46 5.18 -5.34 -5.07
N MET A 47 4.92 -5.45 -6.38
CA MET A 47 4.89 -6.73 -7.11
C MET A 47 6.12 -7.66 -6.90
N PRO A 48 7.37 -7.18 -6.77
CA PRO A 48 8.56 -8.03 -6.64
C PRO A 48 8.60 -8.95 -5.41
N PHE A 49 7.80 -8.68 -4.38
CA PHE A 49 7.85 -9.39 -3.08
C PHE A 49 6.79 -10.49 -2.94
N GLY A 50 5.85 -10.56 -3.89
CA GLY A 50 4.85 -11.64 -4.02
C GLY A 50 3.50 -11.20 -4.57
N ASN A 51 2.49 -12.04 -4.40
CA ASN A 51 1.15 -11.85 -4.94
C ASN A 51 0.38 -10.73 -4.19
N VAL A 52 0.39 -9.52 -4.76
CA VAL A 52 -0.35 -8.35 -4.24
C VAL A 52 -1.85 -8.51 -4.53
N VAL A 53 -2.68 -8.39 -3.49
CA VAL A 53 -4.15 -8.42 -3.52
C VAL A 53 -4.73 -7.02 -3.70
N SER A 54 -4.12 -6.00 -3.10
CA SER A 54 -4.56 -4.60 -3.15
C SER A 54 -3.37 -3.64 -3.04
N ALA A 55 -3.47 -2.49 -3.70
CA ALA A 55 -2.50 -1.39 -3.65
C ALA A 55 -3.25 -0.06 -3.85
N LYS A 56 -2.92 0.96 -3.05
CA LYS A 56 -3.71 2.20 -2.96
C LYS A 56 -2.84 3.39 -2.54
N VAL A 57 -3.03 4.56 -3.14
CA VAL A 57 -2.45 5.84 -2.72
C VAL A 57 -3.59 6.80 -2.39
N PHE A 58 -3.55 7.41 -1.21
CA PHE A 58 -4.60 8.30 -0.72
C PHE A 58 -4.42 9.71 -1.29
N ILE A 59 -5.52 10.39 -1.60
CA ILE A 59 -5.56 11.66 -2.35
C ILE A 59 -6.21 12.76 -1.52
N ASP A 60 -5.60 13.95 -1.48
CA ASP A 60 -6.13 15.13 -0.79
C ASP A 60 -7.25 15.78 -1.62
N LYS A 61 -8.42 15.97 -0.99
CA LYS A 61 -9.63 16.43 -1.68
C LYS A 61 -9.65 17.94 -2.02
N GLN A 62 -8.67 18.72 -1.57
CA GLN A 62 -8.55 20.15 -1.83
C GLN A 62 -7.57 20.47 -2.98
N THR A 63 -6.69 19.53 -3.36
CA THR A 63 -5.64 19.72 -4.37
C THR A 63 -5.60 18.63 -5.45
N ASN A 64 -6.24 17.48 -5.19
CA ASN A 64 -6.22 16.26 -6.02
C ASN A 64 -4.80 15.62 -6.12
N LEU A 65 -3.87 16.01 -5.24
CA LEU A 65 -2.51 15.46 -5.14
C LEU A 65 -2.50 14.27 -4.16
N SER A 66 -1.51 13.38 -4.30
CA SER A 66 -1.31 12.29 -3.35
C SER A 66 -0.80 12.80 -1.98
N LYS A 67 -1.24 12.15 -0.89
CA LYS A 67 -0.89 12.51 0.48
C LYS A 67 0.54 12.09 0.91
N CYS A 68 1.33 11.55 -0.03
CA CYS A 68 2.65 10.92 0.18
C CYS A 68 2.57 9.64 1.03
N PHE A 69 1.40 9.01 1.15
CA PHE A 69 1.23 7.72 1.83
C PHE A 69 0.12 6.88 1.18
N GLY A 70 0.22 5.57 1.40
CA GLY A 70 -0.57 4.53 0.74
C GLY A 70 -0.70 3.25 1.56
N PHE A 71 -1.37 2.27 0.99
CA PHE A 71 -1.66 0.95 1.56
C PHE A 71 -1.40 -0.15 0.51
N VAL A 72 -0.94 -1.32 0.95
CA VAL A 72 -0.71 -2.51 0.13
C VAL A 72 -1.10 -3.76 0.94
N SER A 73 -1.65 -4.79 0.30
CA SER A 73 -1.92 -6.07 0.96
C SER A 73 -1.69 -7.27 0.02
N TYR A 74 -1.24 -8.40 0.58
CA TYR A 74 -0.81 -9.61 -0.13
C TYR A 74 -1.70 -10.82 0.16
N ASP A 75 -1.55 -11.86 -0.67
CA ASP A 75 -2.19 -13.17 -0.47
C ASP A 75 -1.64 -13.94 0.75
N ASN A 76 -0.44 -13.57 1.25
CA ASN A 76 0.23 -14.21 2.38
C ASN A 76 1.03 -13.18 3.24
N PRO A 77 1.18 -13.40 4.56
CA PRO A 77 1.96 -12.52 5.45
C PRO A 77 3.46 -12.51 5.13
N VAL A 78 4.00 -13.60 4.58
CA VAL A 78 5.44 -13.74 4.29
C VAL A 78 5.83 -12.88 3.08
N SER A 79 4.98 -12.80 2.05
CA SER A 79 5.14 -11.89 0.91
C SER A 79 5.11 -10.41 1.35
N ALA A 80 4.29 -10.11 2.37
CA ALA A 80 4.17 -8.78 2.97
C ALA A 80 5.40 -8.42 3.81
N GLN A 81 5.85 -9.32 4.69
CA GLN A 81 7.05 -9.14 5.51
C GLN A 81 8.32 -8.98 4.65
N ALA A 82 8.39 -9.66 3.49
CA ALA A 82 9.47 -9.49 2.53
C ALA A 82 9.49 -8.08 1.90
N ALA A 83 8.32 -7.42 1.77
CA ALA A 83 8.22 -6.05 1.28
C ALA A 83 8.65 -5.04 2.36
N ILE A 84 8.26 -5.24 3.63
CA ILE A 84 8.73 -4.39 4.75
C ILE A 84 10.26 -4.44 4.83
N GLN A 85 10.85 -5.64 4.79
CA GLN A 85 12.29 -5.84 4.90
C GLN A 85 13.08 -5.36 3.67
N SER A 86 12.42 -5.09 2.53
CA SER A 86 13.06 -4.59 1.31
C SER A 86 12.87 -3.08 1.08
N MET A 87 11.75 -2.50 1.56
CA MET A 87 11.32 -1.13 1.22
C MET A 87 11.32 -0.15 2.39
N ASN A 88 11.32 -0.63 3.64
CA ASN A 88 11.45 0.26 4.79
C ASN A 88 12.90 0.80 4.87
N GLY A 89 13.05 2.12 4.63
CA GLY A 89 14.34 2.81 4.50
C GLY A 89 14.81 3.02 3.05
N PHE A 90 14.05 2.61 2.04
CA PHE A 90 14.41 2.74 0.62
C PHE A 90 14.50 4.21 0.20
N GLN A 91 15.67 4.66 -0.27
CA GLN A 91 15.86 6.03 -0.73
C GLN A 91 15.24 6.23 -2.12
N ILE A 92 14.46 7.29 -2.28
CA ILE A 92 13.79 7.66 -3.54
C ILE A 92 13.88 9.18 -3.73
N GLY A 93 14.92 9.61 -4.45
CA GLY A 93 15.30 11.03 -4.56
C GLY A 93 16.12 11.45 -3.34
N MET A 94 15.68 12.50 -2.63
CA MET A 94 16.38 13.11 -1.49
C MET A 94 15.86 12.66 -0.11
N LYS A 95 14.95 11.67 -0.08
CA LYS A 95 14.29 11.15 1.13
C LYS A 95 14.10 9.61 1.09
N ARG A 96 13.70 9.02 2.21
CA ARG A 96 13.55 7.56 2.39
C ARG A 96 12.10 7.17 2.74
N LEU A 97 11.62 6.08 2.13
CA LEU A 97 10.32 5.46 2.40
C LEU A 97 10.29 4.81 3.79
N LYS A 98 9.11 4.78 4.40
CA LYS A 98 8.81 3.99 5.61
C LYS A 98 7.68 3.00 5.29
N VAL A 99 7.73 1.78 5.82
CA VAL A 99 6.69 0.76 5.65
C VAL A 99 6.44 0.07 6.99
N GLN A 100 5.17 -0.11 7.35
CA GLN A 100 4.75 -0.72 8.62
C GLN A 100 3.50 -1.60 8.42
N LEU A 101 3.29 -2.54 9.34
CA LEU A 101 2.05 -3.32 9.43
C LEU A 101 0.84 -2.44 9.81
N LYS A 102 -0.36 -2.91 9.46
CA LYS A 102 -1.64 -2.31 9.88
C LYS A 102 -1.79 -2.26 11.41
N ARG A 103 -1.99 -1.05 11.95
CA ARG A 103 -2.34 -0.81 13.37
C ARG A 103 -3.84 -1.05 13.60
N SER A 104 -4.19 -1.70 14.70
CA SER A 104 -5.57 -2.05 15.08
C SER A 104 -5.67 -2.42 16.58
N LYS A 105 -6.88 -2.69 17.06
CA LYS A 105 -7.15 -3.12 18.45
C LYS A 105 -6.63 -4.56 18.73
N ASN A 106 -6.35 -4.84 20.01
CA ASN A 106 -5.85 -6.13 20.50
C ASN A 106 -6.47 -6.50 21.86
N ASP A 107 -6.48 -7.79 22.21
CA ASP A 107 -7.06 -8.33 23.44
C ASP A 107 -6.38 -9.63 23.91
N SER A 108 -5.89 -10.47 22.99
CA SER A 108 -5.07 -11.65 23.28
C SER A 108 -3.59 -11.31 23.60
N LYS A 109 -3.20 -10.03 23.49
CA LYS A 109 -1.86 -9.49 23.75
C LYS A 109 -1.94 -7.98 24.05
N SER A 110 -1.07 -7.46 24.91
CA SER A 110 -1.08 -6.07 25.40
C SER A 110 -0.46 -5.04 24.43
N GLY A 111 0.23 -5.48 23.37
CA GLY A 111 0.88 -4.62 22.38
C GLY A 111 1.78 -5.37 21.38
N PRO A 112 2.53 -4.65 20.53
CA PRO A 112 3.38 -5.25 19.49
C PRO A 112 4.69 -5.85 20.03
N SER A 113 5.06 -5.59 21.29
CA SER A 113 6.21 -6.18 22.02
C SER A 113 7.60 -5.75 21.49
N SER A 114 7.65 -4.84 20.52
CA SER A 114 8.87 -4.31 19.87
C SER A 114 8.56 -3.00 19.11
N GLY A 115 9.60 -2.20 18.83
CA GLY A 115 9.50 -0.90 18.15
C GLY A 115 10.86 -0.23 17.98
N GLY A 1 -23.81 -21.76 -3.16
CA GLY A 1 -24.39 -20.71 -4.02
C GLY A 1 -24.93 -21.31 -5.31
N SER A 2 -26.19 -21.05 -5.64
CA SER A 2 -26.93 -21.72 -6.73
C SER A 2 -26.41 -21.42 -8.15
N SER A 3 -25.63 -20.35 -8.33
CA SER A 3 -24.99 -19.97 -9.60
C SER A 3 -23.58 -20.56 -9.79
N GLY A 4 -23.00 -21.19 -8.76
CA GLY A 4 -21.63 -21.74 -8.74
C GLY A 4 -20.54 -20.68 -8.61
N SER A 5 -20.66 -19.57 -9.33
CA SER A 5 -19.74 -18.43 -9.34
C SER A 5 -20.39 -17.21 -10.03
N SER A 6 -19.95 -15.99 -9.70
CA SER A 6 -20.48 -14.73 -10.26
C SER A 6 -19.92 -14.40 -11.66
N GLY A 7 -19.00 -15.21 -12.20
CA GLY A 7 -18.32 -15.02 -13.49
C GLY A 7 -16.85 -14.63 -13.32
N LEU A 8 -16.25 -14.07 -14.38
CA LEU A 8 -14.81 -13.75 -14.44
C LEU A 8 -14.35 -12.76 -13.37
N THR A 9 -15.23 -11.85 -12.94
CA THR A 9 -15.01 -10.89 -11.84
C THR A 9 -14.91 -11.52 -10.45
N GLN A 10 -15.24 -12.82 -10.33
CA GLN A 10 -15.05 -13.63 -9.12
C GLN A 10 -13.66 -14.31 -9.10
N GLN A 11 -12.77 -13.99 -10.05
CA GLN A 11 -11.46 -14.62 -10.22
C GLN A 11 -10.39 -13.60 -10.63
N SER A 12 -10.63 -12.83 -11.69
CA SER A 12 -9.65 -11.94 -12.30
C SER A 12 -10.00 -10.47 -11.99
N ILE A 13 -9.18 -9.83 -11.13
CA ILE A 13 -9.44 -8.49 -10.56
C ILE A 13 -8.15 -7.66 -10.48
N GLY A 14 -8.27 -6.33 -10.52
CA GLY A 14 -7.16 -5.38 -10.40
C GLY A 14 -6.91 -4.97 -8.95
N ALA A 15 -5.65 -5.04 -8.50
CA ALA A 15 -5.24 -4.65 -7.15
C ALA A 15 -5.08 -3.12 -6.98
N ALA A 16 -4.58 -2.43 -8.01
CA ALA A 16 -4.43 -0.97 -8.04
C ALA A 16 -5.80 -0.28 -8.08
N GLY A 17 -6.06 0.57 -7.09
CA GLY A 17 -7.34 1.30 -6.94
C GLY A 17 -8.38 0.52 -6.13
N SER A 18 -8.07 -0.71 -5.71
CA SER A 18 -8.90 -1.50 -4.80
C SER A 18 -8.59 -1.15 -3.32
N GLN A 19 -9.37 -1.71 -2.40
CA GLN A 19 -9.23 -1.57 -0.95
C GLN A 19 -9.48 -2.90 -0.23
N LYS A 20 -9.22 -4.03 -0.90
CA LYS A 20 -9.20 -5.37 -0.29
C LYS A 20 -8.06 -5.56 0.72
N GLU A 21 -8.14 -6.59 1.55
CA GLU A 21 -7.06 -6.98 2.45
C GLU A 21 -7.04 -8.49 2.75
N GLY A 22 -5.84 -8.99 3.09
CA GLY A 22 -5.53 -10.40 3.33
C GLY A 22 -5.45 -10.76 4.83
N PRO A 23 -4.80 -11.89 5.17
CA PRO A 23 -4.74 -12.42 6.53
C PRO A 23 -3.85 -11.56 7.46
N GLU A 24 -3.89 -11.87 8.76
CA GLU A 24 -3.12 -11.16 9.79
C GLU A 24 -1.60 -11.20 9.49
N GLY A 25 -0.99 -10.02 9.38
CA GLY A 25 0.43 -9.85 9.03
C GLY A 25 0.70 -9.66 7.52
N ALA A 26 -0.32 -9.76 6.66
CA ALA A 26 -0.22 -9.57 5.21
C ALA A 26 -0.56 -8.15 4.71
N ASN A 27 -0.89 -7.23 5.62
CA ASN A 27 -1.44 -5.91 5.32
C ASN A 27 -0.49 -4.78 5.77
N LEU A 28 -0.12 -3.89 4.84
CA LEU A 28 0.94 -2.89 4.97
C LEU A 28 0.42 -1.47 4.71
N PHE A 29 0.91 -0.51 5.50
CA PHE A 29 0.77 0.92 5.28
C PHE A 29 2.14 1.50 4.93
N ILE A 30 2.17 2.32 3.89
CA ILE A 30 3.39 2.82 3.22
C ILE A 30 3.44 4.34 3.37
N TYR A 31 4.62 4.92 3.63
CA TYR A 31 4.80 6.34 3.93
C TYR A 31 6.07 6.94 3.29
N HIS A 32 6.09 8.28 3.19
CA HIS A 32 7.12 9.12 2.54
C HIS A 32 7.21 8.93 1.01
N LEU A 33 6.11 8.53 0.36
CA LEU A 33 6.04 8.29 -1.10
C LEU A 33 6.23 9.60 -1.92
N PRO A 34 6.69 9.51 -3.19
CA PRO A 34 6.73 10.66 -4.11
C PRO A 34 5.33 11.26 -4.33
N GLN A 35 5.26 12.58 -4.57
CA GLN A 35 3.98 13.27 -4.80
C GLN A 35 3.28 12.86 -6.12
N GLU A 36 4.02 12.28 -7.06
CA GLU A 36 3.55 11.90 -8.40
C GLU A 36 3.01 10.45 -8.50
N PHE A 37 3.21 9.64 -7.45
CA PHE A 37 2.82 8.24 -7.42
C PHE A 37 1.28 8.06 -7.42
N GLY A 38 0.81 7.13 -8.25
CA GLY A 38 -0.57 6.63 -8.26
C GLY A 38 -0.66 5.16 -7.83
N ASP A 39 -1.87 4.61 -7.88
CA ASP A 39 -2.16 3.25 -7.40
C ASP A 39 -1.41 2.16 -8.17
N GLN A 40 -1.15 2.38 -9.47
CA GLN A 40 -0.40 1.47 -10.32
C GLN A 40 1.12 1.57 -10.10
N ASP A 41 1.63 2.74 -9.71
CA ASP A 41 3.05 2.92 -9.37
C ASP A 41 3.38 2.21 -8.05
N LEU A 42 2.48 2.28 -7.07
CA LEU A 42 2.61 1.55 -5.80
C LEU A 42 2.43 0.04 -6.02
N LEU A 43 1.55 -0.40 -6.92
CA LEU A 43 1.43 -1.81 -7.30
C LEU A 43 2.73 -2.32 -7.93
N GLN A 44 3.29 -1.61 -8.92
CA GLN A 44 4.52 -2.01 -9.60
C GLN A 44 5.76 -1.94 -8.71
N MET A 45 5.74 -1.13 -7.64
CA MET A 45 6.77 -1.10 -6.60
C MET A 45 6.72 -2.32 -5.66
N PHE A 46 5.54 -2.94 -5.46
CA PHE A 46 5.32 -3.99 -4.46
C PHE A 46 5.03 -5.40 -5.03
N MET A 47 4.67 -5.53 -6.31
CA MET A 47 4.55 -6.82 -7.01
C MET A 47 5.82 -7.72 -6.95
N PRO A 48 7.06 -7.19 -6.95
CA PRO A 48 8.29 -8.00 -6.86
C PRO A 48 8.43 -8.90 -5.62
N PHE A 49 7.65 -8.67 -4.55
CA PHE A 49 7.76 -9.41 -3.28
C PHE A 49 6.73 -10.52 -3.11
N GLY A 50 5.73 -10.59 -3.99
CA GLY A 50 4.76 -11.70 -4.08
C GLY A 50 3.36 -11.29 -4.53
N ASN A 51 2.38 -12.15 -4.22
CA ASN A 51 0.99 -12.01 -4.69
C ASN A 51 0.24 -10.87 -3.97
N VAL A 52 0.26 -9.68 -4.57
CA VAL A 52 -0.46 -8.48 -4.09
C VAL A 52 -1.97 -8.65 -4.32
N VAL A 53 -2.74 -8.43 -3.26
CA VAL A 53 -4.21 -8.49 -3.20
C VAL A 53 -4.84 -7.11 -3.41
N SER A 54 -4.17 -6.04 -2.97
CA SER A 54 -4.64 -4.65 -3.12
C SER A 54 -3.46 -3.67 -3.04
N ALA A 55 -3.57 -2.52 -3.71
CA ALA A 55 -2.59 -1.43 -3.69
C ALA A 55 -3.29 -0.08 -3.93
N LYS A 56 -2.98 0.91 -3.10
CA LYS A 56 -3.66 2.21 -3.12
C LYS A 56 -2.76 3.34 -2.59
N VAL A 57 -2.68 4.46 -3.29
CA VAL A 57 -2.08 5.73 -2.83
C VAL A 57 -3.24 6.66 -2.47
N PHE A 58 -3.13 7.34 -1.33
CA PHE A 58 -4.10 8.37 -0.92
C PHE A 58 -3.74 9.69 -1.60
N ILE A 59 -4.72 10.31 -2.28
CA ILE A 59 -4.52 11.45 -3.19
C ILE A 59 -5.47 12.59 -2.80
N ASP A 60 -4.99 13.84 -2.87
CA ASP A 60 -5.78 15.04 -2.57
C ASP A 60 -6.59 15.50 -3.80
N LYS A 61 -7.90 15.67 -3.63
CA LYS A 61 -8.83 16.06 -4.70
C LYS A 61 -8.60 17.50 -5.25
N GLN A 62 -7.79 18.32 -4.58
CA GLN A 62 -7.47 19.70 -5.01
C GLN A 62 -6.32 19.75 -6.02
N THR A 63 -5.46 18.71 -6.08
CA THR A 63 -4.22 18.69 -6.88
C THR A 63 -4.01 17.42 -7.70
N ASN A 64 -4.70 16.33 -7.36
CA ASN A 64 -4.50 14.97 -7.91
C ASN A 64 -3.10 14.39 -7.60
N LEU A 65 -2.40 14.96 -6.59
CA LEU A 65 -1.10 14.49 -6.12
C LEU A 65 -1.24 13.55 -4.91
N SER A 66 -0.30 12.61 -4.79
CA SER A 66 -0.13 11.76 -3.62
C SER A 66 0.09 12.59 -2.35
N LYS A 67 -0.59 12.19 -1.27
CA LYS A 67 -0.37 12.71 0.09
C LYS A 67 0.93 12.19 0.75
N CYS A 68 1.73 11.43 -0.01
CA CYS A 68 2.98 10.75 0.37
C CYS A 68 2.75 9.51 1.25
N PHE A 69 1.54 8.94 1.26
CA PHE A 69 1.25 7.69 1.97
C PHE A 69 0.20 6.84 1.23
N GLY A 70 0.22 5.53 1.52
CA GLY A 70 -0.52 4.49 0.81
C GLY A 70 -0.74 3.22 1.63
N PHE A 71 -1.32 2.21 0.99
CA PHE A 71 -1.65 0.91 1.55
C PHE A 71 -1.40 -0.19 0.52
N VAL A 72 -0.94 -1.36 0.97
CA VAL A 72 -0.68 -2.55 0.14
C VAL A 72 -1.05 -3.80 0.94
N SER A 73 -1.65 -4.81 0.32
CA SER A 73 -1.98 -6.08 0.97
C SER A 73 -1.63 -7.30 0.10
N TYR A 74 -1.36 -8.44 0.73
CA TYR A 74 -0.92 -9.68 0.08
C TYR A 74 -1.79 -10.89 0.43
N ASP A 75 -1.64 -11.97 -0.35
CA ASP A 75 -2.25 -13.27 -0.08
C ASP A 75 -1.51 -14.06 1.04
N ASN A 76 -0.34 -13.60 1.47
CA ASN A 76 0.50 -14.25 2.50
C ASN A 76 1.24 -13.20 3.38
N PRO A 77 1.44 -13.46 4.68
CA PRO A 77 2.28 -12.63 5.56
C PRO A 77 3.76 -12.60 5.14
N VAL A 78 4.26 -13.68 4.53
CA VAL A 78 5.69 -13.84 4.18
C VAL A 78 6.06 -12.97 2.97
N SER A 79 5.21 -12.89 1.95
CA SER A 79 5.37 -11.96 0.80
C SER A 79 5.22 -10.50 1.22
N ALA A 80 4.39 -10.24 2.24
CA ALA A 80 4.24 -8.92 2.84
C ALA A 80 5.50 -8.51 3.63
N GLN A 81 6.02 -9.36 4.50
CA GLN A 81 7.27 -9.13 5.22
C GLN A 81 8.46 -8.94 4.27
N ALA A 82 8.53 -9.69 3.18
CA ALA A 82 9.55 -9.52 2.14
C ALA A 82 9.53 -8.11 1.52
N ALA A 83 8.38 -7.43 1.48
CA ALA A 83 8.27 -6.04 1.08
C ALA A 83 8.72 -5.08 2.20
N ILE A 84 8.32 -5.32 3.46
CA ILE A 84 8.75 -4.47 4.61
C ILE A 84 10.26 -4.46 4.73
N GLN A 85 10.90 -5.64 4.73
CA GLN A 85 12.34 -5.78 4.91
C GLN A 85 13.17 -5.32 3.69
N SER A 86 12.53 -5.11 2.54
CA SER A 86 13.18 -4.56 1.33
C SER A 86 12.95 -3.06 1.11
N MET A 87 11.80 -2.52 1.54
CA MET A 87 11.34 -1.16 1.20
C MET A 87 11.34 -0.18 2.38
N ASN A 88 11.33 -0.64 3.62
CA ASN A 88 11.45 0.23 4.79
C ASN A 88 12.88 0.81 4.85
N GLY A 89 13.02 2.11 4.62
CA GLY A 89 14.30 2.83 4.49
C GLY A 89 14.82 2.97 3.05
N PHE A 90 14.08 2.51 2.03
CA PHE A 90 14.46 2.61 0.62
C PHE A 90 14.56 4.07 0.15
N GLN A 91 15.72 4.47 -0.38
CA GLN A 91 15.92 5.85 -0.86
C GLN A 91 15.33 6.04 -2.25
N ILE A 92 14.55 7.12 -2.41
CA ILE A 92 13.85 7.48 -3.64
C ILE A 92 13.90 9.01 -3.80
N GLY A 93 14.68 9.48 -4.78
CA GLY A 93 15.03 10.90 -4.93
C GLY A 93 15.90 11.37 -3.75
N MET A 94 15.42 12.39 -3.04
CA MET A 94 16.12 13.05 -1.92
C MET A 94 15.60 12.63 -0.53
N LYS A 95 14.79 11.56 -0.45
CA LYS A 95 14.19 11.05 0.79
C LYS A 95 14.13 9.51 0.87
N ARG A 96 13.73 8.97 2.02
CA ARG A 96 13.65 7.52 2.29
C ARG A 96 12.24 7.11 2.72
N LEU A 97 11.74 6.02 2.13
CA LEU A 97 10.43 5.44 2.40
C LEU A 97 10.35 4.82 3.80
N LYS A 98 9.13 4.63 4.30
CA LYS A 98 8.83 3.88 5.52
C LYS A 98 7.66 2.91 5.26
N VAL A 99 7.69 1.72 5.86
CA VAL A 99 6.65 0.69 5.71
C VAL A 99 6.37 0.04 7.07
N GLN A 100 5.10 -0.15 7.41
CA GLN A 100 4.66 -0.77 8.67
C GLN A 100 3.47 -1.71 8.44
N LEU A 101 3.30 -2.69 9.33
CA LEU A 101 2.09 -3.52 9.40
C LEU A 101 0.87 -2.71 9.84
N LYS A 102 -0.32 -3.20 9.46
CA LYS A 102 -1.60 -2.69 9.96
C LYS A 102 -1.69 -2.81 11.49
N ARG A 103 -2.03 -1.69 12.16
CA ARG A 103 -2.27 -1.57 13.60
C ARG A 103 -0.99 -1.64 14.47
N SER A 104 0.19 -1.39 13.90
CA SER A 104 1.44 -1.23 14.67
C SER A 104 1.41 0.04 15.56
N LYS A 105 2.17 0.00 16.67
CA LYS A 105 2.26 1.07 17.69
C LYS A 105 3.71 1.31 18.14
N ASN A 106 3.99 2.50 18.67
CA ASN A 106 5.32 2.95 19.11
C ASN A 106 5.22 4.11 20.14
N ASP A 107 6.15 4.15 21.09
CA ASP A 107 6.25 5.15 22.16
C ASP A 107 7.69 5.25 22.70
N SER A 108 8.07 6.45 23.16
CA SER A 108 9.45 6.81 23.54
C SER A 108 9.65 7.07 25.06
N LYS A 109 8.64 6.87 25.91
CA LYS A 109 8.66 7.28 27.33
C LYS A 109 8.02 6.29 28.33
N SER A 110 7.14 5.38 27.89
CA SER A 110 6.53 4.34 28.74
C SER A 110 7.51 3.19 29.03
N GLY A 111 7.37 2.55 30.19
CA GLY A 111 8.21 1.42 30.64
C GLY A 111 7.61 0.62 31.80
N PRO A 112 8.28 -0.45 32.26
CA PRO A 112 7.82 -1.32 33.34
C PRO A 112 7.99 -0.67 34.72
N SER A 113 7.29 -1.20 35.72
CA SER A 113 7.34 -0.74 37.12
C SER A 113 8.61 -1.21 37.88
N SER A 114 9.52 -1.93 37.22
CA SER A 114 10.74 -2.50 37.80
C SER A 114 11.85 -1.47 38.12
N GLY A 115 11.69 -0.21 37.69
CA GLY A 115 12.63 0.89 37.93
C GLY A 115 12.17 2.22 37.32
N GLY A 1 -33.10 0.06 -10.40
CA GLY A 1 -32.49 -0.86 -9.42
C GLY A 1 -31.11 -1.32 -9.86
N SER A 2 -30.60 -2.39 -9.24
CA SER A 2 -29.27 -2.97 -9.52
C SER A 2 -29.16 -4.40 -8.97
N SER A 3 -28.34 -5.24 -9.61
CA SER A 3 -27.98 -6.58 -9.13
C SER A 3 -26.79 -6.59 -8.15
N GLY A 4 -26.15 -5.43 -7.93
CA GLY A 4 -24.93 -5.27 -7.12
C GLY A 4 -25.14 -5.33 -5.60
N SER A 5 -26.37 -5.50 -5.13
CA SER A 5 -26.74 -5.58 -3.70
C SER A 5 -26.33 -6.90 -3.01
N SER A 6 -25.78 -7.86 -3.75
CA SER A 6 -25.32 -9.18 -3.25
C SER A 6 -24.31 -9.82 -4.23
N GLY A 7 -23.60 -10.87 -3.78
CA GLY A 7 -22.60 -11.59 -4.58
C GLY A 7 -21.27 -10.83 -4.71
N LEU A 8 -20.68 -10.91 -5.90
CA LEU A 8 -19.37 -10.32 -6.25
C LEU A 8 -19.23 -10.13 -7.78
N THR A 9 -18.18 -9.40 -8.20
CA THR A 9 -17.87 -9.12 -9.61
C THR A 9 -16.77 -10.05 -10.14
N GLN A 10 -16.51 -9.98 -11.45
CA GLN A 10 -15.37 -10.60 -12.11
C GLN A 10 -14.26 -9.55 -12.37
N GLN A 11 -14.31 -8.37 -11.72
CA GLN A 11 -13.47 -7.21 -12.01
C GLN A 11 -12.70 -6.69 -10.78
N SER A 12 -13.10 -7.04 -9.56
CA SER A 12 -12.47 -6.57 -8.30
C SER A 12 -11.15 -7.27 -7.94
N ILE A 13 -10.69 -8.19 -8.79
CA ILE A 13 -9.44 -8.96 -8.63
C ILE A 13 -8.16 -8.16 -8.90
N GLY A 14 -8.29 -6.95 -9.45
CA GLY A 14 -7.19 -6.00 -9.66
C GLY A 14 -6.75 -5.34 -8.35
N ALA A 15 -5.49 -4.91 -8.28
CA ALA A 15 -4.87 -4.40 -7.05
C ALA A 15 -4.77 -2.86 -6.98
N ALA A 16 -4.27 -2.19 -8.02
CA ALA A 16 -4.10 -0.74 -8.06
C ALA A 16 -5.45 -0.01 -8.02
N GLY A 17 -5.64 0.82 -7.00
CA GLY A 17 -6.87 1.56 -6.72
C GLY A 17 -7.86 0.79 -5.84
N SER A 18 -7.59 -0.48 -5.53
CA SER A 18 -8.46 -1.33 -4.72
C SER A 18 -8.26 -1.13 -3.21
N GLN A 19 -9.28 -1.49 -2.42
CA GLN A 19 -9.34 -1.29 -0.96
C GLN A 19 -9.69 -2.58 -0.21
N LYS A 20 -9.61 -3.75 -0.87
CA LYS A 20 -9.65 -5.07 -0.21
C LYS A 20 -8.38 -5.28 0.64
N GLU A 21 -8.29 -6.40 1.35
CA GLU A 21 -7.06 -6.86 1.99
C GLU A 21 -7.04 -8.37 2.19
N GLY A 22 -5.83 -8.93 2.33
CA GLY A 22 -5.57 -10.35 2.57
C GLY A 22 -5.69 -10.75 4.05
N PRO A 23 -5.07 -11.87 4.47
CA PRO A 23 -5.12 -12.35 5.85
C PRO A 23 -4.40 -11.38 6.80
N GLU A 24 -4.70 -11.47 8.10
CA GLU A 24 -4.12 -10.59 9.12
C GLU A 24 -2.58 -10.77 9.20
N GLY A 25 -1.84 -9.68 9.01
CA GLY A 25 -0.38 -9.66 8.91
C GLY A 25 0.13 -9.54 7.45
N ALA A 26 -0.75 -9.66 6.47
CA ALA A 26 -0.47 -9.44 5.04
C ALA A 26 -0.84 -8.02 4.58
N ASN A 27 -0.96 -7.06 5.51
CA ASN A 27 -1.54 -5.73 5.29
C ASN A 27 -0.55 -4.64 5.74
N LEU A 28 -0.15 -3.77 4.82
CA LEU A 28 0.94 -2.79 4.96
C LEU A 28 0.48 -1.37 4.68
N PHE A 29 0.98 -0.43 5.48
CA PHE A 29 0.89 1.02 5.24
C PHE A 29 2.29 1.57 4.95
N ILE A 30 2.38 2.39 3.90
CA ILE A 30 3.62 2.91 3.32
C ILE A 30 3.59 4.44 3.44
N TYR A 31 4.70 5.05 3.84
CA TYR A 31 4.82 6.48 4.13
C TYR A 31 6.08 7.11 3.49
N HIS A 32 6.07 8.43 3.35
CA HIS A 32 7.10 9.27 2.72
C HIS A 32 7.22 9.05 1.18
N LEU A 33 6.10 8.70 0.52
CA LEU A 33 6.03 8.52 -0.93
C LEU A 33 6.22 9.86 -1.68
N PRO A 34 6.68 9.85 -2.94
CA PRO A 34 6.68 11.03 -3.81
C PRO A 34 5.28 11.63 -3.98
N GLN A 35 5.20 12.94 -4.22
CA GLN A 35 3.94 13.67 -4.41
C GLN A 35 3.23 13.34 -5.74
N GLU A 36 3.95 12.72 -6.67
CA GLU A 36 3.51 12.36 -8.03
C GLU A 36 3.16 10.87 -8.21
N PHE A 37 3.37 10.07 -7.17
CA PHE A 37 3.12 8.62 -7.15
C PHE A 37 1.61 8.30 -7.27
N GLY A 38 1.27 7.33 -8.12
CA GLY A 38 -0.08 6.77 -8.27
C GLY A 38 -0.17 5.32 -7.79
N ASP A 39 -1.38 4.75 -7.90
CA ASP A 39 -1.69 3.40 -7.41
C ASP A 39 -0.93 2.30 -8.17
N GLN A 40 -0.67 2.52 -9.47
CA GLN A 40 0.15 1.62 -10.30
C GLN A 40 1.64 1.72 -9.97
N ASP A 41 2.12 2.92 -9.63
CA ASP A 41 3.52 3.12 -9.21
C ASP A 41 3.81 2.39 -7.90
N LEU A 42 2.88 2.44 -6.94
CA LEU A 42 2.99 1.69 -5.69
C LEU A 42 2.82 0.18 -5.91
N LEU A 43 1.87 -0.25 -6.74
CA LEU A 43 1.68 -1.67 -7.09
C LEU A 43 2.95 -2.27 -7.70
N GLN A 44 3.47 -1.66 -8.77
CA GLN A 44 4.55 -2.25 -9.56
C GLN A 44 5.92 -2.15 -8.86
N MET A 45 6.04 -1.30 -7.83
CA MET A 45 7.19 -1.26 -6.93
C MET A 45 7.13 -2.34 -5.83
N PHE A 46 5.95 -2.88 -5.53
CA PHE A 46 5.70 -3.90 -4.50
C PHE A 46 5.44 -5.33 -5.06
N MET A 47 5.16 -5.47 -6.36
CA MET A 47 5.12 -6.74 -7.09
C MET A 47 6.34 -7.68 -6.87
N PRO A 48 7.60 -7.19 -6.76
CA PRO A 48 8.78 -8.05 -6.60
C PRO A 48 8.81 -8.94 -5.34
N PHE A 49 7.98 -8.64 -4.33
CA PHE A 49 8.00 -9.32 -3.02
C PHE A 49 6.91 -10.40 -2.89
N GLY A 50 5.99 -10.46 -3.87
CA GLY A 50 4.98 -11.53 -4.02
C GLY A 50 3.67 -11.07 -4.64
N ASN A 51 2.65 -11.92 -4.55
CA ASN A 51 1.33 -11.71 -5.14
C ASN A 51 0.48 -10.68 -4.36
N VAL A 52 0.49 -9.44 -4.83
CA VAL A 52 -0.27 -8.30 -4.29
C VAL A 52 -1.78 -8.46 -4.60
N VAL A 53 -2.61 -8.27 -3.59
CA VAL A 53 -4.10 -8.29 -3.64
C VAL A 53 -4.69 -6.88 -3.80
N SER A 54 -4.05 -5.87 -3.19
CA SER A 54 -4.47 -4.46 -3.23
C SER A 54 -3.27 -3.53 -3.10
N ALA A 55 -3.33 -2.37 -3.74
CA ALA A 55 -2.33 -1.30 -3.68
C ALA A 55 -3.02 0.06 -3.93
N LYS A 56 -2.71 1.07 -3.13
CA LYS A 56 -3.45 2.32 -3.09
C LYS A 56 -2.57 3.50 -2.60
N VAL A 57 -2.66 4.65 -3.24
CA VAL A 57 -2.07 5.92 -2.79
C VAL A 57 -3.21 6.87 -2.43
N PHE A 58 -3.13 7.50 -1.27
CA PHE A 58 -4.10 8.51 -0.83
C PHE A 58 -3.80 9.85 -1.51
N ILE A 59 -4.80 10.43 -2.18
CA ILE A 59 -4.66 11.59 -3.08
C ILE A 59 -5.71 12.66 -2.73
N ASP A 60 -5.32 13.93 -2.80
CA ASP A 60 -6.20 15.07 -2.54
C ASP A 60 -6.98 15.50 -3.80
N LYS A 61 -8.30 15.65 -3.68
CA LYS A 61 -9.19 16.02 -4.79
C LYS A 61 -8.99 17.45 -5.33
N GLN A 62 -8.25 18.31 -4.63
CA GLN A 62 -7.98 19.70 -5.04
C GLN A 62 -6.77 19.82 -5.99
N THR A 63 -5.88 18.81 -6.02
CA THR A 63 -4.60 18.85 -6.75
C THR A 63 -4.31 17.59 -7.56
N ASN A 64 -4.95 16.46 -7.22
CA ASN A 64 -4.68 15.12 -7.75
C ASN A 64 -3.25 14.61 -7.42
N LEU A 65 -2.60 15.21 -6.40
CA LEU A 65 -1.28 14.81 -5.91
C LEU A 65 -1.39 13.82 -4.74
N SER A 66 -0.40 12.94 -4.63
CA SER A 66 -0.21 12.05 -3.48
C SER A 66 -0.02 12.84 -2.18
N LYS A 67 -0.70 12.37 -1.12
CA LYS A 67 -0.51 12.84 0.25
C LYS A 67 0.78 12.30 0.93
N CYS A 68 1.62 11.60 0.16
CA CYS A 68 2.90 11.00 0.53
C CYS A 68 2.74 9.71 1.37
N PHE A 69 1.57 9.07 1.33
CA PHE A 69 1.32 7.80 2.00
C PHE A 69 0.29 6.94 1.25
N GLY A 70 0.32 5.63 1.52
CA GLY A 70 -0.42 4.60 0.81
C GLY A 70 -0.59 3.31 1.61
N PHE A 71 -1.23 2.32 0.98
CA PHE A 71 -1.55 1.01 1.53
C PHE A 71 -1.28 -0.08 0.48
N VAL A 72 -0.83 -1.25 0.93
CA VAL A 72 -0.59 -2.44 0.08
C VAL A 72 -0.98 -3.69 0.88
N SER A 73 -1.55 -4.71 0.23
CA SER A 73 -1.84 -6.00 0.88
C SER A 73 -1.62 -7.19 -0.07
N TYR A 74 -1.16 -8.31 0.48
CA TYR A 74 -0.79 -9.54 -0.24
C TYR A 74 -1.71 -10.72 0.10
N ASP A 75 -1.62 -11.80 -0.67
CA ASP A 75 -2.33 -13.06 -0.40
C ASP A 75 -1.79 -13.81 0.83
N ASN A 76 -0.57 -13.47 1.30
CA ASN A 76 0.11 -14.12 2.44
C ASN A 76 0.93 -13.12 3.27
N PRO A 77 1.08 -13.34 4.60
CA PRO A 77 1.90 -12.49 5.48
C PRO A 77 3.39 -12.51 5.14
N VAL A 78 3.90 -13.59 4.56
CA VAL A 78 5.33 -13.77 4.24
C VAL A 78 5.73 -12.89 3.04
N SER A 79 4.88 -12.78 2.02
CA SER A 79 5.07 -11.86 0.89
C SER A 79 5.06 -10.39 1.35
N ALA A 80 4.26 -10.09 2.38
CA ALA A 80 4.15 -8.77 2.99
C ALA A 80 5.37 -8.43 3.84
N GLN A 81 5.81 -9.34 4.72
CA GLN A 81 7.02 -9.19 5.53
C GLN A 81 8.29 -9.03 4.67
N ALA A 82 8.36 -9.71 3.52
CA ALA A 82 9.44 -9.54 2.54
C ALA A 82 9.47 -8.14 1.93
N ALA A 83 8.31 -7.46 1.81
CA ALA A 83 8.23 -6.09 1.34
C ALA A 83 8.69 -5.10 2.42
N ILE A 84 8.30 -5.29 3.68
CA ILE A 84 8.77 -4.44 4.80
C ILE A 84 10.30 -4.49 4.89
N GLN A 85 10.88 -5.70 4.83
CA GLN A 85 12.33 -5.91 4.92
C GLN A 85 13.10 -5.41 3.69
N SER A 86 12.43 -5.12 2.58
CA SER A 86 13.04 -4.60 1.34
C SER A 86 12.81 -3.10 1.12
N MET A 87 11.71 -2.53 1.65
CA MET A 87 11.23 -1.18 1.33
C MET A 87 11.27 -0.19 2.50
N ASN A 88 11.32 -0.65 3.74
CA ASN A 88 11.47 0.24 4.90
C ASN A 88 12.89 0.86 4.92
N GLY A 89 12.99 2.17 4.65
CA GLY A 89 14.24 2.91 4.47
C GLY A 89 14.70 3.04 3.01
N PHE A 90 13.93 2.53 2.03
CA PHE A 90 14.27 2.58 0.59
C PHE A 90 14.38 4.02 0.08
N GLN A 91 15.52 4.39 -0.50
CA GLN A 91 15.73 5.73 -1.06
C GLN A 91 15.05 5.84 -2.43
N ILE A 92 14.29 6.91 -2.62
CA ILE A 92 13.51 7.20 -3.84
C ILE A 92 13.71 8.67 -4.21
N GLY A 93 14.78 8.93 -4.97
CA GLY A 93 15.26 10.29 -5.26
C GLY A 93 15.97 10.89 -4.05
N MET A 94 15.44 11.98 -3.51
CA MET A 94 16.03 12.78 -2.42
C MET A 94 15.42 12.48 -1.03
N LYS A 95 14.65 11.40 -0.91
CA LYS A 95 13.95 10.98 0.33
C LYS A 95 14.00 9.45 0.54
N ARG A 96 13.64 8.98 1.74
CA ARG A 96 13.55 7.54 2.09
C ARG A 96 12.14 7.18 2.60
N LEU A 97 11.64 6.03 2.16
CA LEU A 97 10.33 5.48 2.55
C LEU A 97 10.33 4.90 3.97
N LYS A 98 9.14 4.73 4.53
CA LYS A 98 8.87 3.97 5.76
C LYS A 98 7.69 3.01 5.50
N VAL A 99 7.73 1.79 6.04
CA VAL A 99 6.70 0.76 5.83
C VAL A 99 6.42 0.03 7.15
N GLN A 100 5.15 -0.24 7.43
CA GLN A 100 4.69 -0.81 8.70
C GLN A 100 3.45 -1.71 8.48
N LEU A 101 3.28 -2.73 9.34
CA LEU A 101 2.06 -3.52 9.42
C LEU A 101 0.86 -2.67 9.87
N LYS A 102 -0.35 -3.14 9.52
CA LYS A 102 -1.62 -2.60 10.02
C LYS A 102 -1.82 -2.80 11.54
N ARG A 103 -1.21 -3.83 12.12
CA ARG A 103 -1.36 -4.26 13.53
C ARG A 103 -0.21 -5.20 13.94
N SER A 104 0.12 -5.23 15.23
CA SER A 104 1.14 -6.10 15.83
C SER A 104 0.73 -6.54 17.25
N LYS A 105 1.29 -7.66 17.74
CA LYS A 105 0.85 -8.34 18.97
C LYS A 105 1.82 -8.23 20.17
N ASN A 106 2.99 -7.61 19.97
CA ASN A 106 4.00 -7.35 21.00
C ASN A 106 5.01 -6.27 20.56
N ASP A 107 5.57 -5.55 21.54
CA ASP A 107 6.55 -4.45 21.37
C ASP A 107 7.86 -4.70 22.15
N SER A 108 8.01 -5.89 22.75
CA SER A 108 9.13 -6.31 23.60
C SER A 108 9.39 -7.82 23.48
N LYS A 109 10.62 -8.23 23.84
CA LYS A 109 11.14 -9.62 23.88
C LYS A 109 11.48 -10.20 22.49
N SER A 110 12.66 -10.81 22.38
CA SER A 110 13.23 -11.38 21.14
C SER A 110 14.14 -12.58 21.45
N GLY A 111 14.26 -13.54 20.53
CA GLY A 111 15.11 -14.73 20.68
C GLY A 111 14.45 -15.83 21.53
N PRO A 112 15.21 -16.54 22.39
CA PRO A 112 14.70 -17.65 23.20
C PRO A 112 13.88 -17.16 24.40
N SER A 113 13.30 -18.09 25.17
CA SER A 113 12.53 -17.79 26.39
C SER A 113 13.35 -17.05 27.47
N SER A 114 14.68 -17.23 27.47
CA SER A 114 15.62 -16.57 28.39
C SER A 114 16.10 -15.18 27.91
N GLY A 115 15.66 -14.74 26.71
CA GLY A 115 16.00 -13.44 26.09
C GLY A 115 15.36 -12.24 26.78
N GLY A 1 -1.57 30.34 -2.60
CA GLY A 1 -2.38 29.56 -3.57
C GLY A 1 -1.63 28.35 -4.11
N SER A 2 -2.15 27.75 -5.19
CA SER A 2 -1.59 26.55 -5.84
C SER A 2 -2.17 26.37 -7.26
N SER A 3 -1.47 25.63 -8.12
CA SER A 3 -1.98 25.18 -9.42
C SER A 3 -2.85 23.91 -9.33
N GLY A 4 -2.87 23.24 -8.18
CA GLY A 4 -3.75 22.10 -7.86
C GLY A 4 -5.08 22.55 -7.26
N SER A 5 -6.13 21.76 -7.49
CA SER A 5 -7.49 22.02 -6.97
C SER A 5 -8.43 20.81 -7.15
N SER A 6 -8.45 20.20 -8.33
CA SER A 6 -9.38 19.14 -8.74
C SER A 6 -8.90 18.41 -10.02
N GLY A 7 -9.54 17.27 -10.34
CA GLY A 7 -9.26 16.50 -11.56
C GLY A 7 -10.16 15.27 -11.72
N LEU A 8 -10.18 14.72 -12.95
CA LEU A 8 -10.98 13.55 -13.34
C LEU A 8 -10.06 12.46 -13.92
N THR A 9 -10.45 11.19 -13.73
CA THR A 9 -9.73 9.98 -14.16
C THR A 9 -10.71 8.89 -14.59
N GLN A 10 -10.34 8.10 -15.60
CA GLN A 10 -11.16 7.02 -16.16
C GLN A 10 -10.26 5.82 -16.49
N GLN A 11 -10.10 4.91 -15.52
CA GLN A 11 -9.25 3.72 -15.60
C GLN A 11 -9.61 2.73 -14.49
N SER A 12 -9.51 1.43 -14.77
CA SER A 12 -9.77 0.34 -13.82
C SER A 12 -9.10 -0.96 -14.32
N ILE A 13 -8.16 -1.49 -13.53
CA ILE A 13 -7.25 -2.59 -13.94
C ILE A 13 -7.06 -3.69 -12.86
N GLY A 14 -7.64 -3.52 -11.68
CA GLY A 14 -7.51 -4.43 -10.53
C GLY A 14 -6.25 -4.16 -9.70
N ALA A 15 -6.37 -4.32 -8.37
CA ALA A 15 -5.37 -4.13 -7.32
C ALA A 15 -4.95 -2.66 -7.13
N ALA A 16 -4.52 -1.96 -8.18
CA ALA A 16 -4.22 -0.53 -8.19
C ALA A 16 -5.52 0.28 -8.03
N GLY A 17 -5.64 0.97 -6.90
CA GLY A 17 -6.83 1.75 -6.51
C GLY A 17 -7.88 0.92 -5.77
N SER A 18 -7.68 -0.40 -5.65
CA SER A 18 -8.52 -1.31 -4.88
C SER A 18 -8.22 -1.20 -3.37
N GLN A 19 -9.17 -1.63 -2.52
CA GLN A 19 -9.08 -1.51 -1.06
C GLN A 19 -9.44 -2.84 -0.36
N LYS A 20 -9.21 -3.98 -1.02
CA LYS A 20 -9.25 -5.29 -0.37
C LYS A 20 -8.02 -5.47 0.54
N GLU A 21 -8.02 -6.55 1.33
CA GLU A 21 -6.84 -6.98 2.08
C GLU A 21 -6.86 -8.48 2.40
N GLY A 22 -5.67 -9.02 2.62
CA GLY A 22 -5.41 -10.44 2.89
C GLY A 22 -5.50 -10.82 4.38
N PRO A 23 -4.86 -11.94 4.79
CA PRO A 23 -4.88 -12.42 6.18
C PRO A 23 -4.10 -11.46 7.11
N GLU A 24 -4.27 -11.62 8.42
CA GLU A 24 -3.61 -10.77 9.42
C GLU A 24 -2.07 -10.90 9.32
N GLY A 25 -1.39 -9.75 9.17
CA GLY A 25 0.06 -9.66 8.94
C GLY A 25 0.46 -9.55 7.47
N ALA A 26 -0.50 -9.68 6.54
CA ALA A 26 -0.33 -9.47 5.11
C ALA A 26 -0.76 -8.06 4.66
N ASN A 27 -0.87 -7.10 5.59
CA ASN A 27 -1.50 -5.79 5.39
C ASN A 27 -0.52 -4.68 5.83
N LEU A 28 -0.16 -3.79 4.90
CA LEU A 28 0.91 -2.80 5.02
C LEU A 28 0.43 -1.37 4.76
N PHE A 29 0.82 -0.45 5.63
CA PHE A 29 0.67 1.00 5.43
C PHE A 29 2.05 1.58 5.08
N ILE A 30 2.07 2.44 4.06
CA ILE A 30 3.27 2.96 3.40
C ILE A 30 3.31 4.48 3.59
N TYR A 31 4.47 5.06 3.89
CA TYR A 31 4.64 6.50 4.17
C TYR A 31 5.88 7.09 3.50
N HIS A 32 5.92 8.41 3.37
CA HIS A 32 7.01 9.21 2.77
C HIS A 32 7.21 8.89 1.27
N LEU A 33 6.12 8.60 0.54
CA LEU A 33 6.11 8.32 -0.90
C LEU A 33 6.41 9.59 -1.73
N PRO A 34 6.87 9.44 -3.00
CA PRO A 34 6.96 10.56 -3.92
C PRO A 34 5.60 11.22 -4.15
N GLN A 35 5.58 12.54 -4.29
CA GLN A 35 4.38 13.33 -4.63
C GLN A 35 3.88 13.10 -6.06
N GLU A 36 4.67 12.39 -6.88
CA GLU A 36 4.34 12.00 -8.24
C GLU A 36 3.82 10.55 -8.37
N PHE A 37 3.91 9.75 -7.30
CA PHE A 37 3.55 8.33 -7.26
C PHE A 37 2.02 8.13 -7.23
N GLY A 38 1.51 7.23 -8.08
CA GLY A 38 0.13 6.76 -8.10
C GLY A 38 -0.02 5.29 -7.72
N ASP A 39 -1.25 4.78 -7.86
CA ASP A 39 -1.63 3.44 -7.40
C ASP A 39 -0.94 2.31 -8.18
N GLN A 40 -0.70 2.52 -9.48
CA GLN A 40 -0.01 1.55 -10.34
C GLN A 40 1.50 1.57 -10.13
N ASP A 41 2.07 2.73 -9.77
CA ASP A 41 3.49 2.85 -9.41
C ASP A 41 3.77 2.10 -8.09
N LEU A 42 2.88 2.26 -7.10
CA LEU A 42 2.95 1.52 -5.84
C LEU A 42 2.75 0.02 -6.04
N LEU A 43 1.77 -0.39 -6.87
CA LEU A 43 1.53 -1.79 -7.21
C LEU A 43 2.77 -2.42 -7.84
N GLN A 44 3.31 -1.82 -8.90
CA GLN A 44 4.42 -2.42 -9.65
C GLN A 44 5.77 -2.36 -8.91
N MET A 45 5.92 -1.46 -7.92
CA MET A 45 7.08 -1.45 -7.02
C MET A 45 7.00 -2.54 -5.93
N PHE A 46 5.80 -3.04 -5.61
CA PHE A 46 5.55 -4.05 -4.58
C PHE A 46 5.31 -5.47 -5.14
N MET A 47 5.00 -5.61 -6.43
CA MET A 47 4.97 -6.89 -7.16
C MET A 47 6.19 -7.83 -6.95
N PRO A 48 7.46 -7.34 -6.84
CA PRO A 48 8.64 -8.21 -6.69
C PRO A 48 8.67 -9.07 -5.42
N PHE A 49 7.86 -8.75 -4.40
CA PHE A 49 7.88 -9.42 -3.09
C PHE A 49 6.78 -10.49 -2.95
N GLY A 50 5.85 -10.55 -3.91
CA GLY A 50 4.83 -11.61 -4.04
C GLY A 50 3.49 -11.13 -4.60
N ASN A 51 2.46 -11.97 -4.43
CA ASN A 51 1.12 -11.73 -4.97
C ASN A 51 0.38 -10.61 -4.22
N VAL A 52 0.35 -9.40 -4.79
CA VAL A 52 -0.35 -8.22 -4.25
C VAL A 52 -1.87 -8.36 -4.51
N VAL A 53 -2.66 -8.22 -3.45
CA VAL A 53 -4.14 -8.24 -3.44
C VAL A 53 -4.72 -6.85 -3.72
N SER A 54 -4.07 -5.79 -3.23
CA SER A 54 -4.47 -4.38 -3.40
C SER A 54 -3.29 -3.45 -3.11
N ALA A 55 -3.27 -2.28 -3.75
CA ALA A 55 -2.26 -1.22 -3.59
C ALA A 55 -2.88 0.14 -3.95
N LYS A 56 -2.67 1.15 -3.11
CA LYS A 56 -3.31 2.46 -3.26
C LYS A 56 -2.50 3.60 -2.61
N VAL A 57 -2.58 4.80 -3.20
CA VAL A 57 -2.00 6.06 -2.70
C VAL A 57 -3.15 7.04 -2.47
N PHE A 58 -3.20 7.66 -1.29
CA PHE A 58 -4.30 8.55 -0.89
C PHE A 58 -4.08 9.97 -1.44
N ILE A 59 -5.19 10.63 -1.82
CA ILE A 59 -5.21 11.90 -2.57
C ILE A 59 -5.96 12.97 -1.77
N ASP A 60 -5.42 14.18 -1.70
CA ASP A 60 -6.02 15.31 -0.99
C ASP A 60 -7.10 16.01 -1.86
N LYS A 61 -8.32 16.12 -1.33
CA LYS A 61 -9.47 16.70 -2.03
C LYS A 61 -9.38 18.22 -2.26
N GLN A 62 -8.37 18.90 -1.68
CA GLN A 62 -8.14 20.34 -1.84
C GLN A 62 -7.20 20.67 -3.02
N THR A 63 -6.44 19.69 -3.53
CA THR A 63 -5.39 19.91 -4.55
C THR A 63 -5.36 18.86 -5.66
N ASN A 64 -5.95 17.68 -5.44
CA ASN A 64 -5.86 16.48 -6.30
C ASN A 64 -4.44 15.87 -6.34
N LEU A 65 -3.56 16.25 -5.40
CA LEU A 65 -2.19 15.74 -5.26
C LEU A 65 -2.16 14.59 -4.22
N SER A 66 -1.18 13.71 -4.31
CA SER A 66 -1.02 12.61 -3.34
C SER A 66 -0.50 13.11 -1.98
N LYS A 67 -0.95 12.44 -0.91
CA LYS A 67 -0.61 12.77 0.49
C LYS A 67 0.77 12.25 0.94
N CYS A 68 1.53 11.61 0.03
CA CYS A 68 2.79 10.90 0.29
C CYS A 68 2.63 9.68 1.23
N PHE A 69 1.41 9.12 1.35
CA PHE A 69 1.16 7.87 2.08
C PHE A 69 0.10 7.02 1.36
N GLY A 70 0.16 5.71 1.62
CA GLY A 70 -0.59 4.66 0.92
C GLY A 70 -0.77 3.38 1.73
N PHE A 71 -1.31 2.36 1.06
CA PHE A 71 -1.59 1.03 1.62
C PHE A 71 -1.32 -0.05 0.56
N VAL A 72 -0.87 -1.24 1.00
CA VAL A 72 -0.64 -2.43 0.16
C VAL A 72 -1.03 -3.68 0.96
N SER A 73 -1.55 -4.72 0.31
CA SER A 73 -1.81 -6.02 0.95
C SER A 73 -1.54 -7.21 0.02
N TYR A 74 -1.18 -8.36 0.60
CA TYR A 74 -0.74 -9.56 -0.11
C TYR A 74 -1.62 -10.79 0.19
N ASP A 75 -1.49 -11.83 -0.64
CA ASP A 75 -2.11 -13.13 -0.45
C ASP A 75 -1.55 -13.91 0.77
N ASN A 76 -0.36 -13.54 1.26
CA ASN A 76 0.32 -14.18 2.39
C ASN A 76 1.12 -13.16 3.25
N PRO A 77 1.29 -13.41 4.57
CA PRO A 77 2.08 -12.55 5.47
C PRO A 77 3.57 -12.51 5.12
N VAL A 78 4.11 -13.59 4.56
CA VAL A 78 5.55 -13.72 4.25
C VAL A 78 5.93 -12.87 3.04
N SER A 79 5.06 -12.78 2.03
CA SER A 79 5.20 -11.86 0.88
C SER A 79 5.18 -10.39 1.34
N ALA A 80 4.36 -10.10 2.36
CA ALA A 80 4.25 -8.78 2.97
C ALA A 80 5.49 -8.42 3.81
N GLN A 81 5.95 -9.33 4.67
CA GLN A 81 7.16 -9.14 5.48
C GLN A 81 8.42 -8.95 4.61
N ALA A 82 8.49 -9.64 3.46
CA ALA A 82 9.55 -9.44 2.46
C ALA A 82 9.53 -8.04 1.84
N ALA A 83 8.35 -7.41 1.72
CA ALA A 83 8.21 -6.04 1.24
C ALA A 83 8.65 -5.03 2.33
N ILE A 84 8.27 -5.23 3.59
CA ILE A 84 8.73 -4.35 4.70
C ILE A 84 10.26 -4.33 4.78
N GLN A 85 10.89 -5.51 4.71
CA GLN A 85 12.35 -5.66 4.78
C GLN A 85 13.08 -5.12 3.54
N SER A 86 12.39 -4.88 2.43
CA SER A 86 12.96 -4.35 1.19
C SER A 86 12.64 -2.86 0.93
N MET A 87 11.56 -2.34 1.52
CA MET A 87 11.01 -1.00 1.24
C MET A 87 11.11 -0.03 2.41
N ASN A 88 11.22 -0.50 3.66
CA ASN A 88 11.38 0.38 4.82
C ASN A 88 12.78 1.02 4.83
N GLY A 89 12.84 2.35 4.64
CA GLY A 89 14.07 3.14 4.48
C GLY A 89 14.60 3.23 3.06
N PHE A 90 13.89 2.67 2.06
CA PHE A 90 14.27 2.68 0.65
C PHE A 90 14.33 4.11 0.09
N GLN A 91 15.46 4.50 -0.51
CA GLN A 91 15.65 5.86 -1.04
C GLN A 91 15.08 5.96 -2.47
N ILE A 92 14.28 6.99 -2.71
CA ILE A 92 13.48 7.18 -3.93
C ILE A 92 13.32 8.69 -4.22
N GLY A 93 13.66 9.12 -5.44
CA GLY A 93 13.69 10.54 -5.80
C GLY A 93 14.77 11.30 -5.02
N MET A 94 14.35 11.99 -3.96
CA MET A 94 15.19 12.74 -3.00
C MET A 94 14.78 12.49 -1.54
N LYS A 95 14.04 11.41 -1.26
CA LYS A 95 13.49 11.06 0.07
C LYS A 95 13.63 9.55 0.38
N ARG A 96 13.24 9.12 1.59
CA ARG A 96 13.26 7.70 2.00
C ARG A 96 11.89 7.25 2.52
N LEU A 97 11.43 6.09 2.05
CA LEU A 97 10.16 5.46 2.42
C LEU A 97 10.16 4.97 3.88
N LYS A 98 8.97 4.71 4.40
CA LYS A 98 8.72 3.99 5.66
C LYS A 98 7.53 3.04 5.49
N VAL A 99 7.56 1.85 6.07
CA VAL A 99 6.51 0.82 5.92
C VAL A 99 6.23 0.16 7.28
N GLN A 100 4.96 -0.11 7.57
CA GLN A 100 4.52 -0.69 8.84
C GLN A 100 3.33 -1.65 8.62
N LEU A 101 3.24 -2.69 9.45
CA LEU A 101 2.04 -3.55 9.54
C LEU A 101 0.81 -2.78 10.03
N LYS A 102 -0.37 -3.29 9.67
CA LYS A 102 -1.66 -2.86 10.20
C LYS A 102 -1.78 -3.18 11.72
N ARG A 103 -2.32 -2.24 12.50
CA ARG A 103 -2.33 -2.28 13.98
C ARG A 103 -3.11 -3.47 14.56
N SER A 104 -4.27 -3.79 13.98
CA SER A 104 -5.17 -4.87 14.43
C SER A 104 -6.26 -5.13 13.37
N LYS A 105 -7.00 -6.25 13.49
CA LYS A 105 -8.12 -6.62 12.61
C LYS A 105 -9.32 -7.14 13.44
N ASN A 106 -10.46 -6.45 13.32
CA ASN A 106 -11.74 -6.87 13.92
C ASN A 106 -12.52 -7.88 13.04
N ASP A 107 -12.18 -7.98 11.75
CA ASP A 107 -12.69 -8.96 10.79
C ASP A 107 -11.91 -10.29 10.91
N SER A 108 -12.49 -11.24 11.65
CA SER A 108 -11.87 -12.54 11.97
C SER A 108 -12.89 -13.53 12.55
N LYS A 109 -12.67 -14.83 12.34
CA LYS A 109 -13.47 -15.95 12.86
C LYS A 109 -12.66 -17.26 12.86
N SER A 110 -13.00 -18.20 13.74
CA SER A 110 -12.43 -19.56 13.79
C SER A 110 -12.87 -20.50 12.64
N GLY A 111 -13.85 -20.08 11.81
CA GLY A 111 -14.34 -20.81 10.63
C GLY A 111 -15.77 -21.34 10.83
N PRO A 112 -15.97 -22.66 10.99
CA PRO A 112 -17.30 -23.28 11.09
C PRO A 112 -17.99 -22.98 12.44
N SER A 113 -19.27 -23.33 12.52
CA SER A 113 -20.13 -23.16 13.72
C SER A 113 -21.07 -24.36 13.90
N SER A 114 -21.35 -24.75 15.14
CA SER A 114 -22.10 -25.98 15.48
C SER A 114 -23.63 -25.90 15.28
N GLY A 115 -24.16 -24.72 14.94
CA GLY A 115 -25.60 -24.46 14.74
C GLY A 115 -25.88 -23.04 14.23
N GLY A 1 -23.60 7.85 2.78
CA GLY A 1 -22.59 8.93 2.79
C GLY A 1 -22.96 10.03 1.80
N SER A 2 -22.05 10.99 1.58
CA SER A 2 -22.25 12.12 0.65
C SER A 2 -22.21 11.71 -0.83
N SER A 3 -21.70 10.51 -1.15
CA SER A 3 -21.71 9.89 -2.48
C SER A 3 -23.01 9.11 -2.79
N GLY A 4 -23.94 9.01 -1.83
CA GLY A 4 -25.21 8.30 -1.95
C GLY A 4 -25.47 7.29 -0.83
N SER A 5 -26.62 6.62 -0.88
CA SER A 5 -27.15 5.72 0.17
C SER A 5 -27.23 4.24 -0.27
N SER A 6 -26.78 3.91 -1.48
CA SER A 6 -26.86 2.56 -2.08
C SER A 6 -25.88 2.38 -3.26
N GLY A 7 -25.67 1.14 -3.71
CA GLY A 7 -24.79 0.78 -4.83
C GLY A 7 -25.17 -0.54 -5.50
N LEU A 8 -24.52 -0.82 -6.64
CA LEU A 8 -24.81 -1.98 -7.51
C LEU A 8 -23.59 -2.48 -8.32
N THR A 9 -22.38 -2.07 -7.93
CA THR A 9 -21.09 -2.30 -8.61
C THR A 9 -19.98 -2.59 -7.60
N GLN A 10 -18.82 -3.01 -8.07
CA GLN A 10 -17.64 -3.36 -7.26
C GLN A 10 -16.35 -3.09 -8.05
N GLN A 11 -15.33 -2.55 -7.39
CA GLN A 11 -14.10 -2.04 -8.02
C GLN A 11 -12.88 -2.97 -7.80
N SER A 12 -13.08 -4.17 -7.27
CA SER A 12 -12.02 -5.13 -6.90
C SER A 12 -11.40 -5.90 -8.10
N ILE A 13 -11.77 -5.54 -9.33
CA ILE A 13 -11.35 -6.21 -10.57
C ILE A 13 -9.89 -5.92 -10.98
N GLY A 14 -9.26 -4.92 -10.35
CA GLY A 14 -7.84 -4.61 -10.42
C GLY A 14 -7.29 -4.23 -9.05
N ALA A 15 -6.03 -4.57 -8.77
CA ALA A 15 -5.40 -4.33 -7.47
C ALA A 15 -5.13 -2.84 -7.19
N ALA A 16 -4.78 -2.06 -8.23
CA ALA A 16 -4.49 -0.62 -8.13
C ALA A 16 -5.77 0.19 -7.88
N GLY A 17 -5.79 0.92 -6.76
CA GLY A 17 -6.90 1.77 -6.29
C GLY A 17 -7.92 1.03 -5.43
N SER A 18 -7.76 -0.27 -5.23
CA SER A 18 -8.65 -1.12 -4.44
C SER A 18 -8.47 -0.91 -2.92
N GLN A 19 -9.50 -1.22 -2.14
CA GLN A 19 -9.53 -1.08 -0.67
C GLN A 19 -9.73 -2.44 0.04
N LYS A 20 -9.66 -3.56 -0.68
CA LYS A 20 -9.60 -4.90 -0.09
C LYS A 20 -8.30 -5.12 0.72
N GLU A 21 -8.29 -6.18 1.54
CA GLU A 21 -7.12 -6.61 2.31
C GLU A 21 -7.09 -8.12 2.54
N GLY A 22 -5.93 -8.64 2.93
CA GLY A 22 -5.64 -10.06 3.14
C GLY A 22 -5.62 -10.47 4.62
N PRO A 23 -5.00 -11.63 4.95
CA PRO A 23 -5.00 -12.20 6.29
C PRO A 23 -4.07 -11.46 7.26
N GLU A 24 -4.04 -11.92 8.52
CA GLU A 24 -3.21 -11.37 9.59
C GLU A 24 -1.72 -11.32 9.20
N GLY A 25 -1.12 -10.12 9.26
CA GLY A 25 0.29 -9.87 8.93
C GLY A 25 0.55 -9.57 7.46
N ALA A 26 -0.47 -9.66 6.58
CA ALA A 26 -0.33 -9.46 5.14
C ALA A 26 -0.61 -8.01 4.66
N ASN A 27 -1.01 -7.12 5.58
CA ASN A 27 -1.54 -5.79 5.25
C ASN A 27 -0.60 -4.68 5.74
N LEU A 28 -0.19 -3.79 4.82
CA LEU A 28 0.88 -2.79 4.99
C LEU A 28 0.41 -1.36 4.69
N PHE A 29 0.90 -0.41 5.48
CA PHE A 29 0.79 1.03 5.25
C PHE A 29 2.19 1.59 4.92
N ILE A 30 2.26 2.43 3.89
CA ILE A 30 3.49 2.94 3.29
C ILE A 30 3.48 4.48 3.39
N TYR A 31 4.59 5.09 3.77
CA TYR A 31 4.75 6.53 3.99
C TYR A 31 6.02 7.11 3.35
N HIS A 32 6.02 8.43 3.13
CA HIS A 32 7.07 9.25 2.51
C HIS A 32 7.24 9.01 0.99
N LEU A 33 6.17 8.61 0.30
CA LEU A 33 6.16 8.36 -1.15
C LEU A 33 6.37 9.66 -1.96
N PRO A 34 6.88 9.58 -3.21
CA PRO A 34 6.90 10.73 -4.13
C PRO A 34 5.49 11.27 -4.39
N GLN A 35 5.37 12.57 -4.66
CA GLN A 35 4.10 13.26 -4.94
C GLN A 35 3.46 12.87 -6.29
N GLU A 36 4.23 12.17 -7.13
CA GLU A 36 3.85 11.71 -8.47
C GLU A 36 3.61 10.19 -8.56
N PHE A 37 3.90 9.46 -7.48
CA PHE A 37 3.70 8.00 -7.36
C PHE A 37 2.21 7.68 -7.21
N GLY A 38 1.63 6.96 -8.18
CA GLY A 38 0.21 6.55 -8.17
C GLY A 38 -0.01 5.12 -7.69
N ASP A 39 -1.27 4.69 -7.75
CA ASP A 39 -1.71 3.37 -7.30
C ASP A 39 -1.06 2.22 -8.11
N GLN A 40 -0.83 2.44 -9.40
CA GLN A 40 -0.15 1.48 -10.29
C GLN A 40 1.37 1.49 -10.09
N ASP A 41 1.96 2.62 -9.71
CA ASP A 41 3.40 2.71 -9.41
C ASP A 41 3.72 1.99 -8.09
N LEU A 42 2.86 2.16 -7.08
CA LEU A 42 2.96 1.44 -5.81
C LEU A 42 2.74 -0.07 -6.01
N LEU A 43 1.76 -0.46 -6.84
CA LEU A 43 1.54 -1.87 -7.20
C LEU A 43 2.77 -2.46 -7.89
N GLN A 44 3.33 -1.80 -8.91
CA GLN A 44 4.47 -2.31 -9.67
C GLN A 44 5.79 -2.28 -8.87
N MET A 45 5.90 -1.47 -7.82
CA MET A 45 7.04 -1.50 -6.89
C MET A 45 6.92 -2.59 -5.81
N PHE A 46 5.70 -3.08 -5.52
CA PHE A 46 5.44 -4.06 -4.46
C PHE A 46 5.13 -5.50 -4.97
N MET A 47 4.67 -5.68 -6.21
CA MET A 47 4.54 -6.99 -6.85
C MET A 47 5.84 -7.84 -6.89
N PRO A 48 7.06 -7.27 -7.00
CA PRO A 48 8.32 -8.02 -6.90
C PRO A 48 8.53 -8.82 -5.61
N PHE A 49 7.81 -8.50 -4.52
CA PHE A 49 7.93 -9.20 -3.23
C PHE A 49 6.90 -10.33 -3.05
N GLY A 50 5.89 -10.39 -3.92
CA GLY A 50 4.93 -11.50 -4.03
C GLY A 50 3.51 -11.10 -4.42
N ASN A 51 2.56 -11.96 -4.09
CA ASN A 51 1.17 -11.88 -4.57
C ASN A 51 0.37 -10.75 -3.88
N VAL A 52 0.50 -9.53 -4.39
CA VAL A 52 -0.31 -8.35 -4.00
C VAL A 52 -1.77 -8.56 -4.41
N VAL A 53 -2.68 -8.40 -3.46
CA VAL A 53 -4.15 -8.46 -3.63
C VAL A 53 -4.73 -7.07 -3.94
N SER A 54 -4.16 -6.02 -3.35
CA SER A 54 -4.62 -4.61 -3.48
C SER A 54 -3.49 -3.64 -3.13
N ALA A 55 -3.46 -2.48 -3.78
CA ALA A 55 -2.48 -1.41 -3.58
C ALA A 55 -3.10 -0.04 -3.92
N LYS A 56 -2.80 1.00 -3.13
CA LYS A 56 -3.47 2.30 -3.22
C LYS A 56 -2.60 3.47 -2.71
N VAL A 57 -2.79 4.66 -3.27
CA VAL A 57 -2.17 5.92 -2.86
C VAL A 57 -3.26 6.98 -2.73
N PHE A 58 -3.20 7.80 -1.68
CA PHE A 58 -4.17 8.84 -1.40
C PHE A 58 -3.80 10.16 -2.12
N ILE A 59 -4.78 10.80 -2.75
CA ILE A 59 -4.59 11.94 -3.68
C ILE A 59 -5.30 13.19 -3.15
N ASP A 60 -4.68 14.36 -3.27
CA ASP A 60 -5.27 15.65 -2.89
C ASP A 60 -6.09 16.26 -4.05
N LYS A 61 -7.36 16.61 -3.77
CA LYS A 61 -8.29 17.17 -4.75
C LYS A 61 -7.87 18.57 -5.29
N GLN A 62 -6.99 19.29 -4.60
CA GLN A 62 -6.56 20.64 -4.98
C GLN A 62 -5.49 20.63 -6.08
N THR A 63 -4.74 19.53 -6.24
CA THR A 63 -3.56 19.44 -7.12
C THR A 63 -3.53 18.17 -7.99
N ASN A 64 -4.32 17.15 -7.65
CA ASN A 64 -4.29 15.81 -8.23
C ASN A 64 -2.96 15.07 -7.95
N LEU A 65 -2.17 15.55 -6.99
CA LEU A 65 -0.89 14.95 -6.56
C LEU A 65 -1.09 14.04 -5.33
N SER A 66 -0.18 13.10 -5.15
CA SER A 66 -0.21 12.12 -4.08
C SER A 66 0.24 12.72 -2.74
N LYS A 67 -0.45 12.37 -1.65
CA LYS A 67 -0.23 12.89 -0.29
C LYS A 67 1.00 12.31 0.42
N CYS A 68 1.84 11.55 -0.31
CA CYS A 68 3.06 10.87 0.14
C CYS A 68 2.80 9.65 1.04
N PHE A 69 1.58 9.09 1.06
CA PHE A 69 1.28 7.86 1.80
C PHE A 69 0.24 6.99 1.06
N GLY A 70 0.29 5.69 1.35
CA GLY A 70 -0.44 4.63 0.67
C GLY A 70 -0.59 3.35 1.50
N PHE A 71 -1.11 2.31 0.86
CA PHE A 71 -1.54 1.05 1.47
C PHE A 71 -1.35 -0.10 0.47
N VAL A 72 -0.92 -1.28 0.93
CA VAL A 72 -0.69 -2.48 0.11
C VAL A 72 -1.02 -3.73 0.92
N SER A 73 -1.72 -4.70 0.33
CA SER A 73 -2.08 -5.96 0.99
C SER A 73 -1.82 -7.18 0.09
N TYR A 74 -1.32 -8.26 0.69
CA TYR A 74 -0.92 -9.51 0.02
C TYR A 74 -1.86 -10.68 0.34
N ASP A 75 -1.71 -11.77 -0.40
CA ASP A 75 -2.33 -13.08 -0.15
C ASP A 75 -1.88 -13.73 1.19
N ASN A 76 -0.73 -13.31 1.72
CA ASN A 76 -0.05 -13.93 2.87
C ASN A 76 0.97 -12.98 3.53
N PRO A 77 1.31 -13.20 4.81
CA PRO A 77 2.35 -12.44 5.50
C PRO A 77 3.77 -12.71 4.98
N VAL A 78 4.02 -13.79 4.23
CA VAL A 78 5.39 -14.12 3.77
C VAL A 78 5.83 -13.13 2.68
N SER A 79 4.94 -12.84 1.73
CA SER A 79 5.17 -11.84 0.67
C SER A 79 5.17 -10.41 1.23
N ALA A 80 4.41 -10.16 2.30
CA ALA A 80 4.29 -8.86 2.95
C ALA A 80 5.53 -8.50 3.78
N GLN A 81 6.03 -9.42 4.62
CA GLN A 81 7.25 -9.23 5.39
C GLN A 81 8.48 -9.05 4.49
N ALA A 82 8.51 -9.70 3.32
CA ALA A 82 9.53 -9.48 2.30
C ALA A 82 9.51 -8.07 1.72
N ALA A 83 8.34 -7.42 1.67
CA ALA A 83 8.20 -6.03 1.23
C ALA A 83 8.66 -5.06 2.31
N ILE A 84 8.28 -5.27 3.58
CA ILE A 84 8.73 -4.41 4.71
C ILE A 84 10.27 -4.40 4.79
N GLN A 85 10.89 -5.58 4.69
CA GLN A 85 12.36 -5.72 4.75
C GLN A 85 13.09 -5.17 3.51
N SER A 86 12.38 -4.91 2.40
CA SER A 86 12.95 -4.35 1.16
C SER A 86 12.64 -2.86 0.94
N MET A 87 11.57 -2.34 1.55
CA MET A 87 11.03 -1.00 1.29
C MET A 87 11.14 -0.05 2.49
N ASN A 88 11.22 -0.55 3.72
CA ASN A 88 11.40 0.32 4.90
C ASN A 88 12.84 0.88 4.92
N GLY A 89 12.96 2.20 4.73
CA GLY A 89 14.24 2.93 4.57
C GLY A 89 14.73 3.05 3.12
N PHE A 90 13.98 2.56 2.14
CA PHE A 90 14.35 2.61 0.71
C PHE A 90 14.43 4.05 0.20
N GLN A 91 15.54 4.43 -0.43
CA GLN A 91 15.76 5.79 -0.91
C GLN A 91 15.16 5.97 -2.31
N ILE A 92 14.37 7.04 -2.49
CA ILE A 92 13.59 7.33 -3.69
C ILE A 92 13.44 8.85 -3.87
N GLY A 93 13.71 9.36 -5.08
CA GLY A 93 13.72 10.80 -5.37
C GLY A 93 14.90 11.50 -4.67
N MET A 94 14.62 12.05 -3.48
CA MET A 94 15.59 12.72 -2.59
C MET A 94 15.35 12.39 -1.10
N LYS A 95 14.58 11.34 -0.80
CA LYS A 95 14.12 10.98 0.55
C LYS A 95 14.03 9.44 0.76
N ARG A 96 13.67 8.99 1.95
CA ARG A 96 13.60 7.56 2.32
C ARG A 96 12.20 7.17 2.82
N LEU A 97 11.68 6.05 2.31
CA LEU A 97 10.35 5.51 2.62
C LEU A 97 10.28 4.92 4.04
N LYS A 98 9.06 4.75 4.54
CA LYS A 98 8.74 3.98 5.75
C LYS A 98 7.58 3.01 5.45
N VAL A 99 7.63 1.78 5.95
CA VAL A 99 6.59 0.76 5.74
C VAL A 99 6.36 -0.01 7.04
N GLN A 100 5.10 -0.23 7.42
CA GLN A 100 4.71 -0.93 8.64
C GLN A 100 3.41 -1.73 8.46
N LEU A 101 3.22 -2.72 9.34
CA LEU A 101 1.99 -3.50 9.43
C LEU A 101 0.78 -2.68 9.90
N LYS A 102 -0.41 -3.10 9.48
CA LYS A 102 -1.69 -2.61 10.01
C LYS A 102 -1.79 -2.85 11.54
N ARG A 103 -2.31 -1.86 12.28
CA ARG A 103 -2.41 -1.93 13.75
C ARG A 103 -3.29 -3.11 14.21
N SER A 104 -2.88 -3.75 15.31
CA SER A 104 -3.49 -4.95 15.90
C SER A 104 -2.97 -5.12 17.35
N LYS A 105 -3.47 -6.11 18.10
CA LYS A 105 -3.06 -6.36 19.50
C LYS A 105 -1.56 -6.69 19.65
N ASN A 106 -0.90 -7.11 18.58
CA ASN A 106 0.54 -7.38 18.48
C ASN A 106 1.39 -6.11 18.17
N ASP A 107 0.76 -5.01 17.73
CA ASP A 107 1.46 -3.83 17.16
C ASP A 107 0.96 -2.48 17.72
N SER A 108 -0.14 -2.45 18.47
CA SER A 108 -0.63 -1.28 19.21
C SER A 108 0.11 -1.17 20.56
N LYS A 109 1.32 -0.60 20.55
CA LYS A 109 2.28 -0.61 21.66
C LYS A 109 2.87 0.78 21.97
N SER A 110 3.40 0.94 23.18
CA SER A 110 4.05 2.17 23.68
C SER A 110 5.50 2.34 23.18
N GLY A 111 6.11 3.50 23.47
CA GLY A 111 7.48 3.85 23.07
C GLY A 111 8.58 3.17 23.92
N PRO A 112 9.87 3.41 23.58
CA PRO A 112 11.01 2.73 24.20
C PRO A 112 11.39 3.27 25.59
N SER A 113 10.81 4.38 26.05
CA SER A 113 11.05 5.00 27.36
C SER A 113 9.92 5.96 27.78
N SER A 114 9.83 6.30 29.06
CA SER A 114 8.70 7.07 29.64
C SER A 114 9.11 8.04 30.78
N GLY A 115 10.42 8.20 31.04
CA GLY A 115 10.97 9.07 32.09
C GLY A 115 12.50 9.00 32.17
N GLY A 1 -14.21 -23.50 -2.47
CA GLY A 1 -15.20 -24.02 -3.43
C GLY A 1 -15.31 -23.12 -4.66
N SER A 2 -15.66 -23.69 -5.81
CA SER A 2 -15.65 -23.00 -7.12
C SER A 2 -16.69 -21.89 -7.29
N SER A 3 -17.67 -21.79 -6.38
CA SER A 3 -18.64 -20.69 -6.30
C SER A 3 -18.09 -19.41 -5.65
N GLY A 4 -16.89 -19.46 -5.04
CA GLY A 4 -16.35 -18.39 -4.20
C GLY A 4 -17.16 -18.14 -2.92
N SER A 5 -18.01 -19.10 -2.55
CA SER A 5 -19.04 -19.01 -1.48
C SER A 5 -20.25 -18.12 -1.87
N SER A 6 -20.35 -17.71 -3.15
CA SER A 6 -21.42 -16.89 -3.72
C SER A 6 -21.43 -15.42 -3.20
N GLY A 7 -22.51 -14.68 -3.47
CA GLY A 7 -22.67 -13.26 -3.13
C GLY A 7 -22.18 -12.30 -4.22
N LEU A 8 -22.24 -11.00 -3.93
CA LEU A 8 -21.86 -9.92 -4.86
C LEU A 8 -20.33 -9.71 -4.85
N THR A 9 -19.72 -9.66 -6.04
CA THR A 9 -18.25 -9.58 -6.27
C THR A 9 -17.88 -8.54 -7.33
N GLN A 10 -18.68 -7.47 -7.44
CA GLN A 10 -18.66 -6.46 -8.51
C GLN A 10 -17.30 -5.76 -8.75
N GLN A 11 -16.37 -5.82 -7.78
CA GLN A 11 -15.08 -5.13 -7.82
C GLN A 11 -13.95 -5.93 -7.15
N SER A 12 -14.18 -7.22 -6.84
CA SER A 12 -13.20 -8.06 -6.13
C SER A 12 -12.00 -8.50 -6.99
N ILE A 13 -12.04 -8.14 -8.28
CA ILE A 13 -11.07 -8.47 -9.33
C ILE A 13 -9.98 -7.40 -9.53
N GLY A 14 -10.16 -6.21 -8.92
CA GLY A 14 -9.22 -5.08 -8.98
C GLY A 14 -8.14 -5.15 -7.91
N ALA A 15 -7.22 -4.18 -7.93
CA ALA A 15 -6.13 -4.04 -6.96
C ALA A 15 -5.61 -2.59 -6.87
N ALA A 16 -5.11 -2.03 -7.98
CA ALA A 16 -4.69 -0.64 -8.06
C ALA A 16 -5.89 0.31 -7.88
N GLY A 17 -5.87 1.09 -6.79
CA GLY A 17 -6.92 2.03 -6.40
C GLY A 17 -8.02 1.39 -5.56
N SER A 18 -7.94 0.09 -5.27
CA SER A 18 -8.90 -0.63 -4.43
C SER A 18 -8.39 -0.78 -2.98
N GLN A 19 -9.26 -1.25 -2.09
CA GLN A 19 -9.01 -1.34 -0.64
C GLN A 19 -9.41 -2.72 -0.09
N LYS A 20 -9.26 -3.77 -0.91
CA LYS A 20 -9.35 -5.16 -0.46
C LYS A 20 -8.17 -5.51 0.47
N GLU A 21 -8.26 -6.62 1.21
CA GLU A 21 -7.14 -7.06 2.03
C GLU A 21 -7.12 -8.56 2.36
N GLY A 22 -5.94 -9.05 2.77
CA GLY A 22 -5.64 -10.45 3.06
C GLY A 22 -5.58 -10.76 4.57
N PRO A 23 -4.92 -11.88 4.97
CA PRO A 23 -4.91 -12.38 6.34
C PRO A 23 -4.07 -11.49 7.28
N GLU A 24 -4.15 -11.79 8.59
CA GLU A 24 -3.42 -11.07 9.64
C GLU A 24 -1.90 -11.12 9.41
N GLY A 25 -1.28 -9.93 9.32
CA GLY A 25 0.15 -9.76 9.02
C GLY A 25 0.49 -9.59 7.54
N ALA A 26 -0.51 -9.69 6.63
CA ALA A 26 -0.34 -9.52 5.19
C ALA A 26 -0.65 -8.10 4.67
N ASN A 27 -1.01 -7.17 5.56
CA ASN A 27 -1.56 -5.85 5.21
C ASN A 27 -0.64 -4.72 5.71
N LEU A 28 -0.20 -3.85 4.79
CA LEU A 28 0.86 -2.85 4.96
C LEU A 28 0.38 -1.42 4.66
N PHE A 29 0.97 -0.46 5.39
CA PHE A 29 0.87 0.98 5.13
C PHE A 29 2.27 1.53 4.84
N ILE A 30 2.35 2.36 3.80
CA ILE A 30 3.59 2.88 3.20
C ILE A 30 3.57 4.40 3.32
N TYR A 31 4.69 5.01 3.69
CA TYR A 31 4.83 6.45 3.94
C TYR A 31 6.09 7.05 3.29
N HIS A 32 6.09 8.38 3.15
CA HIS A 32 7.13 9.22 2.52
C HIS A 32 7.28 9.00 1.00
N LEU A 33 6.20 8.58 0.32
CA LEU A 33 6.15 8.39 -1.14
C LEU A 33 6.34 9.71 -1.91
N PRO A 34 6.76 9.68 -3.19
CA PRO A 34 6.75 10.85 -4.07
C PRO A 34 5.32 11.41 -4.24
N GLN A 35 5.19 12.73 -4.40
CA GLN A 35 3.89 13.41 -4.56
C GLN A 35 3.17 13.12 -5.90
N GLU A 36 3.87 12.44 -6.82
CA GLU A 36 3.40 12.04 -8.16
C GLU A 36 3.16 10.53 -8.31
N PHE A 37 3.54 9.73 -7.32
CA PHE A 37 3.42 8.27 -7.30
C PHE A 37 1.93 7.86 -7.22
N GLY A 38 1.45 7.05 -8.17
CA GLY A 38 0.06 6.58 -8.24
C GLY A 38 -0.12 5.14 -7.78
N ASP A 39 -1.36 4.66 -7.91
CA ASP A 39 -1.77 3.34 -7.42
C ASP A 39 -1.10 2.19 -8.18
N GLN A 40 -0.89 2.36 -9.49
CA GLN A 40 -0.19 1.40 -10.35
C GLN A 40 1.33 1.47 -10.14
N ASP A 41 1.88 2.62 -9.75
CA ASP A 41 3.30 2.76 -9.42
C ASP A 41 3.62 2.03 -8.10
N LEU A 42 2.75 2.16 -7.09
CA LEU A 42 2.85 1.43 -5.83
C LEU A 42 2.64 -0.08 -6.04
N LEU A 43 1.73 -0.49 -6.94
CA LEU A 43 1.56 -1.90 -7.32
C LEU A 43 2.83 -2.46 -7.95
N GLN A 44 3.39 -1.78 -8.97
CA GLN A 44 4.62 -2.21 -9.64
C GLN A 44 5.84 -2.21 -8.71
N MET A 45 5.85 -1.35 -7.68
CA MET A 45 6.89 -1.31 -6.65
C MET A 45 6.82 -2.51 -5.68
N PHE A 46 5.63 -3.07 -5.43
CA PHE A 46 5.40 -4.09 -4.40
C PHE A 46 5.11 -5.51 -4.94
N MET A 47 4.72 -5.68 -6.20
CA MET A 47 4.60 -6.98 -6.86
C MET A 47 5.87 -7.87 -6.83
N PRO A 48 7.12 -7.34 -6.86
CA PRO A 48 8.34 -8.13 -6.76
C PRO A 48 8.50 -8.98 -5.49
N PHE A 49 7.72 -8.74 -4.42
CA PHE A 49 7.82 -9.45 -3.14
C PHE A 49 6.75 -10.55 -2.97
N GLY A 50 5.78 -10.61 -3.88
CA GLY A 50 4.78 -11.69 -3.98
C GLY A 50 3.40 -11.24 -4.46
N ASN A 51 2.39 -12.08 -4.25
CA ASN A 51 1.04 -11.88 -4.77
C ASN A 51 0.30 -10.75 -4.03
N VAL A 52 0.42 -9.52 -4.54
CA VAL A 52 -0.33 -8.34 -4.08
C VAL A 52 -1.83 -8.52 -4.38
N VAL A 53 -2.65 -8.32 -3.35
CA VAL A 53 -4.12 -8.38 -3.37
C VAL A 53 -4.72 -7.00 -3.66
N SER A 54 -4.12 -5.92 -3.15
CA SER A 54 -4.58 -4.54 -3.36
C SER A 54 -3.44 -3.54 -3.13
N ALA A 55 -3.48 -2.37 -3.78
CA ALA A 55 -2.47 -1.32 -3.68
C ALA A 55 -3.07 0.06 -4.00
N LYS A 56 -2.79 1.07 -3.18
CA LYS A 56 -3.41 2.39 -3.29
C LYS A 56 -2.54 3.52 -2.72
N VAL A 57 -2.64 4.71 -3.30
CA VAL A 57 -2.02 5.96 -2.83
C VAL A 57 -3.14 7.00 -2.66
N PHE A 58 -3.16 7.68 -1.51
CA PHE A 58 -4.20 8.65 -1.17
C PHE A 58 -3.89 10.02 -1.76
N ILE A 59 -4.92 10.72 -2.27
CA ILE A 59 -4.80 11.94 -3.09
C ILE A 59 -5.47 13.13 -2.39
N ASP A 60 -4.82 14.29 -2.41
CA ASP A 60 -5.34 15.55 -1.85
C ASP A 60 -6.33 16.24 -2.81
N LYS A 61 -7.51 16.58 -2.30
CA LYS A 61 -8.62 17.15 -3.08
C LYS A 61 -8.38 18.58 -3.60
N GLN A 62 -7.38 19.31 -3.08
CA GLN A 62 -7.11 20.71 -3.43
C GLN A 62 -6.01 20.86 -4.49
N THR A 63 -5.19 19.82 -4.73
CA THR A 63 -4.04 19.84 -5.65
C THR A 63 -3.99 18.66 -6.63
N ASN A 64 -4.75 17.59 -6.36
CA ASN A 64 -4.72 16.31 -7.09
C ASN A 64 -3.36 15.57 -6.98
N LEU A 65 -2.50 15.98 -6.03
CA LEU A 65 -1.22 15.35 -5.72
C LEU A 65 -1.39 14.24 -4.68
N SER A 66 -0.47 13.27 -4.69
CA SER A 66 -0.43 12.19 -3.71
C SER A 66 0.07 12.69 -2.35
N LYS A 67 -0.60 12.30 -1.26
CA LYS A 67 -0.33 12.74 0.13
C LYS A 67 0.97 12.18 0.74
N CYS A 68 1.80 11.52 -0.07
CA CYS A 68 3.04 10.81 0.30
C CYS A 68 2.79 9.55 1.16
N PHE A 69 1.57 9.00 1.19
CA PHE A 69 1.27 7.75 1.89
C PHE A 69 0.22 6.90 1.16
N GLY A 70 0.27 5.59 1.41
CA GLY A 70 -0.49 4.56 0.72
C GLY A 70 -0.64 3.26 1.52
N PHE A 71 -1.29 2.27 0.89
CA PHE A 71 -1.63 0.96 1.43
C PHE A 71 -1.29 -0.14 0.42
N VAL A 72 -0.87 -1.31 0.89
CA VAL A 72 -0.63 -2.51 0.07
C VAL A 72 -1.01 -3.76 0.88
N SER A 73 -1.67 -4.74 0.27
CA SER A 73 -2.04 -6.02 0.91
C SER A 73 -1.64 -7.22 0.06
N TYR A 74 -1.38 -8.37 0.69
CA TYR A 74 -0.92 -9.61 0.06
C TYR A 74 -1.80 -10.82 0.38
N ASP A 75 -1.65 -11.89 -0.42
CA ASP A 75 -2.30 -13.18 -0.18
C ASP A 75 -1.71 -13.95 1.02
N ASN A 76 -0.50 -13.59 1.47
CA ASN A 76 0.21 -14.23 2.58
C ASN A 76 1.04 -13.21 3.42
N PRO A 77 1.25 -13.46 4.73
CA PRO A 77 2.08 -12.62 5.60
C PRO A 77 3.55 -12.59 5.21
N VAL A 78 4.07 -13.67 4.61
CA VAL A 78 5.50 -13.81 4.27
C VAL A 78 5.87 -12.93 3.07
N SER A 79 5.00 -12.84 2.06
CA SER A 79 5.14 -11.92 0.92
C SER A 79 5.12 -10.46 1.37
N ALA A 80 4.33 -10.17 2.42
CA ALA A 80 4.20 -8.84 3.02
C ALA A 80 5.43 -8.47 3.85
N GLN A 81 5.90 -9.36 4.74
CA GLN A 81 7.10 -9.17 5.55
C GLN A 81 8.36 -9.02 4.68
N ALA A 82 8.43 -9.71 3.53
CA ALA A 82 9.49 -9.54 2.55
C ALA A 82 9.49 -8.13 1.92
N ALA A 83 8.33 -7.49 1.79
CA ALA A 83 8.23 -6.12 1.30
C ALA A 83 8.64 -5.10 2.36
N ILE A 84 8.25 -5.29 3.64
CA ILE A 84 8.71 -4.43 4.75
C ILE A 84 10.25 -4.46 4.84
N GLN A 85 10.84 -5.65 4.79
CA GLN A 85 12.29 -5.84 4.90
C GLN A 85 13.07 -5.36 3.66
N SER A 86 12.41 -5.12 2.53
CA SER A 86 13.04 -4.62 1.29
C SER A 86 12.83 -3.12 1.05
N MET A 87 11.72 -2.54 1.54
CA MET A 87 11.27 -1.19 1.20
C MET A 87 11.29 -0.18 2.35
N ASN A 88 11.31 -0.64 3.61
CA ASN A 88 11.46 0.25 4.76
C ASN A 88 12.89 0.83 4.80
N GLY A 89 13.03 2.13 4.52
CA GLY A 89 14.31 2.83 4.35
C GLY A 89 14.78 2.98 2.90
N PHE A 90 13.99 2.55 1.91
CA PHE A 90 14.33 2.64 0.47
C PHE A 90 14.47 4.09 0.01
N GLN A 91 15.62 4.46 -0.55
CA GLN A 91 15.89 5.83 -1.01
C GLN A 91 15.22 6.10 -2.36
N ILE A 92 14.49 7.21 -2.47
CA ILE A 92 13.75 7.63 -3.67
C ILE A 92 13.68 9.16 -3.75
N GLY A 93 13.97 9.73 -4.93
CA GLY A 93 14.01 11.19 -5.15
C GLY A 93 15.16 11.83 -4.36
N MET A 94 14.84 12.42 -3.21
CA MET A 94 15.77 13.06 -2.25
C MET A 94 15.50 12.64 -0.79
N LYS A 95 14.78 11.53 -0.58
CA LYS A 95 14.31 11.06 0.73
C LYS A 95 14.28 9.51 0.83
N ARG A 96 13.82 8.96 1.96
CA ARG A 96 13.66 7.52 2.20
C ARG A 96 12.21 7.17 2.58
N LEU A 97 11.70 6.07 2.03
CA LEU A 97 10.39 5.49 2.35
C LEU A 97 10.37 4.87 3.75
N LYS A 98 9.17 4.69 4.29
CA LYS A 98 8.89 3.92 5.52
C LYS A 98 7.72 2.95 5.26
N VAL A 99 7.76 1.74 5.81
CA VAL A 99 6.73 0.71 5.62
C VAL A 99 6.49 0.00 6.94
N GLN A 100 5.23 -0.24 7.29
CA GLN A 100 4.81 -0.94 8.53
C GLN A 100 3.54 -1.76 8.29
N LEU A 101 3.25 -2.67 9.22
CA LEU A 101 1.97 -3.39 9.29
C LEU A 101 0.79 -2.46 9.61
N LYS A 102 -0.42 -2.91 9.29
CA LYS A 102 -1.69 -2.27 9.66
C LYS A 102 -1.77 -1.93 11.17
N ARG A 103 -1.82 -0.62 11.47
CA ARG A 103 -1.70 -0.03 12.81
C ARG A 103 -2.12 1.45 12.76
N SER A 104 -2.57 2.01 13.89
CA SER A 104 -2.98 3.42 14.01
C SER A 104 -2.79 3.93 15.45
N LYS A 105 -2.77 5.26 15.64
CA LYS A 105 -2.65 5.98 16.93
C LYS A 105 -1.28 5.80 17.65
N ASN A 106 -0.31 5.11 17.01
CA ASN A 106 0.99 4.75 17.60
C ASN A 106 2.10 5.80 17.31
N ASP A 107 1.84 6.75 16.40
CA ASP A 107 2.84 7.73 15.93
C ASP A 107 3.08 8.91 16.90
N SER A 108 2.20 9.08 17.90
CA SER A 108 2.25 10.19 18.87
C SER A 108 3.53 10.23 19.73
N LYS A 109 4.25 9.11 19.85
CA LYS A 109 5.56 9.01 20.50
C LYS A 109 6.69 9.70 19.70
N SER A 110 6.46 9.98 18.41
CA SER A 110 7.42 10.56 17.47
C SER A 110 7.00 11.96 16.96
N GLY A 111 5.99 12.59 17.60
CA GLY A 111 5.49 13.92 17.25
C GLY A 111 6.44 15.07 17.66
N PRO A 112 6.23 16.29 17.12
CA PRO A 112 7.10 17.44 17.37
C PRO A 112 6.93 17.98 18.80
N SER A 113 7.99 18.61 19.32
CA SER A 113 8.05 19.20 20.67
C SER A 113 9.27 20.12 20.85
N SER A 114 10.46 19.67 20.44
CA SER A 114 11.73 20.44 20.51
C SER A 114 12.81 19.81 19.60
N GLY A 115 13.89 20.56 19.33
CA GLY A 115 15.02 20.15 18.48
C GLY A 115 16.13 21.19 18.41
N GLY A 1 -11.55 16.34 -20.84
CA GLY A 1 -11.06 15.39 -19.82
C GLY A 1 -10.14 16.07 -18.81
N SER A 2 -9.68 15.32 -17.80
CA SER A 2 -8.78 15.76 -16.72
C SER A 2 -8.19 14.55 -15.97
N SER A 3 -7.01 14.72 -15.35
CA SER A 3 -6.30 13.63 -14.64
C SER A 3 -6.84 13.33 -13.24
N GLY A 4 -7.73 14.17 -12.70
CA GLY A 4 -8.35 14.03 -11.37
C GLY A 4 -9.61 13.17 -11.38
N SER A 5 -10.04 12.75 -10.19
CA SER A 5 -11.22 11.89 -10.00
C SER A 5 -11.86 11.97 -8.58
N SER A 6 -11.40 12.87 -7.71
CA SER A 6 -11.98 13.19 -6.38
C SER A 6 -11.89 12.06 -5.32
N GLY A 7 -11.24 10.93 -5.63
CA GLY A 7 -11.11 9.76 -4.73
C GLY A 7 -11.21 8.44 -5.48
N LEU A 8 -11.94 7.47 -4.90
CA LEU A 8 -12.16 6.13 -5.45
C LEU A 8 -12.90 6.18 -6.81
N THR A 9 -12.51 5.30 -7.72
CA THR A 9 -13.06 5.17 -9.08
C THR A 9 -12.78 3.77 -9.65
N GLN A 10 -13.42 3.43 -10.77
CA GLN A 10 -13.30 2.13 -11.43
C GLN A 10 -11.91 1.97 -12.05
N GLN A 11 -11.17 0.93 -11.64
CA GLN A 11 -9.83 0.59 -12.13
C GLN A 11 -9.75 -0.94 -12.24
N SER A 12 -9.58 -1.47 -13.46
CA SER A 12 -9.71 -2.91 -13.78
C SER A 12 -8.38 -3.60 -14.14
N ILE A 13 -7.25 -2.91 -13.96
CA ILE A 13 -5.90 -3.39 -14.32
C ILE A 13 -5.28 -4.38 -13.30
N GLY A 14 -5.95 -4.62 -12.17
CA GLY A 14 -5.50 -5.50 -11.08
C GLY A 14 -5.80 -4.92 -9.69
N ALA A 15 -4.89 -5.15 -8.74
CA ALA A 15 -5.02 -4.72 -7.34
C ALA A 15 -4.89 -3.19 -7.14
N ALA A 16 -4.32 -2.47 -8.12
CA ALA A 16 -4.20 -1.01 -8.15
C ALA A 16 -5.60 -0.36 -8.26
N GLY A 17 -5.95 0.46 -7.25
CA GLY A 17 -7.25 1.11 -7.13
C GLY A 17 -8.24 0.32 -6.28
N SER A 18 -7.84 -0.85 -5.78
CA SER A 18 -8.66 -1.65 -4.87
C SER A 18 -8.61 -1.09 -3.43
N GLN A 19 -9.53 -1.56 -2.58
CA GLN A 19 -9.54 -1.33 -1.13
C GLN A 19 -9.82 -2.63 -0.36
N LYS A 20 -9.54 -3.78 -0.99
CA LYS A 20 -9.50 -5.11 -0.35
C LYS A 20 -8.36 -5.21 0.67
N GLU A 21 -8.29 -6.34 1.40
CA GLU A 21 -7.14 -6.69 2.24
C GLU A 21 -7.05 -8.21 2.48
N GLY A 22 -5.86 -8.66 2.89
CA GLY A 22 -5.52 -10.06 3.17
C GLY A 22 -5.56 -10.41 4.67
N PRO A 23 -4.95 -11.55 5.08
CA PRO A 23 -4.95 -12.01 6.47
C PRO A 23 -4.06 -11.16 7.38
N GLU A 24 -4.11 -11.42 8.69
CA GLU A 24 -3.28 -10.71 9.69
C GLU A 24 -1.78 -10.87 9.38
N GLY A 25 -1.07 -9.74 9.33
CA GLY A 25 0.36 -9.67 9.00
C GLY A 25 0.64 -9.44 7.51
N ALA A 26 -0.38 -9.55 6.64
CA ALA A 26 -0.26 -9.38 5.20
C ALA A 26 -0.55 -7.96 4.69
N ASN A 27 -1.01 -7.05 5.58
CA ASN A 27 -1.54 -5.73 5.23
C ASN A 27 -0.60 -4.62 5.70
N LEU A 28 -0.16 -3.77 4.78
CA LEU A 28 0.92 -2.78 4.93
C LEU A 28 0.45 -1.35 4.61
N PHE A 29 0.98 -0.39 5.37
CA PHE A 29 0.88 1.05 5.09
C PHE A 29 2.29 1.58 4.77
N ILE A 30 2.38 2.38 3.71
CA ILE A 30 3.61 2.87 3.08
C ILE A 30 3.59 4.40 3.15
N TYR A 31 4.70 5.02 3.55
CA TYR A 31 4.81 6.46 3.78
C TYR A 31 6.07 7.08 3.13
N HIS A 32 6.03 8.40 2.91
CA HIS A 32 7.07 9.24 2.29
C HIS A 32 7.23 9.02 0.77
N LEU A 33 6.16 8.59 0.09
CA LEU A 33 6.12 8.35 -1.37
C LEU A 33 6.33 9.65 -2.17
N PRO A 34 6.70 9.57 -3.47
CA PRO A 34 6.70 10.72 -4.37
C PRO A 34 5.27 11.26 -4.54
N GLN A 35 5.12 12.57 -4.78
CA GLN A 35 3.81 13.20 -5.01
C GLN A 35 3.17 12.78 -6.34
N GLU A 36 3.96 12.26 -7.28
CA GLU A 36 3.52 11.85 -8.62
C GLU A 36 3.05 10.39 -8.71
N PHE A 37 3.31 9.58 -7.67
CA PHE A 37 2.93 8.17 -7.60
C PHE A 37 1.41 7.98 -7.54
N GLY A 38 0.88 7.11 -8.42
CA GLY A 38 -0.50 6.62 -8.39
C GLY A 38 -0.58 5.17 -7.92
N ASP A 39 -1.79 4.61 -7.99
CA ASP A 39 -2.07 3.23 -7.52
C ASP A 39 -1.26 2.18 -8.31
N GLN A 40 -1.00 2.44 -9.58
CA GLN A 40 -0.21 1.61 -10.50
C GLN A 40 1.27 1.60 -10.10
N ASP A 41 1.81 2.78 -9.78
CA ASP A 41 3.22 2.95 -9.37
C ASP A 41 3.50 2.23 -8.04
N LEU A 42 2.58 2.33 -7.07
CA LEU A 42 2.67 1.60 -5.81
C LEU A 42 2.53 0.08 -6.01
N LEU A 43 1.65 -0.38 -6.91
CA LEU A 43 1.53 -1.79 -7.26
C LEU A 43 2.84 -2.31 -7.89
N GLN A 44 3.38 -1.61 -8.88
CA GLN A 44 4.61 -2.01 -9.57
C GLN A 44 5.86 -1.95 -8.68
N MET A 45 5.84 -1.14 -7.62
CA MET A 45 6.87 -1.11 -6.58
C MET A 45 6.81 -2.31 -5.62
N PHE A 46 5.63 -2.94 -5.44
CA PHE A 46 5.40 -3.99 -4.42
C PHE A 46 5.10 -5.39 -5.00
N MET A 47 4.74 -5.53 -6.28
CA MET A 47 4.63 -6.82 -6.97
C MET A 47 5.90 -7.71 -6.92
N PRO A 48 7.14 -7.18 -6.91
CA PRO A 48 8.37 -7.99 -6.83
C PRO A 48 8.51 -8.88 -5.58
N PHE A 49 7.73 -8.65 -4.53
CA PHE A 49 7.84 -9.39 -3.25
C PHE A 49 6.80 -10.51 -3.08
N GLY A 50 5.79 -10.56 -3.95
CA GLY A 50 4.80 -11.65 -4.04
C GLY A 50 3.41 -11.22 -4.51
N ASN A 51 2.42 -12.09 -4.27
CA ASN A 51 1.05 -11.93 -4.75
C ASN A 51 0.29 -10.79 -4.02
N VAL A 52 0.17 -9.63 -4.66
CA VAL A 52 -0.53 -8.45 -4.14
C VAL A 52 -2.05 -8.60 -4.35
N VAL A 53 -2.81 -8.39 -3.28
CA VAL A 53 -4.27 -8.51 -3.15
C VAL A 53 -4.96 -7.14 -3.18
N SER A 54 -4.25 -6.06 -2.85
CA SER A 54 -4.74 -4.68 -2.88
C SER A 54 -3.56 -3.69 -2.94
N ALA A 55 -3.71 -2.56 -3.63
CA ALA A 55 -2.72 -1.47 -3.72
C ALA A 55 -3.42 -0.13 -3.99
N LYS A 56 -3.10 0.89 -3.19
CA LYS A 56 -3.76 2.20 -3.25
C LYS A 56 -2.88 3.34 -2.69
N VAL A 57 -2.76 4.45 -3.41
CA VAL A 57 -2.18 5.71 -2.94
C VAL A 57 -3.35 6.65 -2.60
N PHE A 58 -3.27 7.34 -1.45
CA PHE A 58 -4.33 8.23 -0.98
C PHE A 58 -4.22 9.62 -1.62
N ILE A 59 -5.35 10.22 -1.98
CA ILE A 59 -5.47 11.43 -2.80
C ILE A 59 -6.26 12.52 -2.04
N ASP A 60 -5.87 13.79 -2.18
CA ASP A 60 -6.60 14.93 -1.60
C ASP A 60 -7.68 15.48 -2.54
N LYS A 61 -8.89 15.69 -2.01
CA LYS A 61 -10.06 16.19 -2.75
C LYS A 61 -9.88 17.61 -3.33
N GLN A 62 -8.98 18.43 -2.79
CA GLN A 62 -8.82 19.85 -3.16
C GLN A 62 -7.91 20.04 -4.38
N THR A 63 -7.02 19.07 -4.67
CA THR A 63 -5.94 19.18 -5.68
C THR A 63 -5.82 17.97 -6.60
N ASN A 64 -6.40 16.83 -6.22
CA ASN A 64 -6.22 15.52 -6.87
C ASN A 64 -4.75 15.03 -6.85
N LEU A 65 -3.90 15.60 -5.99
CA LEU A 65 -2.51 15.17 -5.77
C LEU A 65 -2.44 14.08 -4.70
N SER A 66 -1.40 13.25 -4.79
CA SER A 66 -1.15 12.16 -3.84
C SER A 66 -0.55 12.67 -2.52
N LYS A 67 -1.05 12.16 -1.39
CA LYS A 67 -0.69 12.60 -0.03
C LYS A 67 0.69 12.10 0.45
N CYS A 68 1.47 11.45 -0.42
CA CYS A 68 2.78 10.82 -0.15
C CYS A 68 2.68 9.60 0.79
N PHE A 69 1.50 8.98 0.91
CA PHE A 69 1.31 7.72 1.64
C PHE A 69 0.21 6.85 0.99
N GLY A 70 0.30 5.55 1.24
CA GLY A 70 -0.48 4.49 0.58
C GLY A 70 -0.64 3.23 1.42
N PHE A 71 -1.30 2.24 0.83
CA PHE A 71 -1.67 0.96 1.43
C PHE A 71 -1.45 -0.17 0.42
N VAL A 72 -0.96 -1.32 0.88
CA VAL A 72 -0.71 -2.53 0.07
C VAL A 72 -1.04 -3.76 0.90
N SER A 73 -1.70 -4.75 0.32
CA SER A 73 -2.00 -6.04 0.99
C SER A 73 -1.64 -7.25 0.12
N TYR A 74 -1.23 -8.34 0.76
CA TYR A 74 -0.81 -9.59 0.11
C TYR A 74 -1.71 -10.80 0.45
N ASP A 75 -1.50 -11.91 -0.26
CA ASP A 75 -2.10 -13.22 0.02
C ASP A 75 -1.70 -13.79 1.40
N ASN A 76 -0.56 -13.38 1.95
CA ASN A 76 0.05 -13.93 3.16
C ASN A 76 1.07 -12.97 3.79
N PRO A 77 1.43 -13.17 5.08
CA PRO A 77 2.45 -12.36 5.74
C PRO A 77 3.88 -12.64 5.24
N VAL A 78 4.15 -13.72 4.49
CA VAL A 78 5.54 -14.04 4.09
C VAL A 78 6.03 -13.11 2.97
N SER A 79 5.21 -12.89 1.95
CA SER A 79 5.47 -11.91 0.88
C SER A 79 5.37 -10.46 1.37
N ALA A 80 4.48 -10.20 2.35
CA ALA A 80 4.35 -8.88 2.98
C ALA A 80 5.58 -8.49 3.81
N GLN A 81 6.07 -9.39 4.69
CA GLN A 81 7.29 -9.15 5.47
C GLN A 81 8.53 -9.01 4.59
N ALA A 82 8.58 -9.69 3.43
CA ALA A 82 9.64 -9.50 2.44
C ALA A 82 9.61 -8.09 1.81
N ALA A 83 8.43 -7.47 1.70
CA ALA A 83 8.29 -6.10 1.22
C ALA A 83 8.71 -5.08 2.29
N ILE A 84 8.34 -5.29 3.57
CA ILE A 84 8.80 -4.42 4.67
C ILE A 84 10.33 -4.44 4.77
N GLN A 85 10.94 -5.61 4.73
CA GLN A 85 12.40 -5.78 4.82
C GLN A 85 13.16 -5.29 3.58
N SER A 86 12.48 -5.05 2.46
CA SER A 86 13.09 -4.52 1.22
C SER A 86 12.87 -3.02 1.03
N MET A 87 11.74 -2.47 1.53
CA MET A 87 11.28 -1.10 1.22
C MET A 87 11.30 -0.13 2.40
N ASN A 88 11.32 -0.61 3.65
CA ASN A 88 11.45 0.26 4.81
C ASN A 88 12.88 0.82 4.89
N GLY A 89 13.05 2.12 4.65
CA GLY A 89 14.33 2.81 4.51
C GLY A 89 14.87 2.87 3.06
N PHE A 90 14.08 2.48 2.05
CA PHE A 90 14.47 2.60 0.63
C PHE A 90 14.58 4.08 0.23
N GLN A 91 15.75 4.49 -0.28
CA GLN A 91 15.94 5.87 -0.75
C GLN A 91 15.24 6.06 -2.10
N ILE A 92 14.47 7.15 -2.22
CA ILE A 92 13.83 7.58 -3.47
C ILE A 92 13.98 9.10 -3.60
N GLY A 93 14.73 9.54 -4.62
CA GLY A 93 15.15 10.95 -4.75
C GLY A 93 16.07 11.35 -3.59
N MET A 94 15.70 12.42 -2.89
CA MET A 94 16.45 12.99 -1.75
C MET A 94 15.87 12.58 -0.37
N LYS A 95 14.97 11.59 -0.33
CA LYS A 95 14.32 11.10 0.90
C LYS A 95 14.26 9.56 0.98
N ARG A 96 13.75 9.01 2.08
CA ARG A 96 13.64 7.57 2.36
C ARG A 96 12.20 7.18 2.72
N LEU A 97 11.74 6.07 2.14
CA LEU A 97 10.42 5.49 2.41
C LEU A 97 10.35 4.86 3.81
N LYS A 98 9.14 4.75 4.36
CA LYS A 98 8.84 3.98 5.58
C LYS A 98 7.68 3.00 5.28
N VAL A 99 7.72 1.78 5.82
CA VAL A 99 6.69 0.75 5.62
C VAL A 99 6.46 0.02 6.94
N GLN A 100 5.19 -0.24 7.30
CA GLN A 100 4.81 -0.95 8.52
C GLN A 100 3.48 -1.72 8.34
N LEU A 101 3.24 -2.67 9.24
CA LEU A 101 1.97 -3.42 9.34
C LEU A 101 0.79 -2.52 9.74
N LYS A 102 -0.42 -2.98 9.39
CA LYS A 102 -1.70 -2.41 9.85
C LYS A 102 -1.92 -2.56 11.38
N ARG A 103 -1.39 -3.63 11.99
CA ARG A 103 -1.44 -3.89 13.43
C ARG A 103 -0.23 -3.28 14.15
N SER A 104 -0.49 -2.65 15.29
CA SER A 104 0.52 -1.89 16.08
C SER A 104 0.43 -2.17 17.60
N LYS A 105 -0.26 -3.25 18.01
CA LYS A 105 -0.57 -3.57 19.42
C LYS A 105 -0.25 -5.03 19.77
N ASN A 106 0.28 -5.26 20.99
CA ASN A 106 0.70 -6.56 21.50
C ASN A 106 0.66 -6.59 23.04
N ASP A 107 -0.11 -7.53 23.61
CA ASP A 107 -0.26 -7.70 25.07
C ASP A 107 1.01 -8.24 25.76
N SER A 108 1.89 -8.91 25.01
CA SER A 108 3.20 -9.37 25.49
C SER A 108 4.29 -8.26 25.44
N LYS A 109 3.96 -7.10 24.86
CA LYS A 109 4.80 -5.88 24.81
C LYS A 109 6.23 -6.15 24.26
N SER A 110 7.26 -6.05 25.11
CA SER A 110 8.68 -6.13 24.75
C SER A 110 9.51 -6.68 25.92
N GLY A 111 10.68 -7.27 25.63
CA GLY A 111 11.61 -7.81 26.63
C GLY A 111 12.44 -6.72 27.35
N PRO A 112 13.15 -7.07 28.44
CA PRO A 112 13.92 -6.14 29.27
C PRO A 112 15.26 -5.72 28.62
N SER A 113 15.64 -6.30 27.49
CA SER A 113 16.89 -6.01 26.74
C SER A 113 16.81 -4.76 25.85
N SER A 114 15.68 -4.04 25.84
CA SER A 114 15.45 -2.84 25.03
C SER A 114 14.36 -1.91 25.62
N GLY A 115 14.28 -0.67 25.12
CA GLY A 115 13.32 0.36 25.57
C GLY A 115 13.48 1.68 24.83
N GLY A 1 2.64 17.36 -18.20
CA GLY A 1 1.74 16.19 -18.21
C GLY A 1 2.20 15.11 -17.24
N SER A 2 1.37 14.09 -17.02
CA SER A 2 1.63 13.00 -16.05
C SER A 2 0.68 11.80 -16.27
N SER A 3 -0.63 12.04 -16.27
CA SER A 3 -1.69 11.02 -16.43
C SER A 3 -3.06 11.65 -16.80
N GLY A 4 -4.02 10.82 -17.23
CA GLY A 4 -5.37 11.25 -17.59
C GLY A 4 -6.26 11.53 -16.38
N SER A 5 -7.17 12.50 -16.51
CA SER A 5 -8.04 12.98 -15.42
C SER A 5 -9.42 12.27 -15.34
N SER A 6 -9.74 11.40 -16.29
CA SER A 6 -11.02 10.68 -16.36
C SER A 6 -11.17 9.62 -15.24
N GLY A 7 -12.17 9.77 -14.37
CA GLY A 7 -12.48 8.83 -13.28
C GLY A 7 -13.40 7.70 -13.74
N LEU A 8 -13.11 6.47 -13.30
CA LEU A 8 -13.83 5.24 -13.67
C LEU A 8 -13.47 4.11 -12.68
N THR A 9 -14.47 3.55 -11.98
CA THR A 9 -14.27 2.43 -11.03
C THR A 9 -13.75 1.17 -11.69
N GLN A 10 -14.16 0.91 -12.94
CA GLN A 10 -13.73 -0.23 -13.75
C GLN A 10 -12.25 -0.14 -14.19
N GLN A 11 -11.56 0.99 -13.97
CA GLN A 11 -10.13 1.15 -14.24
C GLN A 11 -9.25 0.57 -13.10
N SER A 12 -9.81 0.28 -11.93
CA SER A 12 -9.09 -0.23 -10.75
C SER A 12 -8.79 -1.74 -10.82
N ILE A 13 -8.24 -2.20 -11.95
CA ILE A 13 -8.02 -3.64 -12.25
C ILE A 13 -6.86 -4.26 -11.45
N GLY A 14 -6.97 -5.56 -11.16
CA GLY A 14 -5.92 -6.40 -10.56
C GLY A 14 -5.74 -6.18 -9.06
N ALA A 15 -5.40 -4.95 -8.67
CA ALA A 15 -5.09 -4.53 -7.30
C ALA A 15 -4.97 -3.01 -7.15
N ALA A 16 -4.39 -2.31 -8.12
CA ALA A 16 -4.23 -0.85 -8.12
C ALA A 16 -5.58 -0.15 -8.18
N GLY A 17 -5.88 0.64 -7.14
CA GLY A 17 -7.16 1.34 -6.96
C GLY A 17 -8.21 0.51 -6.21
N SER A 18 -7.91 -0.77 -5.92
CA SER A 18 -8.75 -1.62 -5.07
C SER A 18 -8.39 -1.44 -3.59
N GLN A 19 -9.31 -1.83 -2.69
CA GLN A 19 -9.24 -1.54 -1.26
C GLN A 19 -9.60 -2.77 -0.40
N LYS A 20 -9.46 -3.98 -0.94
CA LYS A 20 -9.52 -5.23 -0.17
C LYS A 20 -8.30 -5.37 0.76
N GLU A 21 -8.31 -6.41 1.60
CA GLU A 21 -7.17 -6.80 2.43
C GLU A 21 -7.12 -8.31 2.69
N GLY A 22 -5.92 -8.80 3.03
CA GLY A 22 -5.61 -10.22 3.24
C GLY A 22 -5.56 -10.61 4.73
N PRO A 23 -4.91 -11.74 5.07
CA PRO A 23 -4.87 -12.30 6.43
C PRO A 23 -3.96 -11.48 7.37
N GLU A 24 -3.94 -11.86 8.64
CA GLU A 24 -3.11 -11.22 9.68
C GLU A 24 -1.63 -11.21 9.31
N GLY A 25 -1.03 -10.00 9.30
CA GLY A 25 0.37 -9.76 8.93
C GLY A 25 0.60 -9.48 7.44
N ALA A 26 -0.42 -9.61 6.58
CA ALA A 26 -0.31 -9.43 5.13
C ALA A 26 -0.62 -7.99 4.67
N ASN A 27 -1.06 -7.11 5.57
CA ASN A 27 -1.61 -5.79 5.25
C ASN A 27 -0.67 -4.67 5.73
N LEU A 28 -0.24 -3.82 4.80
CA LEU A 28 0.83 -2.83 4.97
C LEU A 28 0.37 -1.40 4.67
N PHE A 29 0.86 -0.44 5.45
CA PHE A 29 0.78 0.99 5.20
C PHE A 29 2.17 1.54 4.87
N ILE A 30 2.25 2.36 3.83
CA ILE A 30 3.49 2.86 3.22
C ILE A 30 3.46 4.39 3.32
N TYR A 31 4.57 5.00 3.75
CA TYR A 31 4.70 6.45 3.96
C TYR A 31 5.95 7.02 3.26
N HIS A 32 5.96 8.33 3.06
CA HIS A 32 7.05 9.12 2.46
C HIS A 32 7.33 8.76 0.98
N LEU A 33 6.26 8.52 0.21
CA LEU A 33 6.32 8.24 -1.23
C LEU A 33 6.66 9.51 -2.05
N PRO A 34 7.12 9.37 -3.30
CA PRO A 34 7.24 10.48 -4.24
C PRO A 34 5.88 11.17 -4.48
N GLN A 35 5.90 12.45 -4.86
CA GLN A 35 4.66 13.22 -5.15
C GLN A 35 3.94 12.72 -6.41
N GLU A 36 4.69 12.16 -7.38
CA GLU A 36 4.17 11.69 -8.67
C GLU A 36 3.56 10.27 -8.65
N PHE A 37 3.75 9.52 -7.56
CA PHE A 37 3.30 8.14 -7.41
C PHE A 37 1.76 8.02 -7.34
N GLY A 38 1.19 7.17 -8.18
CA GLY A 38 -0.22 6.73 -8.15
C GLY A 38 -0.35 5.25 -7.78
N ASP A 39 -1.57 4.72 -7.90
CA ASP A 39 -1.93 3.35 -7.48
C ASP A 39 -1.16 2.27 -8.25
N GLN A 40 -0.89 2.50 -9.54
CA GLN A 40 -0.15 1.60 -10.41
C GLN A 40 1.36 1.62 -10.11
N ASP A 41 1.90 2.74 -9.63
CA ASP A 41 3.31 2.88 -9.26
C ASP A 41 3.58 2.20 -7.92
N LEU A 42 2.68 2.35 -6.94
CA LEU A 42 2.74 1.63 -5.68
C LEU A 42 2.56 0.11 -5.89
N LEU A 43 1.70 -0.31 -6.83
CA LEU A 43 1.56 -1.72 -7.19
C LEU A 43 2.85 -2.26 -7.80
N GLN A 44 3.44 -1.58 -8.79
CA GLN A 44 4.68 -2.03 -9.44
C GLN A 44 5.91 -1.96 -8.53
N MET A 45 5.88 -1.17 -7.45
CA MET A 45 6.89 -1.18 -6.40
C MET A 45 6.78 -2.40 -5.47
N PHE A 46 5.59 -2.99 -5.32
CA PHE A 46 5.32 -4.07 -4.35
C PHE A 46 5.04 -5.45 -4.98
N MET A 47 4.67 -5.53 -6.26
CA MET A 47 4.57 -6.79 -7.01
C MET A 47 5.83 -7.69 -6.99
N PRO A 48 7.08 -7.16 -6.98
CA PRO A 48 8.30 -7.96 -6.90
C PRO A 48 8.43 -8.89 -5.68
N PHE A 49 7.66 -8.67 -4.61
CA PHE A 49 7.76 -9.45 -3.36
C PHE A 49 6.68 -10.54 -3.22
N GLY A 50 5.67 -10.54 -4.10
CA GLY A 50 4.67 -11.61 -4.23
C GLY A 50 3.27 -11.15 -4.62
N ASN A 51 2.27 -11.99 -4.35
CA ASN A 51 0.90 -11.81 -4.81
C ASN A 51 0.17 -10.70 -4.03
N VAL A 52 0.15 -9.49 -4.59
CA VAL A 52 -0.59 -8.32 -4.08
C VAL A 52 -2.08 -8.46 -4.43
N VAL A 53 -2.93 -8.34 -3.40
CA VAL A 53 -4.41 -8.40 -3.47
C VAL A 53 -5.01 -7.01 -3.75
N SER A 54 -4.40 -5.94 -3.22
CA SER A 54 -4.86 -4.56 -3.34
C SER A 54 -3.70 -3.58 -3.07
N ALA A 55 -3.71 -2.42 -3.75
CA ALA A 55 -2.72 -1.36 -3.63
C ALA A 55 -3.36 0.00 -3.93
N LYS A 56 -3.10 1.00 -3.11
CA LYS A 56 -3.74 2.32 -3.19
C LYS A 56 -2.85 3.44 -2.61
N VAL A 57 -2.70 4.55 -3.32
CA VAL A 57 -2.10 5.81 -2.83
C VAL A 57 -3.24 6.76 -2.52
N PHE A 58 -3.21 7.38 -1.32
CA PHE A 58 -4.28 8.27 -0.88
C PHE A 58 -4.15 9.67 -1.52
N ILE A 59 -5.29 10.24 -1.94
CA ILE A 59 -5.37 11.45 -2.77
C ILE A 59 -6.16 12.53 -2.02
N ASP A 60 -5.71 13.79 -2.07
CA ASP A 60 -6.44 14.94 -1.52
C ASP A 60 -7.50 15.41 -2.52
N LYS A 61 -8.78 15.36 -2.13
CA LYS A 61 -9.92 15.72 -2.99
C LYS A 61 -10.01 17.23 -3.33
N GLN A 62 -9.18 18.08 -2.70
CA GLN A 62 -9.12 19.53 -2.98
C GLN A 62 -8.20 19.86 -4.17
N THR A 63 -7.25 18.99 -4.51
CA THR A 63 -6.19 19.23 -5.51
C THR A 63 -5.99 18.09 -6.51
N ASN A 64 -6.53 16.89 -6.21
CA ASN A 64 -6.33 15.63 -6.94
C ASN A 64 -4.87 15.12 -6.87
N LEU A 65 -4.08 15.60 -5.90
CA LEU A 65 -2.67 15.22 -5.69
C LEU A 65 -2.52 14.14 -4.62
N SER A 66 -1.52 13.28 -4.79
CA SER A 66 -1.17 12.23 -3.83
C SER A 66 -0.63 12.82 -2.51
N LYS A 67 -1.01 12.24 -1.37
CA LYS A 67 -0.61 12.69 -0.02
C LYS A 67 0.78 12.17 0.43
N CYS A 68 1.50 11.46 -0.46
CA CYS A 68 2.78 10.77 -0.22
C CYS A 68 2.68 9.59 0.77
N PHE A 69 1.49 9.01 0.95
CA PHE A 69 1.28 7.77 1.71
C PHE A 69 0.19 6.91 1.08
N GLY A 70 0.25 5.60 1.34
CA GLY A 70 -0.53 4.55 0.70
C GLY A 70 -0.68 3.28 1.54
N PHE A 71 -1.29 2.27 0.93
CA PHE A 71 -1.68 1.00 1.53
C PHE A 71 -1.52 -0.14 0.50
N VAL A 72 -1.06 -1.30 0.94
CA VAL A 72 -0.82 -2.49 0.11
C VAL A 72 -1.13 -3.75 0.92
N SER A 73 -1.82 -4.72 0.33
CA SER A 73 -2.15 -5.99 1.00
C SER A 73 -1.85 -7.21 0.12
N TYR A 74 -1.35 -8.28 0.72
CA TYR A 74 -0.95 -9.54 0.05
C TYR A 74 -1.86 -10.73 0.37
N ASP A 75 -1.67 -11.82 -0.37
CA ASP A 75 -2.24 -13.15 -0.12
C ASP A 75 -1.80 -13.76 1.23
N ASN A 76 -0.67 -13.33 1.77
CA ASN A 76 -0.01 -13.92 2.95
C ASN A 76 1.00 -12.94 3.59
N PRO A 77 1.38 -13.16 4.87
CA PRO A 77 2.38 -12.35 5.55
C PRO A 77 3.82 -12.58 5.06
N VAL A 78 4.12 -13.64 4.29
CA VAL A 78 5.51 -13.92 3.88
C VAL A 78 5.92 -12.98 2.73
N SER A 79 5.07 -12.82 1.72
CA SER A 79 5.23 -11.86 0.62
C SER A 79 5.18 -10.40 1.13
N ALA A 80 4.43 -10.17 2.22
CA ALA A 80 4.30 -8.86 2.85
C ALA A 80 5.56 -8.48 3.63
N GLN A 81 6.07 -9.35 4.50
CA GLN A 81 7.33 -9.12 5.22
C GLN A 81 8.52 -8.95 4.26
N ALA A 82 8.55 -9.71 3.16
CA ALA A 82 9.56 -9.54 2.11
C ALA A 82 9.56 -8.12 1.50
N ALA A 83 8.43 -7.41 1.50
CA ALA A 83 8.34 -6.01 1.10
C ALA A 83 8.78 -5.06 2.23
N ILE A 84 8.35 -5.30 3.48
CA ILE A 84 8.76 -4.46 4.64
C ILE A 84 10.27 -4.46 4.79
N GLN A 85 10.90 -5.63 4.80
CA GLN A 85 12.34 -5.78 5.04
C GLN A 85 13.20 -5.34 3.83
N SER A 86 12.60 -5.13 2.66
CA SER A 86 13.29 -4.62 1.46
C SER A 86 13.10 -3.12 1.24
N MET A 87 11.96 -2.55 1.62
CA MET A 87 11.54 -1.18 1.25
C MET A 87 11.50 -0.18 2.40
N ASN A 88 11.45 -0.63 3.66
CA ASN A 88 11.48 0.27 4.81
C ASN A 88 12.86 0.95 4.92
N GLY A 89 12.91 2.28 4.67
CA GLY A 89 14.13 3.09 4.59
C GLY A 89 14.74 3.23 3.19
N PHE A 90 14.11 2.69 2.15
CA PHE A 90 14.57 2.75 0.75
C PHE A 90 14.62 4.20 0.23
N GLN A 91 15.76 4.63 -0.33
CA GLN A 91 15.93 6.00 -0.83
C GLN A 91 15.41 6.13 -2.26
N ILE A 92 14.59 7.17 -2.49
CA ILE A 92 13.87 7.41 -3.75
C ILE A 92 13.68 8.92 -3.96
N GLY A 93 14.00 9.43 -5.15
CA GLY A 93 13.95 10.87 -5.46
C GLY A 93 14.99 11.65 -4.65
N MET A 94 14.54 12.25 -3.53
CA MET A 94 15.35 12.98 -2.55
C MET A 94 14.90 12.69 -1.10
N LYS A 95 14.26 11.54 -0.86
CA LYS A 95 13.65 11.12 0.41
C LYS A 95 13.81 9.60 0.66
N ARG A 96 13.37 9.11 1.83
CA ARG A 96 13.37 7.67 2.17
C ARG A 96 11.98 7.20 2.61
N LEU A 97 11.55 6.05 2.07
CA LEU A 97 10.28 5.38 2.38
C LEU A 97 10.23 4.88 3.83
N LYS A 98 9.02 4.63 4.32
CA LYS A 98 8.74 3.90 5.57
C LYS A 98 7.57 2.93 5.34
N VAL A 99 7.63 1.72 5.88
CA VAL A 99 6.62 0.66 5.66
C VAL A 99 6.36 -0.06 6.98
N GLN A 100 5.10 -0.33 7.32
CA GLN A 100 4.69 -0.94 8.58
C GLN A 100 3.36 -1.70 8.45
N LEU A 101 3.14 -2.71 9.29
CA LEU A 101 1.88 -3.46 9.39
C LEU A 101 0.69 -2.58 9.82
N LYS A 102 -0.51 -3.02 9.44
CA LYS A 102 -1.78 -2.45 9.92
C LYS A 102 -1.92 -2.61 11.44
N ARG A 103 -2.04 -1.48 12.17
CA ARG A 103 -1.99 -1.43 13.64
C ARG A 103 -2.58 -0.11 14.22
N SER A 104 -3.59 0.45 13.56
CA SER A 104 -4.12 1.80 13.83
C SER A 104 -5.52 2.03 13.24
N LYS A 105 -6.16 3.16 13.60
CA LYS A 105 -7.50 3.58 13.16
C LYS A 105 -7.65 5.12 13.17
N ASN A 106 -8.55 5.66 12.34
CA ASN A 106 -8.76 7.10 12.14
C ASN A 106 -10.15 7.40 11.55
N ASP A 107 -10.76 8.52 11.94
CA ASP A 107 -12.10 9.00 11.51
C ASP A 107 -13.22 8.02 11.92
N SER A 108 -13.04 7.36 13.07
CA SER A 108 -13.85 6.22 13.54
C SER A 108 -14.12 6.28 15.06
N LYS A 109 -14.26 7.50 15.60
CA LYS A 109 -14.63 7.80 16.99
C LYS A 109 -15.33 9.18 17.07
N SER A 110 -16.36 9.31 17.92
CA SER A 110 -17.14 10.54 18.16
C SER A 110 -17.89 10.46 19.50
N GLY A 111 -18.10 11.60 20.16
CA GLY A 111 -18.84 11.72 21.42
C GLY A 111 -20.36 11.90 21.24
N PRO A 112 -21.14 11.82 22.33
CA PRO A 112 -22.61 11.93 22.30
C PRO A 112 -23.11 13.38 22.20
N SER A 113 -22.26 14.38 22.45
CA SER A 113 -22.56 15.83 22.43
C SER A 113 -21.27 16.64 22.31
N SER A 114 -21.35 17.89 21.82
CA SER A 114 -20.18 18.75 21.55
C SER A 114 -19.60 19.44 22.81
N GLY A 115 -20.27 19.32 23.97
CA GLY A 115 -19.85 19.91 25.26
C GLY A 115 -20.90 19.73 26.36
N GLY A 1 -37.02 -22.63 -30.32
CA GLY A 1 -35.63 -22.38 -29.87
C GLY A 1 -34.96 -23.65 -29.40
N SER A 2 -33.69 -23.85 -29.75
CA SER A 2 -32.96 -25.12 -29.56
C SER A 2 -31.55 -24.94 -28.93
N SER A 3 -31.23 -23.75 -28.43
CA SER A 3 -29.90 -23.38 -27.91
C SER A 3 -29.97 -22.11 -27.02
N GLY A 4 -28.91 -21.84 -26.25
CA GLY A 4 -28.77 -20.68 -25.36
C GLY A 4 -28.21 -19.46 -26.10
N SER A 5 -26.88 -19.37 -26.17
CA SER A 5 -26.14 -18.26 -26.78
C SER A 5 -24.67 -18.65 -27.06
N SER A 6 -24.05 -18.05 -28.08
CA SER A 6 -22.62 -18.20 -28.39
C SER A 6 -21.71 -17.25 -27.58
N GLY A 7 -22.28 -16.37 -26.75
CA GLY A 7 -21.56 -15.40 -25.93
C GLY A 7 -20.81 -16.03 -24.74
N LEU A 8 -19.72 -15.38 -24.33
CA LEU A 8 -18.81 -15.79 -23.25
C LEU A 8 -18.31 -14.58 -22.45
N THR A 9 -17.77 -14.83 -21.24
CA THR A 9 -17.31 -13.81 -20.28
C THR A 9 -15.97 -14.22 -19.66
N GLN A 10 -15.23 -13.21 -19.17
CA GLN A 10 -13.89 -13.34 -18.57
C GLN A 10 -13.71 -12.29 -17.46
N GLN A 11 -12.68 -12.45 -16.62
CA GLN A 11 -12.36 -11.55 -15.50
C GLN A 11 -10.84 -11.57 -15.24
N SER A 12 -10.23 -10.39 -15.14
CA SER A 12 -8.76 -10.22 -15.04
C SER A 12 -8.39 -8.84 -14.44
N ILE A 13 -9.13 -8.40 -13.42
CA ILE A 13 -8.96 -7.08 -12.78
C ILE A 13 -7.65 -6.95 -11.99
N GLY A 14 -7.08 -5.75 -11.95
CA GLY A 14 -5.84 -5.42 -11.23
C GLY A 14 -6.08 -5.04 -9.76
N ALA A 15 -4.99 -4.98 -8.99
CA ALA A 15 -4.99 -4.63 -7.56
C ALA A 15 -4.84 -3.12 -7.28
N ALA A 16 -4.42 -2.33 -8.26
CA ALA A 16 -4.25 -0.87 -8.18
C ALA A 16 -5.63 -0.18 -8.20
N GLY A 17 -5.91 0.59 -7.14
CA GLY A 17 -7.20 1.26 -6.92
C GLY A 17 -8.20 0.38 -6.17
N SER A 18 -7.89 -0.90 -5.96
CA SER A 18 -8.66 -1.81 -5.12
C SER A 18 -8.30 -1.62 -3.63
N GLN A 19 -9.25 -1.87 -2.74
CA GLN A 19 -9.15 -1.54 -1.30
C GLN A 19 -9.59 -2.72 -0.41
N LYS A 20 -9.40 -3.95 -0.91
CA LYS A 20 -9.53 -5.17 -0.09
C LYS A 20 -8.35 -5.32 0.89
N GLU A 21 -8.38 -6.34 1.73
CA GLU A 21 -7.24 -6.74 2.55
C GLU A 21 -7.23 -8.23 2.90
N GLY A 22 -6.03 -8.72 3.20
CA GLY A 22 -5.65 -10.12 3.39
C GLY A 22 -5.54 -10.53 4.87
N PRO A 23 -4.88 -11.68 5.16
CA PRO A 23 -4.80 -12.26 6.49
C PRO A 23 -3.90 -11.46 7.45
N GLU A 24 -3.88 -11.85 8.73
CA GLU A 24 -3.04 -11.24 9.76
C GLU A 24 -1.55 -11.30 9.39
N GLY A 25 -0.90 -10.13 9.36
CA GLY A 25 0.51 -9.97 8.95
C GLY A 25 0.70 -9.57 7.49
N ALA A 26 -0.36 -9.61 6.66
CA ALA A 26 -0.28 -9.36 5.21
C ALA A 26 -0.64 -7.93 4.79
N ASN A 27 -0.98 -7.05 5.74
CA ASN A 27 -1.56 -5.73 5.49
C ASN A 27 -0.57 -4.62 5.89
N LEU A 28 -0.15 -3.79 4.92
CA LEU A 28 0.94 -2.83 5.01
C LEU A 28 0.47 -1.40 4.73
N PHE A 29 0.91 -0.45 5.55
CA PHE A 29 0.78 0.99 5.33
C PHE A 29 2.16 1.54 4.95
N ILE A 30 2.19 2.35 3.90
CA ILE A 30 3.40 2.84 3.20
C ILE A 30 3.46 4.36 3.32
N TYR A 31 4.64 4.93 3.57
CA TYR A 31 4.83 6.35 3.87
C TYR A 31 6.09 6.94 3.21
N HIS A 32 6.14 8.27 3.12
CA HIS A 32 7.16 9.09 2.45
C HIS A 32 7.23 8.87 0.91
N LEU A 33 6.11 8.45 0.30
CA LEU A 33 6.01 8.20 -1.15
C LEU A 33 6.17 9.50 -1.95
N PRO A 34 6.59 9.45 -3.23
CA PRO A 34 6.59 10.61 -4.11
C PRO A 34 5.19 11.23 -4.26
N GLN A 35 5.11 12.56 -4.40
CA GLN A 35 3.84 13.29 -4.53
C GLN A 35 3.11 13.01 -5.85
N GLU A 36 3.81 12.45 -6.84
CA GLU A 36 3.27 12.10 -8.16
C GLU A 36 2.91 10.60 -8.33
N PHE A 37 3.29 9.78 -7.35
CA PHE A 37 3.14 8.32 -7.37
C PHE A 37 1.66 7.90 -7.28
N GLY A 38 1.18 7.10 -8.24
CA GLY A 38 -0.20 6.60 -8.28
C GLY A 38 -0.34 5.15 -7.82
N ASP A 39 -1.57 4.64 -7.89
CA ASP A 39 -1.93 3.29 -7.44
C ASP A 39 -1.19 2.19 -8.23
N GLN A 40 -0.98 2.41 -9.53
CA GLN A 40 -0.25 1.48 -10.40
C GLN A 40 1.26 1.55 -10.18
N ASP A 41 1.80 2.71 -9.79
CA ASP A 41 3.22 2.86 -9.44
C ASP A 41 3.53 2.17 -8.11
N LEU A 42 2.64 2.29 -7.13
CA LEU A 42 2.72 1.55 -5.86
C LEU A 42 2.56 0.04 -6.07
N LEU A 43 1.67 -0.40 -6.97
CA LEU A 43 1.54 -1.80 -7.34
C LEU A 43 2.84 -2.34 -7.97
N GLN A 44 3.37 -1.65 -8.98
CA GLN A 44 4.61 -2.05 -9.66
C GLN A 44 5.84 -2.03 -8.71
N MET A 45 5.83 -1.19 -7.67
CA MET A 45 6.85 -1.16 -6.62
C MET A 45 6.78 -2.36 -5.66
N PHE A 46 5.59 -2.95 -5.43
CA PHE A 46 5.37 -3.99 -4.41
C PHE A 46 5.08 -5.40 -4.97
N MET A 47 4.70 -5.54 -6.26
CA MET A 47 4.58 -6.85 -6.92
C MET A 47 5.85 -7.73 -6.90
N PRO A 48 7.08 -7.20 -6.94
CA PRO A 48 8.32 -8.00 -6.86
C PRO A 48 8.48 -8.89 -5.61
N PHE A 49 7.70 -8.65 -4.55
CA PHE A 49 7.80 -9.39 -3.27
C PHE A 49 6.73 -10.48 -3.12
N GLY A 50 5.73 -10.51 -4.01
CA GLY A 50 4.72 -11.59 -4.11
C GLY A 50 3.33 -11.12 -4.53
N ASN A 51 2.33 -11.98 -4.28
CA ASN A 51 0.95 -11.81 -4.75
C ASN A 51 0.21 -10.68 -4.00
N VAL A 52 0.25 -9.47 -4.56
CA VAL A 52 -0.52 -8.30 -4.07
C VAL A 52 -2.01 -8.47 -4.39
N VAL A 53 -2.85 -8.32 -3.37
CA VAL A 53 -4.33 -8.41 -3.41
C VAL A 53 -4.98 -7.05 -3.66
N SER A 54 -4.39 -5.97 -3.12
CA SER A 54 -4.86 -4.58 -3.27
C SER A 54 -3.71 -3.60 -2.98
N ALA A 55 -3.69 -2.46 -3.69
CA ALA A 55 -2.69 -1.40 -3.57
C ALA A 55 -3.33 -0.04 -3.92
N LYS A 56 -3.06 0.97 -3.10
CA LYS A 56 -3.70 2.29 -3.21
C LYS A 56 -2.82 3.41 -2.61
N VAL A 57 -2.72 4.54 -3.28
CA VAL A 57 -2.11 5.79 -2.78
C VAL A 57 -3.24 6.78 -2.50
N PHE A 58 -3.19 7.47 -1.35
CA PHE A 58 -4.22 8.44 -0.94
C PHE A 58 -3.98 9.81 -1.60
N ILE A 59 -5.05 10.43 -2.09
CA ILE A 59 -5.02 11.63 -2.97
C ILE A 59 -5.69 12.82 -2.29
N ASP A 60 -5.07 14.00 -2.39
CA ASP A 60 -5.61 15.28 -1.93
C ASP A 60 -6.71 15.82 -2.87
N LYS A 61 -7.86 16.19 -2.28
CA LYS A 61 -9.06 16.60 -3.03
C LYS A 61 -9.03 18.06 -3.55
N GLN A 62 -7.98 18.83 -3.25
CA GLN A 62 -7.82 20.23 -3.65
C GLN A 62 -6.84 20.39 -4.84
N THR A 63 -5.95 19.40 -5.04
CA THR A 63 -4.85 19.44 -6.03
C THR A 63 -4.76 18.21 -6.93
N ASN A 64 -5.42 17.11 -6.55
CA ASN A 64 -5.34 15.78 -7.20
C ASN A 64 -3.94 15.13 -7.09
N LEU A 65 -3.08 15.63 -6.19
CA LEU A 65 -1.73 15.11 -5.91
C LEU A 65 -1.75 14.08 -4.79
N SER A 66 -0.73 13.23 -4.72
CA SER A 66 -0.65 12.17 -3.71
C SER A 66 -0.13 12.69 -2.36
N LYS A 67 -0.75 12.23 -1.27
CA LYS A 67 -0.47 12.68 0.12
C LYS A 67 0.86 12.16 0.71
N CYS A 68 1.67 11.46 -0.11
CA CYS A 68 2.94 10.80 0.24
C CYS A 68 2.76 9.56 1.14
N PHE A 69 1.55 8.98 1.20
CA PHE A 69 1.27 7.73 1.91
C PHE A 69 0.19 6.90 1.22
N GLY A 70 0.22 5.59 1.47
CA GLY A 70 -0.56 4.56 0.79
C GLY A 70 -0.74 3.28 1.62
N PHE A 71 -1.36 2.28 1.00
CA PHE A 71 -1.66 0.97 1.58
C PHE A 71 -1.42 -0.14 0.53
N VAL A 72 -0.94 -1.30 0.98
CA VAL A 72 -0.70 -2.50 0.16
C VAL A 72 -1.07 -3.73 0.98
N SER A 73 -1.69 -4.73 0.35
CA SER A 73 -2.04 -6.00 1.00
C SER A 73 -1.74 -7.21 0.10
N TYR A 74 -1.32 -8.33 0.70
CA TYR A 74 -0.92 -9.57 0.03
C TYR A 74 -1.83 -10.77 0.37
N ASP A 75 -1.71 -11.84 -0.42
CA ASP A 75 -2.38 -13.12 -0.19
C ASP A 75 -1.84 -13.89 1.05
N ASN A 76 -0.63 -13.55 1.51
CA ASN A 76 0.07 -14.17 2.64
C ASN A 76 0.95 -13.13 3.39
N PRO A 77 1.34 -13.38 4.65
CA PRO A 77 2.16 -12.44 5.41
C PRO A 77 3.65 -12.55 5.10
N VAL A 78 4.14 -13.65 4.51
CA VAL A 78 5.58 -13.83 4.21
C VAL A 78 6.00 -12.94 3.03
N SER A 79 5.20 -12.87 1.97
CA SER A 79 5.40 -11.93 0.84
C SER A 79 5.25 -10.46 1.27
N ALA A 80 4.37 -10.19 2.24
CA ALA A 80 4.19 -8.86 2.83
C ALA A 80 5.40 -8.43 3.66
N GLN A 81 5.88 -9.26 4.59
CA GLN A 81 7.04 -8.93 5.42
C GLN A 81 8.33 -8.84 4.60
N ALA A 82 8.45 -9.61 3.51
CA ALA A 82 9.54 -9.45 2.54
C ALA A 82 9.53 -8.05 1.87
N ALA A 83 8.35 -7.44 1.69
CA ALA A 83 8.25 -6.06 1.20
C ALA A 83 8.65 -5.05 2.28
N ILE A 84 8.27 -5.26 3.55
CA ILE A 84 8.73 -4.40 4.68
C ILE A 84 10.26 -4.42 4.75
N GLN A 85 10.88 -5.60 4.71
CA GLN A 85 12.32 -5.77 4.81
C GLN A 85 13.09 -5.28 3.56
N SER A 86 12.41 -5.07 2.43
CA SER A 86 13.03 -4.55 1.20
C SER A 86 12.82 -3.04 0.99
N MET A 87 11.70 -2.48 1.47
CA MET A 87 11.26 -1.11 1.14
C MET A 87 11.28 -0.14 2.33
N ASN A 88 11.28 -0.62 3.58
CA ASN A 88 11.44 0.26 4.74
C ASN A 88 12.90 0.79 4.79
N GLY A 89 13.05 2.10 4.58
CA GLY A 89 14.35 2.78 4.44
C GLY A 89 14.86 2.92 3.00
N PHE A 90 14.10 2.47 1.98
CA PHE A 90 14.49 2.57 0.56
C PHE A 90 14.58 4.03 0.09
N GLN A 91 15.73 4.46 -0.43
CA GLN A 91 15.93 5.84 -0.87
C GLN A 91 15.34 6.06 -2.27
N ILE A 92 14.56 7.13 -2.43
CA ILE A 92 13.89 7.50 -3.68
C ILE A 92 13.97 9.01 -3.89
N GLY A 93 15.09 9.45 -4.47
CA GLY A 93 15.48 10.85 -4.57
C GLY A 93 16.23 11.30 -3.32
N MET A 94 15.75 12.39 -2.70
CA MET A 94 16.36 13.03 -1.51
C MET A 94 15.65 12.63 -0.20
N LYS A 95 14.96 11.49 -0.20
CA LYS A 95 14.13 10.96 0.91
C LYS A 95 14.17 9.43 0.97
N ARG A 96 13.80 8.86 2.13
CA ARG A 96 13.73 7.41 2.35
C ARG A 96 12.32 6.98 2.75
N LEU A 97 11.80 5.95 2.06
CA LEU A 97 10.48 5.37 2.29
C LEU A 97 10.37 4.74 3.69
N LYS A 98 9.14 4.56 4.16
CA LYS A 98 8.80 3.93 5.43
C LYS A 98 7.63 2.95 5.24
N VAL A 99 7.67 1.77 5.87
CA VAL A 99 6.63 0.74 5.76
C VAL A 99 6.36 0.12 7.13
N GLN A 100 5.09 -0.10 7.49
CA GLN A 100 4.68 -0.75 8.75
C GLN A 100 3.45 -1.64 8.54
N LEU A 101 3.28 -2.63 9.42
CA LEU A 101 2.05 -3.45 9.51
C LEU A 101 0.85 -2.62 9.98
N LYS A 102 -0.35 -3.10 9.65
CA LYS A 102 -1.63 -2.54 10.13
C LYS A 102 -1.83 -2.72 11.65
N ARG A 103 -1.38 -3.85 12.21
CA ARG A 103 -1.67 -4.28 13.59
C ARG A 103 -0.47 -4.06 14.52
N SER A 104 -0.67 -3.21 15.53
CA SER A 104 0.35 -2.84 16.54
C SER A 104 -0.28 -2.51 17.92
N LYS A 105 -1.35 -1.70 17.94
CA LYS A 105 -2.07 -1.30 19.17
C LYS A 105 -3.58 -1.03 18.96
N ASN A 106 -4.03 -0.88 17.71
CA ASN A 106 -5.44 -0.62 17.36
C ASN A 106 -6.39 -1.81 17.64
N ASP A 107 -5.85 -3.01 17.86
CA ASP A 107 -6.60 -4.26 18.09
C ASP A 107 -6.11 -5.04 19.33
N SER A 108 -5.28 -4.43 20.18
CA SER A 108 -4.74 -5.02 21.41
C SER A 108 -4.12 -3.96 22.34
N LYS A 109 -4.46 -4.02 23.63
CA LYS A 109 -3.84 -3.20 24.69
C LYS A 109 -2.55 -3.84 25.27
N SER A 110 -2.11 -4.97 24.73
CA SER A 110 -0.97 -5.80 25.20
C SER A 110 -1.27 -6.50 26.55
N GLY A 111 -0.24 -7.11 27.16
CA GLY A 111 -0.34 -7.88 28.42
C GLY A 111 -0.43 -7.01 29.69
N PRO A 112 -0.54 -7.65 30.88
CA PRO A 112 -0.65 -6.99 32.17
C PRO A 112 0.53 -6.07 32.50
N SER A 113 0.30 -5.09 33.38
CA SER A 113 1.27 -4.08 33.82
C SER A 113 0.84 -3.43 35.16
N SER A 114 1.77 -2.73 35.83
CA SER A 114 1.59 -2.06 37.14
C SER A 114 2.73 -1.05 37.39
N GLY A 115 2.46 -0.04 38.25
CA GLY A 115 3.43 1.01 38.62
C GLY A 115 2.86 1.98 39.65
N GLY A 1 -13.20 -8.03 -31.38
CA GLY A 1 -14.52 -8.03 -30.73
C GLY A 1 -15.07 -6.62 -30.59
N SER A 2 -16.38 -6.42 -30.80
CA SER A 2 -17.01 -5.09 -30.91
C SER A 2 -18.28 -4.93 -30.04
N SER A 3 -18.56 -5.88 -29.15
CA SER A 3 -19.73 -5.90 -28.24
C SER A 3 -19.52 -6.88 -27.08
N GLY A 4 -20.32 -6.74 -26.01
CA GLY A 4 -20.32 -7.62 -24.82
C GLY A 4 -19.17 -7.34 -23.85
N SER A 5 -17.94 -7.34 -24.37
CA SER A 5 -16.71 -7.03 -23.61
C SER A 5 -16.41 -5.51 -23.53
N SER A 6 -17.22 -4.67 -24.17
CA SER A 6 -17.03 -3.21 -24.23
C SER A 6 -17.32 -2.48 -22.90
N GLY A 7 -17.95 -3.16 -21.92
CA GLY A 7 -18.30 -2.62 -20.59
C GLY A 7 -17.11 -2.63 -19.63
N LEU A 8 -16.02 -1.94 -19.99
CA LEU A 8 -14.75 -1.92 -19.26
C LEU A 8 -14.78 -1.06 -17.97
N THR A 9 -15.83 -0.26 -17.76
CA THR A 9 -16.02 0.62 -16.58
C THR A 9 -16.54 -0.21 -15.40
N GLN A 10 -15.64 -0.94 -14.75
CA GLN A 10 -15.91 -1.87 -13.65
C GLN A 10 -14.70 -1.91 -12.68
N GLN A 11 -14.87 -2.58 -11.52
CA GLN A 11 -13.82 -2.76 -10.51
C GLN A 11 -12.84 -3.90 -10.86
N SER A 12 -12.81 -4.36 -12.11
CA SER A 12 -11.99 -5.48 -12.61
C SER A 12 -10.54 -5.07 -12.97
N ILE A 13 -10.12 -3.85 -12.64
CA ILE A 13 -8.79 -3.29 -12.92
C ILE A 13 -7.66 -3.86 -12.05
N GLY A 14 -7.99 -4.68 -11.04
CA GLY A 14 -7.03 -5.37 -10.17
C GLY A 14 -6.69 -4.60 -8.89
N ALA A 15 -5.53 -4.90 -8.32
CA ALA A 15 -5.09 -4.42 -7.00
C ALA A 15 -4.86 -2.89 -6.93
N ALA A 16 -4.41 -2.27 -8.02
CA ALA A 16 -4.21 -0.82 -8.11
C ALA A 16 -5.57 -0.11 -8.16
N GLY A 17 -5.90 0.60 -7.08
CA GLY A 17 -7.21 1.24 -6.89
C GLY A 17 -8.19 0.39 -6.09
N SER A 18 -7.82 -0.84 -5.71
CA SER A 18 -8.57 -1.64 -4.74
C SER A 18 -8.46 -1.04 -3.32
N GLN A 19 -9.46 -1.30 -2.49
CA GLN A 19 -9.45 -1.03 -1.05
C GLN A 19 -9.83 -2.31 -0.26
N LYS A 20 -9.57 -3.47 -0.86
CA LYS A 20 -9.62 -4.79 -0.22
C LYS A 20 -8.41 -4.99 0.73
N GLU A 21 -8.33 -6.14 1.38
CA GLU A 21 -7.13 -6.56 2.12
C GLU A 21 -7.05 -8.09 2.31
N GLY A 22 -5.87 -8.56 2.72
CA GLY A 22 -5.54 -9.97 2.93
C GLY A 22 -5.59 -10.43 4.39
N PRO A 23 -4.99 -11.59 4.73
CA PRO A 23 -5.03 -12.17 6.07
C PRO A 23 -4.14 -11.41 7.08
N GLU A 24 -4.21 -11.83 8.35
CA GLU A 24 -3.41 -11.26 9.44
C GLU A 24 -1.91 -11.36 9.15
N GLY A 25 -1.21 -10.22 9.21
CA GLY A 25 0.23 -10.10 8.90
C GLY A 25 0.54 -9.70 7.46
N ALA A 26 -0.46 -9.71 6.56
CA ALA A 26 -0.28 -9.48 5.12
C ALA A 26 -0.58 -8.05 4.65
N ASN A 27 -1.00 -7.15 5.56
CA ASN A 27 -1.55 -5.83 5.25
C ASN A 27 -0.61 -4.72 5.75
N LEU A 28 -0.18 -3.85 4.83
CA LEU A 28 0.89 -2.85 4.99
C LEU A 28 0.41 -1.43 4.73
N PHE A 29 0.95 -0.49 5.52
CA PHE A 29 0.85 0.96 5.31
C PHE A 29 2.24 1.49 4.94
N ILE A 30 2.28 2.36 3.93
CA ILE A 30 3.49 2.84 3.25
C ILE A 30 3.56 4.36 3.42
N TYR A 31 4.74 4.92 3.70
CA TYR A 31 4.91 6.35 4.00
C TYR A 31 6.15 6.97 3.34
N HIS A 32 6.18 8.30 3.26
CA HIS A 32 7.20 9.15 2.62
C HIS A 32 7.31 8.95 1.09
N LEU A 33 6.21 8.53 0.43
CA LEU A 33 6.12 8.30 -1.02
C LEU A 33 6.28 9.62 -1.81
N PRO A 34 6.64 9.57 -3.11
CA PRO A 34 6.60 10.73 -3.99
C PRO A 34 5.19 11.34 -4.09
N GLN A 35 5.10 12.65 -4.29
CA GLN A 35 3.84 13.40 -4.42
C GLN A 35 3.08 13.14 -5.73
N GLU A 36 3.72 12.42 -6.65
CA GLU A 36 3.26 12.08 -8.00
C GLU A 36 2.99 10.57 -8.21
N PHE A 37 3.32 9.76 -7.21
CA PHE A 37 3.16 8.30 -7.22
C PHE A 37 1.68 7.91 -7.16
N GLY A 38 1.20 7.10 -8.11
CA GLY A 38 -0.18 6.62 -8.17
C GLY A 38 -0.34 5.16 -7.73
N ASP A 39 -1.58 4.66 -7.80
CA ASP A 39 -1.95 3.31 -7.37
C ASP A 39 -1.21 2.20 -8.16
N GLN A 40 -0.99 2.43 -9.46
CA GLN A 40 -0.27 1.52 -10.34
C GLN A 40 1.24 1.58 -10.12
N ASP A 41 1.79 2.74 -9.74
CA ASP A 41 3.21 2.89 -9.40
C ASP A 41 3.53 2.17 -8.08
N LEU A 42 2.64 2.27 -7.08
CA LEU A 42 2.75 1.53 -5.83
C LEU A 42 2.58 0.03 -6.04
N LEU A 43 1.69 -0.41 -6.95
CA LEU A 43 1.56 -1.81 -7.32
C LEU A 43 2.85 -2.33 -7.97
N GLN A 44 3.39 -1.62 -8.97
CA GLN A 44 4.63 -1.99 -9.65
C GLN A 44 5.85 -1.98 -8.71
N MET A 45 5.84 -1.16 -7.65
CA MET A 45 6.87 -1.13 -6.61
C MET A 45 6.80 -2.34 -5.66
N PHE A 46 5.62 -2.93 -5.44
CA PHE A 46 5.39 -3.98 -4.42
C PHE A 46 5.12 -5.39 -5.00
N MET A 47 4.75 -5.53 -6.28
CA MET A 47 4.66 -6.84 -6.95
C MET A 47 5.93 -7.72 -6.91
N PRO A 48 7.17 -7.18 -6.92
CA PRO A 48 8.40 -7.96 -6.83
C PRO A 48 8.56 -8.85 -5.58
N PHE A 49 7.75 -8.64 -4.52
CA PHE A 49 7.84 -9.41 -3.26
C PHE A 49 6.78 -10.50 -3.12
N GLY A 50 5.81 -10.55 -4.05
CA GLY A 50 4.81 -11.64 -4.17
C GLY A 50 3.43 -11.17 -4.62
N ASN A 51 2.42 -12.02 -4.37
CA ASN A 51 1.05 -11.84 -4.85
C ASN A 51 0.32 -10.70 -4.11
N VAL A 52 0.33 -9.50 -4.69
CA VAL A 52 -0.38 -8.31 -4.19
C VAL A 52 -1.88 -8.41 -4.52
N VAL A 53 -2.72 -8.24 -3.49
CA VAL A 53 -4.19 -8.30 -3.51
C VAL A 53 -4.81 -6.90 -3.54
N SER A 54 -4.12 -5.88 -3.03
CA SER A 54 -4.58 -4.49 -2.96
C SER A 54 -3.39 -3.52 -2.94
N ALA A 55 -3.52 -2.35 -3.57
CA ALA A 55 -2.49 -1.31 -3.65
C ALA A 55 -3.15 0.05 -3.94
N LYS A 56 -2.85 1.05 -3.12
CA LYS A 56 -3.53 2.35 -3.16
C LYS A 56 -2.64 3.48 -2.58
N VAL A 57 -2.63 4.64 -3.23
CA VAL A 57 -2.03 5.90 -2.73
C VAL A 57 -3.15 6.90 -2.48
N PHE A 58 -3.10 7.59 -1.34
CA PHE A 58 -4.13 8.57 -0.95
C PHE A 58 -3.85 9.94 -1.57
N ILE A 59 -4.91 10.61 -2.05
CA ILE A 59 -4.83 11.84 -2.88
C ILE A 59 -5.53 13.00 -2.17
N ASP A 60 -4.90 14.18 -2.15
CA ASP A 60 -5.49 15.41 -1.59
C ASP A 60 -6.42 16.10 -2.60
N LYS A 61 -7.66 16.36 -2.20
CA LYS A 61 -8.69 16.91 -3.10
C LYS A 61 -8.53 18.41 -3.40
N GLN A 62 -7.57 19.10 -2.76
CA GLN A 62 -7.26 20.51 -3.00
C GLN A 62 -6.24 20.70 -4.16
N THR A 63 -5.42 19.68 -4.45
CA THR A 63 -4.28 19.76 -5.39
C THR A 63 -4.20 18.61 -6.39
N ASN A 64 -4.95 17.52 -6.17
CA ASN A 64 -4.89 16.23 -6.87
C ASN A 64 -3.51 15.52 -6.76
N LEU A 65 -2.64 15.99 -5.87
CA LEU A 65 -1.34 15.38 -5.56
C LEU A 65 -1.48 14.28 -4.51
N SER A 66 -0.54 13.34 -4.51
CA SER A 66 -0.48 12.24 -3.55
C SER A 66 0.05 12.71 -2.19
N LYS A 67 -0.58 12.26 -1.10
CA LYS A 67 -0.30 12.70 0.28
C LYS A 67 1.03 12.16 0.88
N CYS A 68 1.84 11.49 0.06
CA CYS A 68 3.09 10.79 0.42
C CYS A 68 2.85 9.55 1.31
N PHE A 69 1.64 9.00 1.36
CA PHE A 69 1.35 7.75 2.05
C PHE A 69 0.29 6.91 1.31
N GLY A 70 0.32 5.60 1.55
CA GLY A 70 -0.43 4.57 0.84
C GLY A 70 -0.64 3.29 1.65
N PHE A 71 -1.25 2.31 1.01
CA PHE A 71 -1.65 1.01 1.57
C PHE A 71 -1.41 -0.10 0.55
N VAL A 72 -0.97 -1.28 1.00
CA VAL A 72 -0.69 -2.47 0.17
C VAL A 72 -1.09 -3.72 0.95
N SER A 73 -1.65 -4.73 0.30
CA SER A 73 -1.99 -6.02 0.93
C SER A 73 -1.64 -7.21 0.03
N TYR A 74 -1.19 -8.31 0.64
CA TYR A 74 -0.79 -9.56 -0.04
C TYR A 74 -1.73 -10.73 0.25
N ASP A 75 -1.60 -11.79 -0.54
CA ASP A 75 -2.28 -13.08 -0.31
C ASP A 75 -1.72 -13.87 0.89
N ASN A 76 -0.49 -13.54 1.34
CA ASN A 76 0.21 -14.20 2.46
C ASN A 76 1.13 -13.21 3.20
N PRO A 77 1.42 -13.44 4.50
CA PRO A 77 2.22 -12.51 5.31
C PRO A 77 3.73 -12.62 5.09
N VAL A 78 4.22 -13.72 4.49
CA VAL A 78 5.64 -13.87 4.11
C VAL A 78 5.97 -12.98 2.90
N SER A 79 5.07 -12.91 1.92
CA SER A 79 5.17 -11.99 0.76
C SER A 79 5.14 -10.52 1.21
N ALA A 80 4.39 -10.24 2.28
CA ALA A 80 4.28 -8.92 2.88
C ALA A 80 5.55 -8.54 3.66
N GLN A 81 6.05 -9.41 4.54
CA GLN A 81 7.30 -9.19 5.27
C GLN A 81 8.49 -9.01 4.31
N ALA A 82 8.55 -9.78 3.21
CA ALA A 82 9.56 -9.60 2.17
C ALA A 82 9.56 -8.19 1.55
N ALA A 83 8.42 -7.49 1.55
CA ALA A 83 8.32 -6.10 1.15
C ALA A 83 8.75 -5.15 2.28
N ILE A 84 8.31 -5.38 3.53
CA ILE A 84 8.71 -4.52 4.68
C ILE A 84 10.24 -4.51 4.82
N GLN A 85 10.87 -5.69 4.83
CA GLN A 85 12.32 -5.81 5.05
C GLN A 85 13.16 -5.37 3.84
N SER A 86 12.55 -5.15 2.67
CA SER A 86 13.22 -4.64 1.47
C SER A 86 12.99 -3.14 1.22
N MET A 87 11.83 -2.60 1.63
CA MET A 87 11.37 -1.24 1.26
C MET A 87 11.35 -0.24 2.41
N ASN A 88 11.35 -0.70 3.66
CA ASN A 88 11.49 0.19 4.81
C ASN A 88 12.91 0.80 4.84
N GLY A 89 13.03 2.10 4.55
CA GLY A 89 14.29 2.82 4.34
C GLY A 89 14.77 2.89 2.89
N PHE A 90 13.96 2.50 1.90
CA PHE A 90 14.31 2.59 0.47
C PHE A 90 14.47 4.06 0.03
N GLN A 91 15.62 4.42 -0.54
CA GLN A 91 15.89 5.79 -0.98
C GLN A 91 15.22 6.08 -2.34
N ILE A 92 14.50 7.20 -2.44
CA ILE A 92 13.78 7.63 -3.64
C ILE A 92 13.72 9.16 -3.73
N GLY A 93 14.02 9.73 -4.91
CA GLY A 93 14.08 11.17 -5.12
C GLY A 93 15.21 11.81 -4.30
N MET A 94 14.85 12.44 -3.19
CA MET A 94 15.75 13.11 -2.23
C MET A 94 15.49 12.68 -0.78
N LYS A 95 14.78 11.56 -0.57
CA LYS A 95 14.29 11.07 0.73
C LYS A 95 14.28 9.53 0.83
N ARG A 96 13.78 8.99 1.95
CA ARG A 96 13.69 7.54 2.23
C ARG A 96 12.28 7.14 2.66
N LEU A 97 11.78 6.04 2.11
CA LEU A 97 10.47 5.46 2.40
C LEU A 97 10.43 4.84 3.81
N LYS A 98 9.21 4.61 4.31
CA LYS A 98 8.93 3.82 5.53
C LYS A 98 7.77 2.85 5.24
N VAL A 99 7.77 1.67 5.87
CA VAL A 99 6.73 0.65 5.73
C VAL A 99 6.42 0.03 7.09
N GLN A 100 5.15 -0.19 7.42
CA GLN A 100 4.70 -0.84 8.66
C GLN A 100 3.51 -1.75 8.41
N LEU A 101 3.27 -2.69 9.34
CA LEU A 101 2.03 -3.48 9.39
C LEU A 101 0.82 -2.60 9.78
N LYS A 102 -0.38 -3.06 9.43
CA LYS A 102 -1.66 -2.46 9.85
C LYS A 102 -1.75 -2.30 11.39
N ARG A 103 -1.99 -1.05 11.83
CA ARG A 103 -2.03 -0.62 13.24
C ARG A 103 -2.68 0.77 13.36
N SER A 104 -3.40 1.03 14.43
CA SER A 104 -4.08 2.30 14.72
C SER A 104 -4.36 2.47 16.23
N LYS A 105 -4.74 3.68 16.65
CA LYS A 105 -4.98 4.07 18.05
C LYS A 105 -6.16 5.07 18.20
N ASN A 106 -6.98 5.24 17.16
CA ASN A 106 -8.11 6.18 17.12
C ASN A 106 -9.21 5.74 16.13
N ASP A 107 -10.48 5.94 16.50
CA ASP A 107 -11.67 5.60 15.71
C ASP A 107 -12.83 6.62 15.87
N SER A 108 -12.57 7.77 16.51
CA SER A 108 -13.55 8.83 16.79
C SER A 108 -12.85 10.13 17.22
N LYS A 109 -13.43 11.28 16.88
CA LYS A 109 -12.85 12.63 17.10
C LYS A 109 -13.86 13.61 17.74
N SER A 110 -14.84 13.09 18.47
CA SER A 110 -15.89 13.85 19.16
C SER A 110 -16.41 13.08 20.40
N GLY A 111 -17.03 13.79 21.35
CA GLY A 111 -17.47 13.26 22.65
C GLY A 111 -17.56 14.32 23.76
N PRO A 112 -17.41 13.95 25.04
CA PRO A 112 -17.53 14.86 26.18
C PRO A 112 -16.27 15.73 26.42
N SER A 113 -15.20 15.55 25.64
CA SER A 113 -13.91 16.24 25.77
C SER A 113 -13.30 16.53 24.37
N SER A 114 -12.42 17.55 24.29
CA SER A 114 -11.62 17.90 23.09
C SER A 114 -12.42 18.46 21.90
N GLY A 115 -13.71 18.80 22.11
CA GLY A 115 -14.61 19.42 21.13
C GLY A 115 -15.99 19.76 21.67
N GLY A 1 -10.86 -33.68 -23.00
CA GLY A 1 -11.99 -33.58 -22.06
C GLY A 1 -12.01 -32.24 -21.34
N SER A 2 -13.13 -31.89 -20.72
CA SER A 2 -13.36 -30.57 -20.10
C SER A 2 -12.46 -30.27 -18.88
N SER A 3 -11.87 -31.31 -18.26
CA SER A 3 -10.88 -31.18 -17.19
C SER A 3 -9.54 -30.56 -17.64
N GLY A 4 -9.33 -30.38 -18.95
CA GLY A 4 -8.20 -29.64 -19.55
C GLY A 4 -8.40 -28.12 -19.59
N SER A 5 -9.52 -27.61 -19.08
CA SER A 5 -9.87 -26.17 -19.05
C SER A 5 -10.35 -25.73 -17.65
N SER A 6 -10.16 -24.45 -17.32
CA SER A 6 -10.55 -23.84 -16.02
C SER A 6 -10.58 -22.30 -16.12
N GLY A 7 -11.23 -21.65 -15.15
CA GLY A 7 -11.37 -20.18 -15.07
C GLY A 7 -10.20 -19.49 -14.36
N LEU A 8 -10.24 -18.15 -14.33
CA LEU A 8 -9.25 -17.30 -13.64
C LEU A 8 -9.35 -17.47 -12.12
N THR A 9 -8.24 -17.85 -11.47
CA THR A 9 -8.18 -18.20 -10.03
C THR A 9 -8.32 -17.00 -9.09
N GLN A 10 -7.78 -15.83 -9.47
CA GLN A 10 -7.84 -14.58 -8.71
C GLN A 10 -7.83 -13.38 -9.67
N GLN A 11 -8.58 -12.33 -9.33
CA GLN A 11 -8.69 -11.09 -10.13
C GLN A 11 -7.79 -9.97 -9.57
N SER A 12 -6.76 -10.32 -8.79
CA SER A 12 -5.86 -9.38 -8.10
C SER A 12 -4.98 -8.51 -9.01
N ILE A 13 -5.11 -8.68 -10.33
CA ILE A 13 -4.53 -7.80 -11.37
C ILE A 13 -5.18 -6.40 -11.39
N GLY A 14 -6.31 -6.21 -10.68
CA GLY A 14 -7.00 -4.94 -10.46
C GLY A 14 -6.65 -4.27 -9.13
N ALA A 15 -5.56 -4.70 -8.46
CA ALA A 15 -5.15 -4.22 -7.13
C ALA A 15 -4.97 -2.69 -7.02
N ALA A 16 -4.41 -2.05 -8.05
CA ALA A 16 -4.17 -0.59 -8.08
C ALA A 16 -5.48 0.20 -8.08
N GLY A 17 -5.69 1.00 -7.04
CA GLY A 17 -6.87 1.82 -6.80
C GLY A 17 -7.93 1.11 -5.95
N SER A 18 -7.76 -0.17 -5.66
CA SER A 18 -8.66 -0.96 -4.81
C SER A 18 -8.35 -0.80 -3.31
N GLN A 19 -9.22 -1.34 -2.45
CA GLN A 19 -9.09 -1.31 -0.99
C GLN A 19 -9.41 -2.68 -0.37
N LYS A 20 -9.09 -3.76 -1.09
CA LYS A 20 -9.12 -5.13 -0.57
C LYS A 20 -8.00 -5.38 0.47
N GLU A 21 -8.11 -6.50 1.21
CA GLU A 21 -7.12 -6.88 2.21
C GLU A 21 -6.88 -8.40 2.28
N GLY A 22 -5.70 -8.77 2.78
CA GLY A 22 -5.27 -10.15 3.05
C GLY A 22 -5.40 -10.56 4.52
N PRO A 23 -4.83 -11.72 4.90
CA PRO A 23 -4.88 -12.24 6.28
C PRO A 23 -4.07 -11.40 7.27
N GLU A 24 -4.13 -11.75 8.55
CA GLU A 24 -3.42 -11.07 9.64
C GLU A 24 -1.90 -11.07 9.40
N GLY A 25 -1.31 -9.86 9.34
CA GLY A 25 0.12 -9.64 9.05
C GLY A 25 0.45 -9.45 7.57
N ALA A 26 -0.55 -9.52 6.66
CA ALA A 26 -0.38 -9.34 5.22
C ALA A 26 -0.75 -7.93 4.71
N ASN A 27 -1.03 -6.98 5.61
CA ASN A 27 -1.56 -5.64 5.31
C ASN A 27 -0.59 -4.54 5.76
N LEU A 28 -0.15 -3.69 4.83
CA LEU A 28 0.93 -2.72 4.97
C LEU A 28 0.48 -1.29 4.65
N PHE A 29 0.97 -0.33 5.43
CA PHE A 29 0.88 1.11 5.17
C PHE A 29 2.29 1.64 4.84
N ILE A 30 2.39 2.43 3.78
CA ILE A 30 3.64 2.92 3.17
C ILE A 30 3.64 4.45 3.25
N TYR A 31 4.75 5.05 3.65
CA TYR A 31 4.88 6.49 3.90
C TYR A 31 6.15 7.08 3.25
N HIS A 32 6.11 8.40 3.01
CA HIS A 32 7.17 9.24 2.43
C HIS A 32 7.36 9.05 0.90
N LEU A 33 6.30 8.67 0.19
CA LEU A 33 6.31 8.41 -1.27
C LEU A 33 6.60 9.69 -2.08
N PRO A 34 7.09 9.59 -3.33
CA PRO A 34 7.20 10.71 -4.26
C PRO A 34 5.85 11.41 -4.47
N GLN A 35 5.88 12.71 -4.80
CA GLN A 35 4.66 13.49 -5.04
C GLN A 35 3.91 13.04 -6.31
N GLU A 36 4.64 12.52 -7.30
CA GLU A 36 4.10 12.05 -8.59
C GLU A 36 3.58 10.59 -8.58
N PHE A 37 3.85 9.85 -7.50
CA PHE A 37 3.52 8.43 -7.36
C PHE A 37 2.00 8.19 -7.28
N GLY A 38 1.49 7.28 -8.11
CA GLY A 38 0.09 6.82 -8.10
C GLY A 38 -0.06 5.36 -7.70
N ASP A 39 -1.29 4.86 -7.78
CA ASP A 39 -1.67 3.50 -7.33
C ASP A 39 -0.96 2.38 -8.12
N GLN A 40 -0.75 2.62 -9.42
CA GLN A 40 -0.05 1.67 -10.30
C GLN A 40 1.47 1.70 -10.09
N ASP A 41 2.04 2.85 -9.72
CA ASP A 41 3.46 2.96 -9.37
C ASP A 41 3.77 2.20 -8.08
N LEU A 42 2.88 2.32 -7.08
CA LEU A 42 2.97 1.56 -5.82
C LEU A 42 2.79 0.05 -6.07
N LEU A 43 1.85 -0.35 -6.94
CA LEU A 43 1.68 -1.75 -7.32
C LEU A 43 2.93 -2.32 -7.99
N GLN A 44 3.45 -1.63 -9.02
CA GLN A 44 4.62 -2.08 -9.77
C GLN A 44 5.91 -2.15 -8.91
N MET A 45 6.01 -1.32 -7.87
CA MET A 45 7.14 -1.34 -6.94
C MET A 45 7.03 -2.43 -5.85
N PHE A 46 5.83 -2.96 -5.58
CA PHE A 46 5.57 -3.95 -4.51
C PHE A 46 5.23 -5.37 -5.01
N MET A 47 4.81 -5.56 -6.27
CA MET A 47 4.68 -6.89 -6.88
C MET A 47 5.95 -7.78 -6.86
N PRO A 48 7.19 -7.25 -6.92
CA PRO A 48 8.42 -8.04 -6.80
C PRO A 48 8.57 -8.86 -5.51
N PHE A 49 7.80 -8.58 -4.45
CA PHE A 49 7.88 -9.30 -3.16
C PHE A 49 6.81 -10.40 -3.01
N GLY A 50 5.85 -10.46 -3.94
CA GLY A 50 4.87 -11.55 -4.07
C GLY A 50 3.49 -11.10 -4.55
N ASN A 51 2.50 -11.97 -4.34
CA ASN A 51 1.13 -11.80 -4.83
C ASN A 51 0.38 -10.67 -4.09
N VAL A 52 0.39 -9.46 -4.65
CA VAL A 52 -0.32 -8.28 -4.14
C VAL A 52 -1.83 -8.44 -4.42
N VAL A 53 -2.64 -8.23 -3.37
CA VAL A 53 -4.11 -8.29 -3.36
C VAL A 53 -4.74 -6.90 -3.57
N SER A 54 -4.10 -5.85 -3.07
CA SER A 54 -4.56 -4.46 -3.21
C SER A 54 -3.38 -3.48 -3.09
N ALA A 55 -3.46 -2.32 -3.76
CA ALA A 55 -2.46 -1.26 -3.74
C ALA A 55 -3.13 0.10 -3.96
N LYS A 56 -2.80 1.09 -3.13
CA LYS A 56 -3.52 2.36 -3.08
C LYS A 56 -2.61 3.52 -2.63
N VAL A 57 -2.73 4.69 -3.24
CA VAL A 57 -2.11 5.95 -2.81
C VAL A 57 -3.24 6.95 -2.54
N PHE A 58 -3.23 7.54 -1.35
CA PHE A 58 -4.29 8.44 -0.88
C PHE A 58 -4.13 9.85 -1.45
N ILE A 59 -5.25 10.51 -1.76
CA ILE A 59 -5.31 11.77 -2.53
C ILE A 59 -5.97 12.88 -1.68
N ASP A 60 -5.39 14.07 -1.68
CA ASP A 60 -5.92 15.25 -0.96
C ASP A 60 -7.07 15.92 -1.75
N LYS A 61 -8.21 16.14 -1.07
CA LYS A 61 -9.44 16.65 -1.70
C LYS A 61 -9.40 18.15 -2.09
N GLN A 62 -8.36 18.90 -1.68
CA GLN A 62 -8.21 20.33 -1.99
C GLN A 62 -7.27 20.61 -3.18
N THR A 63 -6.45 19.62 -3.59
CA THR A 63 -5.45 19.76 -4.67
C THR A 63 -5.55 18.66 -5.74
N ASN A 64 -6.18 17.52 -5.41
CA ASN A 64 -6.24 16.30 -6.23
C ASN A 64 -4.86 15.61 -6.39
N LEU A 65 -3.89 15.93 -5.52
CA LEU A 65 -2.53 15.38 -5.51
C LEU A 65 -2.36 14.30 -4.42
N SER A 66 -1.39 13.42 -4.62
CA SER A 66 -1.06 12.35 -3.67
C SER A 66 -0.53 12.90 -2.34
N LYS A 67 -0.93 12.29 -1.21
CA LYS A 67 -0.54 12.69 0.15
C LYS A 67 0.87 12.21 0.57
N CYS A 68 1.61 11.55 -0.33
CA CYS A 68 2.89 10.87 -0.09
C CYS A 68 2.79 9.66 0.87
N PHE A 69 1.60 9.07 1.00
CA PHE A 69 1.39 7.82 1.73
C PHE A 69 0.28 6.97 1.11
N GLY A 70 0.36 5.66 1.34
CA GLY A 70 -0.44 4.62 0.69
C GLY A 70 -0.59 3.35 1.52
N PHE A 71 -1.19 2.33 0.90
CA PHE A 71 -1.49 1.02 1.47
C PHE A 71 -1.23 -0.08 0.43
N VAL A 72 -0.78 -1.25 0.89
CA VAL A 72 -0.56 -2.45 0.06
C VAL A 72 -0.94 -3.70 0.87
N SER A 73 -1.61 -4.67 0.27
CA SER A 73 -1.95 -5.95 0.91
C SER A 73 -1.57 -7.15 0.03
N TYR A 74 -1.31 -8.30 0.65
CA TYR A 74 -0.83 -9.53 -0.01
C TYR A 74 -1.69 -10.75 0.28
N ASP A 75 -1.54 -11.78 -0.56
CA ASP A 75 -2.19 -13.09 -0.41
C ASP A 75 -1.64 -13.90 0.80
N ASN A 76 -0.45 -13.53 1.30
CA ASN A 76 0.22 -14.17 2.45
C ASN A 76 1.03 -13.13 3.29
N PRO A 77 1.20 -13.37 4.62
CA PRO A 77 2.00 -12.50 5.49
C PRO A 77 3.51 -12.48 5.16
N VAL A 78 4.02 -13.57 4.58
CA VAL A 78 5.45 -13.72 4.25
C VAL A 78 5.82 -12.87 3.03
N SER A 79 4.94 -12.79 2.02
CA SER A 79 5.08 -11.88 0.87
C SER A 79 5.03 -10.42 1.30
N ALA A 80 4.26 -10.12 2.35
CA ALA A 80 4.16 -8.79 2.95
C ALA A 80 5.41 -8.42 3.75
N GLN A 81 5.91 -9.29 4.63
CA GLN A 81 7.17 -9.09 5.36
C GLN A 81 8.36 -8.93 4.39
N ALA A 82 8.39 -9.68 3.29
CA ALA A 82 9.41 -9.53 2.26
C ALA A 82 9.42 -8.13 1.63
N ALA A 83 8.29 -7.41 1.61
CA ALA A 83 8.23 -6.01 1.22
C ALA A 83 8.68 -5.08 2.34
N ILE A 84 8.25 -5.30 3.59
CA ILE A 84 8.69 -4.44 4.74
C ILE A 84 10.21 -4.45 4.88
N GLN A 85 10.83 -5.64 4.87
CA GLN A 85 12.26 -5.79 5.07
C GLN A 85 13.10 -5.36 3.85
N SER A 86 12.47 -5.11 2.70
CA SER A 86 13.13 -4.59 1.49
C SER A 86 12.88 -3.09 1.24
N MET A 87 11.75 -2.56 1.70
CA MET A 87 11.26 -1.20 1.36
C MET A 87 11.27 -0.20 2.51
N ASN A 88 11.30 -0.65 3.76
CA ASN A 88 11.45 0.25 4.91
C ASN A 88 12.89 0.81 4.94
N GLY A 89 13.03 2.11 4.65
CA GLY A 89 14.32 2.80 4.46
C GLY A 89 14.78 2.92 3.00
N PHE A 90 14.00 2.45 2.02
CA PHE A 90 14.36 2.47 0.59
C PHE A 90 14.51 3.90 0.06
N GLN A 91 15.66 4.21 -0.55
CA GLN A 91 15.97 5.55 -1.05
C GLN A 91 15.27 5.78 -2.40
N ILE A 92 14.51 6.87 -2.49
CA ILE A 92 13.73 7.26 -3.68
C ILE A 92 13.65 8.79 -3.79
N GLY A 93 13.87 9.32 -4.98
CA GLY A 93 13.99 10.78 -5.18
C GLY A 93 15.17 11.35 -4.38
N MET A 94 14.87 12.29 -3.48
CA MET A 94 15.83 12.91 -2.55
C MET A 94 15.67 12.45 -1.08
N LYS A 95 14.91 11.37 -0.84
CA LYS A 95 14.48 10.93 0.49
C LYS A 95 14.45 9.38 0.65
N ARG A 96 13.93 8.88 1.78
CA ARG A 96 13.77 7.45 2.09
C ARG A 96 12.34 7.12 2.54
N LEU A 97 11.83 5.96 2.12
CA LEU A 97 10.50 5.46 2.46
C LEU A 97 10.45 4.87 3.88
N LYS A 98 9.23 4.72 4.40
CA LYS A 98 8.91 3.98 5.63
C LYS A 98 7.73 3.01 5.36
N VAL A 99 7.74 1.82 5.94
CA VAL A 99 6.70 0.78 5.75
C VAL A 99 6.39 0.13 7.10
N GLN A 100 5.10 -0.11 7.38
CA GLN A 100 4.58 -0.51 8.69
C GLN A 100 3.36 -1.43 8.52
N LEU A 101 3.24 -2.44 9.39
CA LEU A 101 2.04 -3.29 9.49
C LEU A 101 0.81 -2.52 9.97
N LYS A 102 -0.37 -2.98 9.55
CA LYS A 102 -1.66 -2.50 10.07
C LYS A 102 -1.73 -2.55 11.60
N ARG A 103 -1.92 -1.38 12.24
CA ARG A 103 -1.78 -1.18 13.69
C ARG A 103 -2.92 -1.80 14.50
N SER A 104 -2.59 -2.33 15.68
CA SER A 104 -3.50 -2.92 16.66
C SER A 104 -2.77 -3.14 18.02
N LYS A 105 -3.52 -3.23 19.12
CA LYS A 105 -2.94 -3.44 20.46
C LYS A 105 -2.52 -4.90 20.68
N ASN A 106 -1.30 -5.09 21.20
CA ASN A 106 -0.71 -6.39 21.55
C ASN A 106 0.42 -6.18 22.60
N ASP A 107 0.15 -5.28 23.56
CA ASP A 107 1.12 -4.71 24.49
C ASP A 107 0.43 -3.97 25.65
N SER A 108 1.15 -3.78 26.76
CA SER A 108 0.68 -3.06 27.95
C SER A 108 1.85 -2.45 28.79
N LYS A 109 3.05 -2.34 28.19
CA LYS A 109 4.31 -1.92 28.82
C LYS A 109 5.38 -1.52 27.77
N SER A 110 6.56 -1.09 28.22
CA SER A 110 7.69 -0.69 27.37
C SER A 110 9.03 -0.84 28.12
N GLY A 111 10.15 -0.74 27.40
CA GLY A 111 11.52 -0.91 27.92
C GLY A 111 12.61 -0.27 27.03
N PRO A 112 13.90 -0.40 27.43
CA PRO A 112 15.03 0.18 26.71
C PRO A 112 15.32 -0.57 25.40
N SER A 113 15.96 0.13 24.45
CA SER A 113 16.30 -0.35 23.11
C SER A 113 17.35 0.53 22.42
N SER A 114 17.94 0.06 21.32
CA SER A 114 19.03 0.73 20.59
C SER A 114 19.20 0.19 19.15
N GLY A 115 19.80 0.98 18.26
CA GLY A 115 20.04 0.65 16.85
C GLY A 115 20.80 1.73 16.09
N GLY A 1 27.69 1.34 -13.66
CA GLY A 1 27.05 1.34 -14.99
C GLY A 1 25.60 0.92 -14.91
N SER A 2 24.75 1.47 -15.79
CA SER A 2 23.28 1.25 -15.79
C SER A 2 22.71 1.37 -17.22
N SER A 3 21.59 0.69 -17.49
CA SER A 3 20.92 0.63 -18.81
C SER A 3 19.46 0.14 -18.68
N GLY A 4 18.74 0.04 -19.79
CA GLY A 4 17.32 -0.36 -19.87
C GLY A 4 16.37 0.83 -20.01
N SER A 5 15.09 0.61 -19.69
CA SER A 5 14.00 1.58 -19.82
C SER A 5 12.78 1.20 -18.96
N SER A 6 11.86 2.14 -18.73
CA SER A 6 10.69 1.97 -17.84
C SER A 6 9.49 1.25 -18.48
N GLY A 7 9.56 0.92 -19.78
CA GLY A 7 8.48 0.27 -20.54
C GLY A 7 7.44 1.28 -21.06
N LEU A 8 6.17 0.87 -21.07
CA LEU A 8 5.02 1.63 -21.60
C LEU A 8 3.80 1.51 -20.68
N THR A 9 2.93 2.53 -20.69
CA THR A 9 1.67 2.59 -19.94
C THR A 9 0.69 1.56 -20.46
N GLN A 10 -0.03 0.87 -19.56
CA GLN A 10 -0.97 -0.21 -19.87
C GLN A 10 -2.17 -0.18 -18.90
N GLN A 11 -3.31 -0.71 -19.35
CA GLN A 11 -4.58 -0.76 -18.60
C GLN A 11 -4.64 -1.96 -17.61
N SER A 12 -3.51 -2.62 -17.35
CA SER A 12 -3.36 -3.76 -16.44
C SER A 12 -3.35 -3.32 -14.96
N ILE A 13 -4.45 -2.69 -14.50
CA ILE A 13 -4.58 -2.15 -13.14
C ILE A 13 -4.53 -3.23 -12.05
N GLY A 14 -5.17 -4.39 -12.25
CA GLY A 14 -5.17 -5.49 -11.28
C GLY A 14 -5.66 -5.05 -9.89
N ALA A 15 -4.72 -5.01 -8.93
CA ALA A 15 -4.95 -4.57 -7.54
C ALA A 15 -4.84 -3.05 -7.32
N ALA A 16 -4.36 -2.27 -8.30
CA ALA A 16 -4.27 -0.81 -8.25
C ALA A 16 -5.67 -0.18 -8.29
N GLY A 17 -5.98 0.62 -7.28
CA GLY A 17 -7.29 1.25 -7.10
C GLY A 17 -8.26 0.40 -6.26
N SER A 18 -7.84 -0.79 -5.83
CA SER A 18 -8.60 -1.63 -4.91
C SER A 18 -8.54 -1.11 -3.47
N GLN A 19 -9.47 -1.57 -2.63
CA GLN A 19 -9.50 -1.30 -1.18
C GLN A 19 -9.79 -2.59 -0.38
N LYS A 20 -9.55 -3.76 -0.99
CA LYS A 20 -9.51 -5.06 -0.31
C LYS A 20 -8.32 -5.15 0.67
N GLU A 21 -8.25 -6.23 1.45
CA GLU A 21 -7.07 -6.58 2.23
C GLU A 21 -6.93 -8.09 2.50
N GLY A 22 -5.74 -8.49 2.96
CA GLY A 22 -5.35 -9.89 3.17
C GLY A 22 -5.58 -10.39 4.60
N PRO A 23 -5.01 -11.56 4.96
CA PRO A 23 -5.03 -12.09 6.33
C PRO A 23 -4.17 -11.22 7.26
N GLU A 24 -4.24 -11.49 8.57
CA GLU A 24 -3.49 -10.78 9.60
C GLU A 24 -1.96 -10.89 9.34
N GLY A 25 -1.30 -9.74 9.23
CA GLY A 25 0.14 -9.62 8.91
C GLY A 25 0.44 -9.42 7.43
N ALA A 26 -0.56 -9.56 6.54
CA ALA A 26 -0.41 -9.33 5.09
C ALA A 26 -0.72 -7.88 4.66
N ASN A 27 -1.20 -7.05 5.58
CA ASN A 27 -1.67 -5.67 5.38
C ASN A 27 -0.59 -4.65 5.78
N LEU A 28 -0.15 -3.84 4.80
CA LEU A 28 0.94 -2.87 4.91
C LEU A 28 0.46 -1.44 4.63
N PHE A 29 0.92 -0.50 5.45
CA PHE A 29 0.80 0.95 5.25
C PHE A 29 2.19 1.52 4.93
N ILE A 30 2.27 2.33 3.87
CA ILE A 30 3.50 2.84 3.26
C ILE A 30 3.46 4.37 3.37
N TYR A 31 4.57 4.99 3.78
CA TYR A 31 4.71 6.44 4.01
C TYR A 31 5.95 7.04 3.33
N HIS A 32 5.93 8.36 3.15
CA HIS A 32 6.96 9.20 2.49
C HIS A 32 7.07 8.94 0.97
N LEU A 33 5.96 8.54 0.34
CA LEU A 33 5.88 8.27 -1.12
C LEU A 33 6.07 9.57 -1.94
N PRO A 34 6.53 9.47 -3.20
CA PRO A 34 6.59 10.61 -4.12
C PRO A 34 5.23 11.28 -4.32
N GLN A 35 5.26 12.61 -4.43
CA GLN A 35 4.11 13.48 -4.72
C GLN A 35 3.45 13.24 -6.10
N GLU A 36 4.06 12.39 -6.92
CA GLU A 36 3.65 12.04 -8.28
C GLU A 36 3.18 10.58 -8.45
N PHE A 37 3.36 9.75 -7.43
CA PHE A 37 2.97 8.33 -7.42
C PHE A 37 1.45 8.15 -7.38
N GLY A 38 0.93 7.25 -8.23
CA GLY A 38 -0.44 6.76 -8.22
C GLY A 38 -0.53 5.28 -7.83
N ASP A 39 -1.73 4.71 -7.95
CA ASP A 39 -2.03 3.35 -7.48
C ASP A 39 -1.23 2.25 -8.21
N GLN A 40 -0.96 2.45 -9.51
CA GLN A 40 -0.17 1.51 -10.32
C GLN A 40 1.33 1.63 -10.05
N ASP A 41 1.81 2.81 -9.64
CA ASP A 41 3.22 3.01 -9.28
C ASP A 41 3.55 2.30 -7.96
N LEU A 42 2.64 2.38 -6.98
CA LEU A 42 2.72 1.63 -5.72
C LEU A 42 2.59 0.12 -5.96
N LEU A 43 1.72 -0.31 -6.90
CA LEU A 43 1.60 -1.73 -7.27
C LEU A 43 2.89 -2.26 -7.91
N GLN A 44 3.43 -1.56 -8.91
CA GLN A 44 4.66 -1.96 -9.60
C GLN A 44 5.88 -1.96 -8.67
N MET A 45 5.87 -1.15 -7.60
CA MET A 45 6.89 -1.14 -6.55
C MET A 45 6.80 -2.35 -5.61
N PHE A 46 5.61 -2.93 -5.39
CA PHE A 46 5.36 -3.98 -4.39
C PHE A 46 5.09 -5.39 -4.97
N MET A 47 4.72 -5.53 -6.24
CA MET A 47 4.61 -6.83 -6.92
C MET A 47 5.89 -7.70 -6.91
N PRO A 48 7.13 -7.16 -6.94
CA PRO A 48 8.35 -7.95 -6.86
C PRO A 48 8.51 -8.83 -5.61
N PHE A 49 7.72 -8.62 -4.55
CA PHE A 49 7.82 -9.37 -3.28
C PHE A 49 6.77 -10.48 -3.13
N GLY A 50 5.78 -10.52 -4.04
CA GLY A 50 4.80 -11.61 -4.16
C GLY A 50 3.40 -11.17 -4.61
N ASN A 51 2.42 -12.05 -4.41
CA ASN A 51 1.04 -11.87 -4.89
C ASN A 51 0.28 -10.77 -4.13
N VAL A 52 0.20 -9.58 -4.74
CA VAL A 52 -0.52 -8.39 -4.21
C VAL A 52 -2.03 -8.55 -4.47
N VAL A 53 -2.82 -8.38 -3.42
CA VAL A 53 -4.30 -8.46 -3.38
C VAL A 53 -4.95 -7.06 -3.43
N SER A 54 -4.23 -6.01 -3.01
CA SER A 54 -4.70 -4.62 -3.01
C SER A 54 -3.52 -3.64 -3.03
N ALA A 55 -3.66 -2.52 -3.73
CA ALA A 55 -2.69 -1.42 -3.78
C ALA A 55 -3.38 -0.07 -4.03
N LYS A 56 -3.07 0.94 -3.21
CA LYS A 56 -3.72 2.24 -3.24
C LYS A 56 -2.84 3.37 -2.65
N VAL A 57 -2.73 4.50 -3.35
CA VAL A 57 -2.16 5.76 -2.85
C VAL A 57 -3.33 6.68 -2.51
N PHE A 58 -3.29 7.34 -1.35
CA PHE A 58 -4.33 8.28 -0.92
C PHE A 58 -4.06 9.68 -1.51
N ILE A 59 -5.10 10.38 -1.93
CA ILE A 59 -5.03 11.63 -2.71
C ILE A 59 -5.93 12.71 -2.10
N ASP A 60 -5.41 13.94 -2.01
CA ASP A 60 -6.09 15.11 -1.45
C ASP A 60 -7.20 15.63 -2.38
N LYS A 61 -8.37 15.91 -1.80
CA LYS A 61 -9.60 16.27 -2.55
C LYS A 61 -9.68 17.75 -2.99
N GLN A 62 -8.70 18.59 -2.64
CA GLN A 62 -8.65 20.01 -3.01
C GLN A 62 -7.56 20.33 -4.04
N THR A 63 -6.56 19.45 -4.19
CA THR A 63 -5.39 19.62 -5.09
C THR A 63 -5.18 18.47 -6.06
N ASN A 64 -5.77 17.29 -5.81
CA ASN A 64 -5.61 16.04 -6.58
C ASN A 64 -4.17 15.48 -6.53
N LEU A 65 -3.38 15.90 -5.55
CA LEU A 65 -2.02 15.43 -5.29
C LEU A 65 -2.03 14.25 -4.30
N SER A 66 -1.13 13.29 -4.46
CA SER A 66 -0.93 12.23 -3.47
C SER A 66 -0.48 12.79 -2.10
N LYS A 67 -0.95 12.15 -1.02
CA LYS A 67 -0.68 12.57 0.36
C LYS A 67 0.70 12.09 0.89
N CYS A 68 1.52 11.51 0.02
CA CYS A 68 2.78 10.81 0.32
C CYS A 68 2.60 9.57 1.20
N PHE A 69 1.40 8.97 1.25
CA PHE A 69 1.15 7.70 1.93
C PHE A 69 0.11 6.84 1.20
N GLY A 70 0.19 5.53 1.42
CA GLY A 70 -0.55 4.49 0.72
C GLY A 70 -0.72 3.21 1.53
N PHE A 71 -1.40 2.23 0.92
CA PHE A 71 -1.75 0.94 1.48
C PHE A 71 -1.51 -0.17 0.45
N VAL A 72 -1.03 -1.34 0.91
CA VAL A 72 -0.80 -2.54 0.09
C VAL A 72 -1.18 -3.77 0.91
N SER A 73 -1.77 -4.78 0.28
CA SER A 73 -2.04 -6.08 0.92
C SER A 73 -1.69 -7.27 0.03
N TYR A 74 -1.27 -8.38 0.64
CA TYR A 74 -0.88 -9.63 -0.03
C TYR A 74 -1.81 -10.81 0.30
N ASP A 75 -1.61 -11.92 -0.42
CA ASP A 75 -2.23 -13.23 -0.13
C ASP A 75 -1.84 -13.80 1.24
N ASN A 76 -0.69 -13.38 1.80
CA ASN A 76 -0.09 -13.93 3.02
C ASN A 76 0.92 -12.96 3.65
N PRO A 77 1.27 -13.14 4.93
CA PRO A 77 2.29 -12.33 5.60
C PRO A 77 3.72 -12.62 5.11
N VAL A 78 3.99 -13.71 4.38
CA VAL A 78 5.37 -14.02 3.95
C VAL A 78 5.82 -13.08 2.82
N SER A 79 4.97 -12.88 1.81
CA SER A 79 5.18 -11.92 0.72
C SER A 79 5.18 -10.47 1.23
N ALA A 80 4.40 -10.20 2.29
CA ALA A 80 4.30 -8.89 2.90
C ALA A 80 5.54 -8.51 3.72
N GLN A 81 6.02 -9.41 4.59
CA GLN A 81 7.26 -9.22 5.36
C GLN A 81 8.49 -9.08 4.46
N ALA A 82 8.50 -9.74 3.29
CA ALA A 82 9.56 -9.56 2.29
C ALA A 82 9.55 -8.14 1.69
N ALA A 83 8.40 -7.47 1.61
CA ALA A 83 8.29 -6.08 1.17
C ALA A 83 8.74 -5.10 2.27
N ILE A 84 8.35 -5.32 3.54
CA ILE A 84 8.79 -4.47 4.66
C ILE A 84 10.32 -4.49 4.77
N GLN A 85 10.93 -5.68 4.70
CA GLN A 85 12.39 -5.87 4.80
C GLN A 85 13.16 -5.36 3.57
N SER A 86 12.48 -5.05 2.46
CA SER A 86 13.11 -4.52 1.24
C SER A 86 12.91 -3.02 1.04
N MET A 87 11.78 -2.46 1.52
CA MET A 87 11.34 -1.09 1.21
C MET A 87 11.34 -0.13 2.39
N ASN A 88 11.34 -0.62 3.64
CA ASN A 88 11.44 0.25 4.81
C ASN A 88 12.86 0.86 4.91
N GLY A 89 12.97 2.18 4.69
CA GLY A 89 14.23 2.93 4.60
C GLY A 89 14.74 3.15 3.16
N PHE A 90 14.04 2.66 2.13
CA PHE A 90 14.43 2.79 0.71
C PHE A 90 14.48 4.26 0.28
N GLN A 91 15.62 4.74 -0.21
CA GLN A 91 15.75 6.12 -0.70
C GLN A 91 15.08 6.28 -2.07
N ILE A 92 14.26 7.32 -2.21
CA ILE A 92 13.58 7.68 -3.45
C ILE A 92 13.61 9.21 -3.60
N GLY A 93 14.45 9.69 -4.53
CA GLY A 93 14.79 11.12 -4.66
C GLY A 93 15.60 11.59 -3.45
N MET A 94 15.10 12.64 -2.77
CA MET A 94 15.76 13.30 -1.63
C MET A 94 15.21 12.86 -0.26
N LYS A 95 14.44 11.77 -0.22
CA LYS A 95 13.79 11.22 0.99
C LYS A 95 13.83 9.69 1.05
N ARG A 96 13.44 9.09 2.19
CA ARG A 96 13.39 7.64 2.41
C ARG A 96 11.97 7.19 2.77
N LEU A 97 11.51 6.10 2.16
CA LEU A 97 10.23 5.45 2.44
C LEU A 97 10.21 4.82 3.84
N LYS A 98 9.01 4.67 4.40
CA LYS A 98 8.75 3.89 5.62
C LYS A 98 7.59 2.92 5.36
N VAL A 99 7.64 1.70 5.90
CA VAL A 99 6.63 0.66 5.69
C VAL A 99 6.37 -0.07 7.01
N GLN A 100 5.09 -0.27 7.37
CA GLN A 100 4.67 -0.88 8.64
C GLN A 100 3.42 -1.74 8.44
N LEU A 101 3.23 -2.73 9.32
CA LEU A 101 1.99 -3.51 9.41
C LEU A 101 0.80 -2.67 9.91
N LYS A 102 -0.41 -3.16 9.63
CA LYS A 102 -1.68 -2.66 10.23
C LYS A 102 -1.76 -3.08 11.72
N ARG A 103 -0.95 -2.45 12.58
CA ARG A 103 -0.73 -2.83 13.99
C ARG A 103 -0.03 -1.69 14.76
N SER A 104 -0.34 -1.55 16.05
CA SER A 104 0.30 -0.64 17.03
C SER A 104 0.03 0.85 16.73
N LYS A 105 -1.17 1.33 17.10
CA LYS A 105 -1.62 2.72 16.87
C LYS A 105 -0.81 3.76 17.67
N ASN A 106 -0.24 3.39 18.83
CA ASN A 106 0.52 4.26 19.72
C ASN A 106 1.39 3.44 20.71
N ASP A 107 2.56 3.95 21.05
CA ASP A 107 3.52 3.37 22.02
C ASP A 107 4.01 4.40 23.07
N SER A 108 3.49 5.64 23.02
CA SER A 108 3.89 6.78 23.86
C SER A 108 2.77 7.19 24.85
N LYS A 109 1.92 6.24 25.26
CA LYS A 109 0.77 6.47 26.16
C LYS A 109 1.17 7.07 27.53
N SER A 110 2.39 6.79 28.01
CA SER A 110 2.98 7.33 29.24
C SER A 110 4.08 8.38 28.97
N GLY A 111 4.12 8.93 27.74
CA GLY A 111 5.19 9.78 27.21
C GLY A 111 6.20 8.99 26.36
N PRO A 112 7.11 9.67 25.65
CA PRO A 112 8.14 9.04 24.83
C PRO A 112 9.23 8.40 25.71
N SER A 113 9.74 7.23 25.27
CA SER A 113 10.76 6.46 26.02
C SER A 113 12.19 6.65 25.45
N SER A 114 12.37 7.50 24.46
CA SER A 114 13.62 7.72 23.71
C SER A 114 13.76 9.19 23.26
N GLY A 115 15.01 9.69 23.16
CA GLY A 115 15.34 11.06 22.74
C GLY A 115 16.85 11.31 22.70
N GLY A 1 -25.14 -1.74 -29.88
CA GLY A 1 -24.57 -2.94 -30.52
C GLY A 1 -25.32 -3.29 -31.80
N SER A 2 -24.63 -3.91 -32.77
CA SER A 2 -25.13 -4.37 -34.09
C SER A 2 -25.47 -3.25 -35.09
N SER A 3 -25.97 -2.11 -34.61
CA SER A 3 -26.28 -0.88 -35.37
C SER A 3 -25.93 0.35 -34.52
N GLY A 4 -25.43 1.43 -35.16
CA GLY A 4 -24.98 2.65 -34.47
C GLY A 4 -23.67 2.41 -33.70
N SER A 5 -23.64 2.80 -32.44
CA SER A 5 -22.49 2.67 -31.53
C SER A 5 -22.92 2.73 -30.05
N SER A 6 -22.12 2.14 -29.15
CA SER A 6 -22.43 2.02 -27.71
C SER A 6 -21.19 1.65 -26.87
N GLY A 7 -21.03 2.29 -25.70
CA GLY A 7 -19.98 2.01 -24.72
C GLY A 7 -20.51 1.29 -23.47
N LEU A 8 -19.59 0.85 -22.61
CA LEU A 8 -19.87 0.15 -21.34
C LEU A 8 -18.89 0.59 -20.25
N THR A 9 -19.41 0.85 -19.04
CA THR A 9 -18.62 1.18 -17.83
C THR A 9 -17.89 -0.05 -17.32
N GLN A 10 -16.63 0.14 -16.92
CA GLN A 10 -15.68 -0.93 -16.61
C GLN A 10 -14.81 -0.55 -15.40
N GLN A 11 -14.49 -1.54 -14.55
CA GLN A 11 -13.83 -1.34 -13.25
C GLN A 11 -13.07 -2.62 -12.79
N SER A 12 -12.67 -3.47 -13.74
CA SER A 12 -12.13 -4.82 -13.50
C SER A 12 -10.60 -4.89 -13.35
N ILE A 13 -9.94 -3.74 -13.14
CA ILE A 13 -8.48 -3.62 -12.98
C ILE A 13 -7.94 -4.33 -11.73
N GLY A 14 -6.76 -4.94 -11.82
CA GLY A 14 -6.15 -5.76 -10.77
C GLY A 14 -5.34 -4.95 -9.77
N ALA A 15 -5.74 -5.01 -8.49
CA ALA A 15 -5.04 -4.53 -7.28
C ALA A 15 -4.87 -3.00 -7.15
N ALA A 16 -4.34 -2.31 -8.17
CA ALA A 16 -4.18 -0.85 -8.20
C ALA A 16 -5.55 -0.16 -8.20
N GLY A 17 -5.83 0.59 -7.13
CA GLY A 17 -7.12 1.25 -6.90
C GLY A 17 -8.07 0.43 -6.03
N SER A 18 -7.72 -0.80 -5.67
CA SER A 18 -8.50 -1.64 -4.76
C SER A 18 -8.25 -1.25 -3.30
N GLN A 19 -9.30 -1.32 -2.47
CA GLN A 19 -9.26 -1.02 -1.03
C GLN A 19 -9.64 -2.24 -0.18
N LYS A 20 -9.65 -3.44 -0.78
CA LYS A 20 -9.73 -4.72 -0.05
C LYS A 20 -8.47 -4.97 0.81
N GLU A 21 -8.49 -6.04 1.61
CA GLU A 21 -7.34 -6.49 2.37
C GLU A 21 -7.35 -7.99 2.69
N GLY A 22 -6.16 -8.51 3.00
CA GLY A 22 -5.83 -9.90 3.25
C GLY A 22 -5.74 -10.25 4.74
N PRO A 23 -5.07 -11.38 5.10
CA PRO A 23 -5.02 -11.88 6.47
C PRO A 23 -4.10 -11.04 7.37
N GLU A 24 -4.15 -11.28 8.68
CA GLU A 24 -3.32 -10.59 9.67
C GLU A 24 -1.82 -10.81 9.38
N GLY A 25 -1.07 -9.71 9.29
CA GLY A 25 0.36 -9.68 8.93
C GLY A 25 0.62 -9.44 7.44
N ALA A 26 -0.41 -9.50 6.59
CA ALA A 26 -0.31 -9.28 5.13
C ALA A 26 -0.64 -7.84 4.71
N ASN A 27 -1.06 -6.98 5.64
CA ASN A 27 -1.61 -5.64 5.39
C ASN A 27 -0.61 -4.55 5.80
N LEU A 28 -0.16 -3.73 4.84
CA LEU A 28 0.94 -2.76 4.97
C LEU A 28 0.47 -1.33 4.69
N PHE A 29 0.83 -0.41 5.57
CA PHE A 29 0.71 1.04 5.36
C PHE A 29 2.10 1.59 5.02
N ILE A 30 2.14 2.43 3.98
CA ILE A 30 3.35 2.93 3.34
C ILE A 30 3.39 4.45 3.48
N TYR A 31 4.54 5.01 3.82
CA TYR A 31 4.72 6.45 4.08
C TYR A 31 5.96 7.03 3.39
N HIS A 32 5.99 8.35 3.23
CA HIS A 32 7.07 9.13 2.60
C HIS A 32 7.29 8.78 1.10
N LEU A 33 6.20 8.44 0.40
CA LEU A 33 6.18 8.17 -1.05
C LEU A 33 6.38 9.46 -1.86
N PRO A 34 6.69 9.36 -3.17
CA PRO A 34 6.67 10.50 -4.08
C PRO A 34 5.26 11.12 -4.16
N GLN A 35 5.19 12.45 -4.22
CA GLN A 35 3.95 13.22 -4.38
C GLN A 35 3.26 13.04 -5.75
N GLU A 36 3.95 12.36 -6.67
CA GLU A 36 3.53 12.06 -8.04
C GLU A 36 3.13 10.58 -8.27
N PHE A 37 3.39 9.72 -7.29
CA PHE A 37 3.18 8.27 -7.36
C PHE A 37 1.68 7.92 -7.37
N GLY A 38 1.24 7.06 -8.30
CA GLY A 38 -0.13 6.55 -8.38
C GLY A 38 -0.28 5.12 -7.86
N ASP A 39 -1.51 4.60 -7.91
CA ASP A 39 -1.85 3.25 -7.44
C ASP A 39 -1.12 2.15 -8.22
N GLN A 40 -0.88 2.40 -9.51
CA GLN A 40 -0.18 1.52 -10.44
C GLN A 40 1.32 1.50 -10.16
N ASP A 41 1.89 2.67 -9.87
CA ASP A 41 3.30 2.81 -9.48
C ASP A 41 3.59 2.11 -8.15
N LEU A 42 2.68 2.23 -7.17
CA LEU A 42 2.77 1.51 -5.90
C LEU A 42 2.60 0.00 -6.08
N LEU A 43 1.72 -0.44 -6.98
CA LEU A 43 1.59 -1.86 -7.33
C LEU A 43 2.88 -2.40 -7.95
N GLN A 44 3.43 -1.70 -8.95
CA GLN A 44 4.68 -2.09 -9.62
C GLN A 44 5.89 -2.08 -8.68
N MET A 45 5.87 -1.24 -7.63
CA MET A 45 6.90 -1.21 -6.58
C MET A 45 6.82 -2.42 -5.63
N PHE A 46 5.63 -2.99 -5.37
CA PHE A 46 5.40 -4.02 -4.36
C PHE A 46 5.14 -5.43 -4.93
N MET A 47 4.76 -5.59 -6.20
CA MET A 47 4.65 -6.89 -6.87
C MET A 47 5.93 -7.77 -6.85
N PRO A 48 7.16 -7.22 -6.90
CA PRO A 48 8.40 -8.01 -6.80
C PRO A 48 8.57 -8.87 -5.55
N PHE A 49 7.79 -8.62 -4.48
CA PHE A 49 7.89 -9.35 -3.21
C PHE A 49 6.83 -10.46 -3.04
N GLY A 50 5.82 -10.49 -3.93
CA GLY A 50 4.86 -11.60 -4.04
C GLY A 50 3.44 -11.19 -4.43
N ASN A 51 2.48 -12.02 -4.04
CA ASN A 51 1.07 -11.95 -4.48
C ASN A 51 0.30 -10.78 -3.84
N VAL A 52 0.44 -9.58 -4.39
CA VAL A 52 -0.34 -8.38 -4.01
C VAL A 52 -1.81 -8.58 -4.39
N VAL A 53 -2.71 -8.35 -3.43
CA VAL A 53 -4.18 -8.40 -3.56
C VAL A 53 -4.74 -6.99 -3.84
N SER A 54 -4.16 -5.95 -3.21
CA SER A 54 -4.64 -4.56 -3.28
C SER A 54 -3.47 -3.59 -3.09
N ALA A 55 -3.53 -2.44 -3.77
CA ALA A 55 -2.53 -1.36 -3.69
C ALA A 55 -3.18 0.00 -4.00
N LYS A 56 -2.89 1.03 -3.20
CA LYS A 56 -3.55 2.32 -3.28
C LYS A 56 -2.66 3.45 -2.69
N VAL A 57 -2.59 4.59 -3.37
CA VAL A 57 -1.98 5.85 -2.88
C VAL A 57 -3.11 6.83 -2.60
N PHE A 58 -3.07 7.52 -1.46
CA PHE A 58 -4.10 8.49 -1.06
C PHE A 58 -3.86 9.85 -1.74
N ILE A 59 -4.93 10.47 -2.24
CA ILE A 59 -4.90 11.66 -3.13
C ILE A 59 -5.64 12.83 -2.47
N ASP A 60 -5.07 14.03 -2.57
CA ASP A 60 -5.68 15.28 -2.09
C ASP A 60 -6.83 15.75 -2.99
N LYS A 61 -7.98 16.08 -2.38
CA LYS A 61 -9.23 16.39 -3.09
C LYS A 61 -9.25 17.79 -3.77
N GLN A 62 -8.30 18.68 -3.45
CA GLN A 62 -8.27 20.06 -3.97
C GLN A 62 -7.20 20.25 -5.06
N THR A 63 -6.12 19.46 -5.04
CA THR A 63 -4.95 19.57 -5.94
C THR A 63 -4.74 18.35 -6.82
N ASN A 64 -5.37 17.20 -6.50
CA ASN A 64 -5.21 15.90 -7.16
C ASN A 64 -3.78 15.33 -7.04
N LEU A 65 -2.95 15.85 -6.12
CA LEU A 65 -1.60 15.38 -5.82
C LEU A 65 -1.63 14.24 -4.78
N SER A 66 -0.62 13.39 -4.79
CA SER A 66 -0.53 12.26 -3.85
C SER A 66 0.00 12.73 -2.49
N LYS A 67 -0.64 12.29 -1.39
CA LYS A 67 -0.36 12.75 -0.02
C LYS A 67 0.97 12.23 0.58
N CYS A 68 1.77 11.52 -0.23
CA CYS A 68 3.03 10.84 0.13
C CYS A 68 2.81 9.63 1.07
N PHE A 69 1.60 9.07 1.13
CA PHE A 69 1.31 7.83 1.87
C PHE A 69 0.25 6.98 1.16
N GLY A 70 0.27 5.67 1.45
CA GLY A 70 -0.48 4.64 0.75
C GLY A 70 -0.69 3.37 1.57
N PHE A 71 -1.28 2.37 0.94
CA PHE A 71 -1.61 1.06 1.51
C PHE A 71 -1.37 -0.04 0.48
N VAL A 72 -0.92 -1.22 0.93
CA VAL A 72 -0.67 -2.41 0.11
C VAL A 72 -1.09 -3.65 0.92
N SER A 73 -1.66 -4.66 0.27
CA SER A 73 -2.05 -5.91 0.93
C SER A 73 -1.76 -7.13 0.06
N TYR A 74 -1.33 -8.23 0.68
CA TYR A 74 -0.96 -9.50 0.04
C TYR A 74 -1.90 -10.66 0.40
N ASP A 75 -1.76 -11.77 -0.34
CA ASP A 75 -2.40 -13.06 -0.07
C ASP A 75 -1.96 -13.69 1.28
N ASN A 76 -0.78 -13.29 1.79
CA ASN A 76 -0.11 -13.89 2.95
C ASN A 76 0.93 -12.94 3.58
N PRO A 77 1.28 -13.14 4.86
CA PRO A 77 2.32 -12.38 5.53
C PRO A 77 3.74 -12.67 5.00
N VAL A 78 3.97 -13.77 4.27
CA VAL A 78 5.34 -14.13 3.81
C VAL A 78 5.78 -13.18 2.69
N SER A 79 4.90 -12.89 1.73
CA SER A 79 5.13 -11.90 0.67
C SER A 79 5.17 -10.47 1.20
N ALA A 80 4.41 -10.19 2.28
CA ALA A 80 4.31 -8.87 2.89
C ALA A 80 5.55 -8.51 3.72
N GLN A 81 6.02 -9.41 4.58
CA GLN A 81 7.24 -9.21 5.38
C GLN A 81 8.49 -9.07 4.49
N ALA A 82 8.52 -9.72 3.33
CA ALA A 82 9.58 -9.54 2.33
C ALA A 82 9.59 -8.10 1.74
N ALA A 83 8.43 -7.44 1.66
CA ALA A 83 8.34 -6.05 1.22
C ALA A 83 8.77 -5.07 2.31
N ILE A 84 8.36 -5.29 3.57
CA ILE A 84 8.80 -4.45 4.71
C ILE A 84 10.34 -4.48 4.83
N GLN A 85 10.94 -5.67 4.74
CA GLN A 85 12.39 -5.85 4.85
C GLN A 85 13.18 -5.35 3.63
N SER A 86 12.51 -5.04 2.51
CA SER A 86 13.16 -4.52 1.29
C SER A 86 12.95 -3.01 1.07
N MET A 87 11.83 -2.45 1.53
CA MET A 87 11.39 -1.08 1.20
C MET A 87 11.42 -0.10 2.38
N ASN A 88 11.45 -0.59 3.63
CA ASN A 88 11.51 0.30 4.79
C ASN A 88 12.89 0.99 4.89
N GLY A 89 12.92 2.31 4.69
CA GLY A 89 14.13 3.14 4.59
C GLY A 89 14.69 3.32 3.17
N PHE A 90 14.04 2.76 2.14
CA PHE A 90 14.46 2.85 0.74
C PHE A 90 14.49 4.31 0.24
N GLN A 91 15.63 4.78 -0.26
CA GLN A 91 15.74 6.13 -0.81
C GLN A 91 15.14 6.18 -2.21
N ILE A 92 14.28 7.17 -2.46
CA ILE A 92 13.64 7.43 -3.75
C ILE A 92 13.67 8.95 -4.01
N GLY A 93 14.57 9.37 -4.92
CA GLY A 93 14.88 10.79 -5.11
C GLY A 93 15.56 11.38 -3.87
N MET A 94 14.94 12.43 -3.30
CA MET A 94 15.46 13.20 -2.15
C MET A 94 14.82 12.80 -0.80
N LYS A 95 14.05 11.70 -0.75
CA LYS A 95 13.35 11.21 0.45
C LYS A 95 13.54 9.68 0.65
N ARG A 96 13.24 9.17 1.85
CA ARG A 96 13.27 7.73 2.19
C ARG A 96 11.90 7.24 2.65
N LEU A 97 11.46 6.11 2.08
CA LEU A 97 10.20 5.43 2.42
C LEU A 97 10.19 4.91 3.86
N LYS A 98 9.00 4.69 4.41
CA LYS A 98 8.76 3.95 5.66
C LYS A 98 7.57 3.00 5.46
N VAL A 99 7.61 1.80 6.03
CA VAL A 99 6.59 0.75 5.85
C VAL A 99 6.31 0.08 7.20
N GLN A 100 5.04 -0.17 7.52
CA GLN A 100 4.63 -0.81 8.77
C GLN A 100 3.35 -1.63 8.57
N LEU A 101 3.16 -2.68 9.36
CA LEU A 101 1.91 -3.43 9.44
C LEU A 101 0.72 -2.57 9.89
N LYS A 102 -0.50 -3.00 9.53
CA LYS A 102 -1.76 -2.43 10.04
C LYS A 102 -1.94 -2.60 11.57
N ARG A 103 -1.25 -3.59 12.17
CA ARG A 103 -1.37 -3.98 13.57
C ARG A 103 0.02 -4.28 14.17
N SER A 104 0.41 -3.51 15.18
CA SER A 104 1.70 -3.61 15.88
C SER A 104 1.56 -3.05 17.31
N LYS A 105 1.99 -3.83 18.31
CA LYS A 105 1.88 -3.52 19.75
C LYS A 105 3.11 -4.01 20.52
N ASN A 106 3.52 -3.28 21.57
CA ASN A 106 4.68 -3.60 22.41
C ASN A 106 4.38 -3.58 23.94
N ASP A 107 3.18 -3.13 24.35
CA ASP A 107 2.64 -3.07 25.72
C ASP A 107 3.32 -2.03 26.64
N SER A 108 4.64 -1.95 26.62
CA SER A 108 5.45 -0.99 27.40
C SER A 108 5.76 0.33 26.67
N LYS A 109 5.40 0.42 25.38
CA LYS A 109 5.69 1.56 24.49
C LYS A 109 4.80 1.58 23.23
N SER A 110 4.75 2.72 22.55
CA SER A 110 4.00 2.93 21.29
C SER A 110 4.81 2.51 20.04
N GLY A 111 4.10 2.22 18.94
CA GLY A 111 4.70 1.91 17.63
C GLY A 111 5.10 3.15 16.81
N PRO A 112 5.79 2.96 15.66
CA PRO A 112 6.24 4.04 14.80
C PRO A 112 5.09 4.66 13.99
N SER A 113 5.22 5.94 13.65
CA SER A 113 4.19 6.74 12.95
C SER A 113 4.78 8.02 12.32
N SER A 114 4.00 8.71 11.48
CA SER A 114 4.34 10.00 10.85
C SER A 114 3.07 10.82 10.55
N GLY A 115 3.19 12.15 10.56
CA GLY A 115 2.09 13.10 10.29
C GLY A 115 2.49 14.56 10.51
N GLY A 1 -35.57 4.03 -19.48
CA GLY A 1 -34.42 4.25 -20.40
C GLY A 1 -33.92 5.68 -20.37
N SER A 2 -32.79 5.94 -21.02
CA SER A 2 -32.11 7.25 -21.08
C SER A 2 -31.07 7.29 -22.21
N SER A 3 -30.41 8.44 -22.42
CA SER A 3 -29.38 8.62 -23.47
C SER A 3 -28.02 7.94 -23.16
N GLY A 4 -27.85 7.40 -21.94
CA GLY A 4 -26.63 6.71 -21.51
C GLY A 4 -26.66 5.20 -21.81
N SER A 5 -25.51 4.65 -22.21
CA SER A 5 -25.35 3.22 -22.53
C SER A 5 -24.90 2.34 -21.34
N SER A 6 -24.43 2.95 -20.26
CA SER A 6 -23.99 2.31 -18.99
C SER A 6 -22.74 1.40 -19.12
N GLY A 7 -22.11 1.36 -20.30
CA GLY A 7 -20.93 0.52 -20.58
C GLY A 7 -19.63 1.13 -20.06
N LEU A 8 -18.87 0.35 -19.28
CA LEU A 8 -17.59 0.73 -18.66
C LEU A 8 -16.67 -0.51 -18.57
N THR A 9 -15.36 -0.29 -18.73
CA THR A 9 -14.30 -1.33 -18.71
C THR A 9 -13.06 -0.78 -18.02
N GLN A 10 -12.53 -1.54 -17.05
CA GLN A 10 -11.31 -1.22 -16.29
C GLN A 10 -10.79 -2.51 -15.64
N GLN A 11 -9.49 -2.81 -15.78
CA GLN A 11 -8.89 -4.08 -15.34
C GLN A 11 -7.90 -3.91 -14.16
N SER A 12 -7.62 -2.68 -13.70
CA SER A 12 -6.74 -2.40 -12.57
C SER A 12 -7.27 -2.89 -11.21
N ILE A 13 -8.55 -3.25 -11.18
CA ILE A 13 -9.37 -3.58 -10.00
C ILE A 13 -8.94 -4.85 -9.26
N GLY A 14 -7.96 -5.59 -9.79
CA GLY A 14 -7.30 -6.71 -9.10
C GLY A 14 -6.43 -6.26 -7.93
N ALA A 15 -5.98 -5.00 -7.91
CA ALA A 15 -5.25 -4.39 -6.79
C ALA A 15 -5.12 -2.85 -6.85
N ALA A 16 -4.75 -2.29 -8.00
CA ALA A 16 -4.40 -0.87 -8.15
C ALA A 16 -5.65 0.05 -8.10
N GLY A 17 -5.75 0.84 -7.03
CA GLY A 17 -6.86 1.74 -6.73
C GLY A 17 -7.97 1.07 -5.92
N SER A 18 -7.86 -0.23 -5.67
CA SER A 18 -8.79 -1.01 -4.87
C SER A 18 -8.59 -0.79 -3.35
N GLN A 19 -9.59 -1.17 -2.55
CA GLN A 19 -9.55 -1.11 -1.08
C GLN A 19 -9.85 -2.50 -0.47
N LYS A 20 -9.42 -3.55 -1.18
CA LYS A 20 -9.37 -4.93 -0.68
C LYS A 20 -8.28 -5.08 0.40
N GLU A 21 -8.23 -6.24 1.07
CA GLU A 21 -7.12 -6.62 1.94
C GLU A 21 -7.03 -8.14 2.17
N GLY A 22 -5.88 -8.58 2.69
CA GLY A 22 -5.56 -9.99 2.98
C GLY A 22 -5.66 -10.35 4.47
N PRO A 23 -5.09 -11.50 4.88
CA PRO A 23 -5.18 -12.03 6.24
C PRO A 23 -4.27 -11.28 7.23
N GLU A 24 -4.30 -11.69 8.50
CA GLU A 24 -3.48 -11.12 9.58
C GLU A 24 -1.98 -11.14 9.22
N GLY A 25 -1.34 -9.96 9.28
CA GLY A 25 0.07 -9.76 8.98
C GLY A 25 0.39 -9.48 7.49
N ALA A 26 -0.61 -9.59 6.60
CA ALA A 26 -0.44 -9.43 5.16
C ALA A 26 -0.67 -7.99 4.64
N ASN A 27 -1.07 -7.07 5.52
CA ASN A 27 -1.56 -5.72 5.15
C ASN A 27 -0.61 -4.63 5.67
N LEU A 28 -0.19 -3.73 4.77
CA LEU A 28 0.89 -2.74 4.94
C LEU A 28 0.42 -1.31 4.64
N PHE A 29 0.93 -0.36 5.42
CA PHE A 29 0.85 1.07 5.17
C PHE A 29 2.25 1.58 4.81
N ILE A 30 2.32 2.42 3.78
CA ILE A 30 3.57 2.94 3.19
C ILE A 30 3.54 4.47 3.31
N TYR A 31 4.67 5.06 3.71
CA TYR A 31 4.81 6.51 3.96
C TYR A 31 6.06 7.10 3.29
N HIS A 32 6.05 8.43 3.11
CA HIS A 32 7.09 9.27 2.49
C HIS A 32 7.23 9.06 0.96
N LEU A 33 6.14 8.66 0.28
CA LEU A 33 6.08 8.46 -1.17
C LEU A 33 6.26 9.77 -1.96
N PRO A 34 6.67 9.72 -3.25
CA PRO A 34 6.64 10.88 -4.14
C PRO A 34 5.20 11.41 -4.32
N GLN A 35 5.04 12.73 -4.50
CA GLN A 35 3.72 13.37 -4.66
C GLN A 35 3.03 13.07 -6.01
N GLU A 36 3.75 12.44 -6.93
CA GLU A 36 3.32 12.04 -8.28
C GLU A 36 3.08 10.52 -8.42
N PHE A 37 3.47 9.73 -7.42
CA PHE A 37 3.33 8.28 -7.39
C PHE A 37 1.86 7.86 -7.31
N GLY A 38 1.40 7.03 -8.26
CA GLY A 38 0.02 6.54 -8.33
C GLY A 38 -0.15 5.08 -7.91
N ASP A 39 -1.36 4.56 -8.07
CA ASP A 39 -1.75 3.25 -7.57
C ASP A 39 -1.08 2.09 -8.33
N GLN A 40 -0.87 2.26 -9.64
CA GLN A 40 -0.12 1.31 -10.46
C GLN A 40 1.39 1.39 -10.21
N ASP A 41 1.91 2.56 -9.82
CA ASP A 41 3.32 2.73 -9.45
C ASP A 41 3.62 2.03 -8.12
N LEU A 42 2.74 2.16 -7.13
CA LEU A 42 2.84 1.44 -5.86
C LEU A 42 2.63 -0.07 -6.05
N LEU A 43 1.75 -0.50 -6.95
CA LEU A 43 1.60 -1.91 -7.32
C LEU A 43 2.89 -2.46 -7.92
N GLN A 44 3.46 -1.79 -8.92
CA GLN A 44 4.70 -2.24 -9.59
C GLN A 44 5.93 -2.15 -8.67
N MET A 45 5.90 -1.31 -7.64
CA MET A 45 6.92 -1.25 -6.58
C MET A 45 6.84 -2.44 -5.60
N PHE A 46 5.66 -3.03 -5.38
CA PHE A 46 5.41 -4.07 -4.37
C PHE A 46 5.15 -5.48 -4.93
N MET A 47 4.80 -5.64 -6.22
CA MET A 47 4.71 -6.93 -6.90
C MET A 47 5.99 -7.81 -6.83
N PRO A 48 7.23 -7.26 -6.83
CA PRO A 48 8.46 -8.05 -6.73
C PRO A 48 8.62 -8.93 -5.47
N PHE A 49 7.81 -8.70 -4.42
CA PHE A 49 7.93 -9.41 -3.13
C PHE A 49 6.88 -10.53 -2.96
N GLY A 50 5.89 -10.60 -3.85
CA GLY A 50 4.93 -11.70 -3.95
C GLY A 50 3.53 -11.29 -4.42
N ASN A 51 2.53 -12.14 -4.12
CA ASN A 51 1.17 -12.02 -4.64
C ASN A 51 0.38 -10.87 -3.98
N VAL A 52 0.39 -9.68 -4.61
CA VAL A 52 -0.33 -8.49 -4.16
C VAL A 52 -1.84 -8.63 -4.42
N VAL A 53 -2.63 -8.33 -3.39
CA VAL A 53 -4.10 -8.38 -3.31
C VAL A 53 -4.74 -6.97 -3.33
N SER A 54 -3.98 -5.92 -2.98
CA SER A 54 -4.43 -4.53 -2.98
C SER A 54 -3.24 -3.57 -3.01
N ALA A 55 -3.39 -2.39 -3.64
CA ALA A 55 -2.35 -1.35 -3.74
C ALA A 55 -2.99 0.01 -4.07
N LYS A 56 -2.75 1.03 -3.25
CA LYS A 56 -3.38 2.35 -3.41
C LYS A 56 -2.55 3.48 -2.78
N VAL A 57 -2.59 4.66 -3.38
CA VAL A 57 -1.98 5.90 -2.89
C VAL A 57 -3.09 6.93 -2.68
N PHE A 58 -3.10 7.58 -1.51
CA PHE A 58 -4.12 8.53 -1.13
C PHE A 58 -3.82 9.91 -1.75
N ILE A 59 -4.85 10.58 -2.28
CA ILE A 59 -4.76 11.79 -3.10
C ILE A 59 -5.73 12.86 -2.57
N ASP A 60 -5.30 14.13 -2.57
CA ASP A 60 -6.14 15.26 -2.16
C ASP A 60 -7.01 15.76 -3.32
N LYS A 61 -8.32 15.84 -3.09
CA LYS A 61 -9.31 16.26 -4.09
C LYS A 61 -9.14 17.72 -4.58
N GLN A 62 -8.38 18.55 -3.85
CA GLN A 62 -8.13 19.96 -4.20
C GLN A 62 -7.00 20.15 -5.22
N THR A 63 -6.11 19.15 -5.39
CA THR A 63 -4.88 19.27 -6.20
C THR A 63 -4.65 18.07 -7.13
N ASN A 64 -5.27 16.93 -6.87
CA ASN A 64 -5.03 15.64 -7.53
C ASN A 64 -3.60 15.10 -7.30
N LEU A 65 -2.88 15.62 -6.29
CA LEU A 65 -1.54 15.18 -5.90
C LEU A 65 -1.61 14.14 -4.78
N SER A 66 -0.68 13.19 -4.80
CA SER A 66 -0.55 12.14 -3.78
C SER A 66 -0.01 12.70 -2.46
N LYS A 67 -0.64 12.32 -1.35
CA LYS A 67 -0.37 12.82 0.01
C LYS A 67 0.94 12.28 0.64
N CYS A 68 1.77 11.61 -0.15
CA CYS A 68 3.01 10.92 0.24
C CYS A 68 2.78 9.67 1.12
N PHE A 69 1.57 9.10 1.14
CA PHE A 69 1.29 7.84 1.84
C PHE A 69 0.24 6.98 1.11
N GLY A 70 0.32 5.68 1.35
CA GLY A 70 -0.44 4.63 0.65
C GLY A 70 -0.61 3.35 1.49
N PHE A 71 -1.21 2.35 0.87
CA PHE A 71 -1.59 1.06 1.47
C PHE A 71 -1.39 -0.07 0.45
N VAL A 72 -0.96 -1.24 0.91
CA VAL A 72 -0.73 -2.45 0.10
C VAL A 72 -1.16 -3.67 0.91
N SER A 73 -1.66 -4.73 0.26
CA SER A 73 -1.98 -6.01 0.90
C SER A 73 -1.59 -7.20 0.03
N TYR A 74 -1.30 -8.35 0.66
CA TYR A 74 -0.87 -9.59 0.01
C TYR A 74 -1.82 -10.78 0.32
N ASP A 75 -1.64 -11.88 -0.40
CA ASP A 75 -2.26 -13.18 -0.15
C ASP A 75 -1.87 -13.78 1.22
N ASN A 76 -0.73 -13.36 1.79
CA ASN A 76 -0.10 -13.94 2.98
C ASN A 76 0.90 -12.98 3.65
N PRO A 77 1.20 -13.17 4.94
CA PRO A 77 2.22 -12.40 5.64
C PRO A 77 3.65 -12.68 5.17
N VAL A 78 3.93 -13.78 4.44
CA VAL A 78 5.30 -14.09 4.00
C VAL A 78 5.76 -13.13 2.90
N SER A 79 4.90 -12.87 1.92
CA SER A 79 5.13 -11.90 0.85
C SER A 79 5.13 -10.45 1.38
N ALA A 80 4.34 -10.18 2.43
CA ALA A 80 4.24 -8.86 3.05
C ALA A 80 5.48 -8.52 3.88
N GLN A 81 5.95 -9.44 4.74
CA GLN A 81 7.18 -9.25 5.52
C GLN A 81 8.42 -9.12 4.63
N ALA A 82 8.44 -9.80 3.48
CA ALA A 82 9.49 -9.64 2.48
C ALA A 82 9.50 -8.22 1.86
N ALA A 83 8.34 -7.54 1.77
CA ALA A 83 8.25 -6.18 1.29
C ALA A 83 8.70 -5.18 2.37
N ILE A 84 8.30 -5.37 3.63
CA ILE A 84 8.76 -4.50 4.75
C ILE A 84 10.29 -4.54 4.85
N GLN A 85 10.88 -5.73 4.79
CA GLN A 85 12.34 -5.92 4.87
C GLN A 85 13.10 -5.43 3.63
N SER A 86 12.42 -5.15 2.51
CA SER A 86 13.05 -4.64 1.28
C SER A 86 12.82 -3.13 1.05
N MET A 87 11.71 -2.57 1.56
CA MET A 87 11.25 -1.22 1.23
C MET A 87 11.26 -0.23 2.40
N ASN A 88 11.29 -0.69 3.65
CA ASN A 88 11.42 0.20 4.80
C ASN A 88 12.84 0.79 4.84
N GLY A 89 12.97 2.09 4.57
CA GLY A 89 14.24 2.81 4.39
C GLY A 89 14.69 3.00 2.94
N PHE A 90 13.90 2.55 1.94
CA PHE A 90 14.24 2.64 0.51
C PHE A 90 14.40 4.09 0.05
N GLN A 91 15.53 4.44 -0.54
CA GLN A 91 15.84 5.82 -0.97
C GLN A 91 15.17 6.11 -2.33
N ILE A 92 14.45 7.24 -2.42
CA ILE A 92 13.71 7.68 -3.62
C ILE A 92 13.66 9.20 -3.69
N GLY A 93 13.94 9.78 -4.87
CA GLY A 93 13.99 11.24 -5.07
C GLY A 93 15.14 11.88 -4.29
N MET A 94 14.82 12.46 -3.13
CA MET A 94 15.76 13.09 -2.17
C MET A 94 15.48 12.66 -0.72
N LYS A 95 14.77 11.54 -0.51
CA LYS A 95 14.26 11.06 0.78
C LYS A 95 14.25 9.52 0.88
N ARG A 96 13.74 8.97 2.00
CA ARG A 96 13.60 7.53 2.25
C ARG A 96 12.17 7.16 2.67
N LEU A 97 11.65 6.05 2.13
CA LEU A 97 10.33 5.50 2.44
C LEU A 97 10.30 4.85 3.83
N LYS A 98 9.09 4.71 4.38
CA LYS A 98 8.81 3.92 5.59
C LYS A 98 7.64 2.96 5.30
N VAL A 99 7.68 1.73 5.83
CA VAL A 99 6.65 0.70 5.59
C VAL A 99 6.39 -0.06 6.91
N GLN A 100 5.12 -0.30 7.24
CA GLN A 100 4.72 -0.87 8.54
C GLN A 100 3.36 -1.58 8.47
N LEU A 101 3.16 -2.60 9.33
CA LEU A 101 1.92 -3.39 9.38
C LEU A 101 0.68 -2.60 9.79
N LYS A 102 -0.49 -3.06 9.32
CA LYS A 102 -1.82 -2.61 9.75
C LYS A 102 -2.10 -2.90 11.25
N ARG A 103 -1.32 -3.78 11.89
CA ARG A 103 -1.38 -4.00 13.34
C ARG A 103 -1.08 -2.71 14.13
N SER A 104 -0.13 -1.89 13.66
CA SER A 104 0.20 -0.60 14.26
C SER A 104 -0.84 0.51 14.01
N LYS A 105 -1.81 0.27 13.11
CA LYS A 105 -2.98 1.13 12.89
C LYS A 105 -4.13 0.82 13.87
N ASN A 106 -4.02 -0.24 14.67
CA ASN A 106 -5.08 -0.80 15.54
C ASN A 106 -4.62 -1.17 16.96
N ASP A 107 -3.32 -1.20 17.24
CA ASP A 107 -2.68 -1.60 18.51
C ASP A 107 -1.27 -1.00 18.61
N SER A 108 -0.71 -0.97 19.82
CA SER A 108 0.53 -0.23 20.14
C SER A 108 1.35 -0.80 21.33
N LYS A 109 0.91 -1.89 21.98
CA LYS A 109 1.64 -2.53 23.08
C LYS A 109 2.97 -3.16 22.62
N SER A 110 4.01 -3.07 23.46
CA SER A 110 5.39 -3.52 23.17
C SER A 110 6.25 -3.57 24.45
N GLY A 111 7.44 -4.17 24.36
CA GLY A 111 8.42 -4.27 25.45
C GLY A 111 9.82 -4.68 24.97
N PRO A 112 10.86 -4.54 25.83
CA PRO A 112 12.25 -4.87 25.50
C PRO A 112 12.47 -6.38 25.45
N SER A 113 13.47 -6.81 24.68
CA SER A 113 13.86 -8.23 24.50
C SER A 113 14.80 -8.77 25.60
N SER A 114 15.25 -7.91 26.53
CA SER A 114 16.20 -8.22 27.61
C SER A 114 15.91 -7.36 28.86
N GLY A 115 16.21 -7.90 30.05
CA GLY A 115 16.01 -7.24 31.34
C GLY A 115 16.43 -8.10 32.53
N GLY A 1 -21.66 16.32 -13.42
CA GLY A 1 -22.19 17.56 -14.05
C GLY A 1 -22.11 17.49 -15.57
N SER A 2 -22.10 18.63 -16.24
CA SER A 2 -22.04 18.72 -17.72
C SER A 2 -20.67 18.30 -18.32
N SER A 3 -19.63 18.22 -17.49
CA SER A 3 -18.31 17.66 -17.81
C SER A 3 -18.24 16.12 -17.75
N GLY A 4 -19.35 15.45 -17.39
CA GLY A 4 -19.46 14.00 -17.23
C GLY A 4 -19.43 13.53 -15.77
N SER A 5 -19.29 12.22 -15.58
CA SER A 5 -19.27 11.49 -14.29
C SER A 5 -18.81 10.04 -14.51
N SER A 6 -18.43 9.33 -13.44
CA SER A 6 -17.89 7.96 -13.51
C SER A 6 -18.93 6.87 -13.83
N GLY A 7 -20.23 7.21 -13.85
CA GLY A 7 -21.33 6.35 -14.33
C GLY A 7 -21.59 5.08 -13.53
N LEU A 8 -20.98 4.94 -12.34
CA LEU A 8 -20.92 3.73 -11.50
C LEU A 8 -20.16 2.57 -12.20
N THR A 9 -19.41 2.86 -13.28
CA THR A 9 -18.66 1.86 -14.07
C THR A 9 -17.39 1.41 -13.37
N GLN A 10 -16.71 2.31 -12.65
CA GLN A 10 -15.46 2.03 -11.94
C GLN A 10 -15.77 1.41 -10.55
N GLN A 11 -16.16 0.13 -10.55
CA GLN A 11 -16.44 -0.67 -9.35
C GLN A 11 -15.68 -2.02 -9.33
N SER A 12 -14.71 -2.19 -10.25
CA SER A 12 -13.78 -3.32 -10.30
C SER A 12 -12.44 -2.84 -10.90
N ILE A 13 -11.32 -3.27 -10.31
CA ILE A 13 -9.96 -2.75 -10.58
C ILE A 13 -8.89 -3.85 -10.44
N GLY A 14 -7.80 -3.73 -11.22
CA GLY A 14 -6.68 -4.67 -11.22
C GLY A 14 -5.71 -4.41 -10.05
N ALA A 15 -6.20 -4.54 -8.82
CA ALA A 15 -5.54 -4.32 -7.52
C ALA A 15 -5.20 -2.84 -7.22
N ALA A 16 -4.73 -2.09 -8.21
CA ALA A 16 -4.44 -0.65 -8.13
C ALA A 16 -5.74 0.18 -7.98
N GLY A 17 -5.81 0.99 -6.93
CA GLY A 17 -6.96 1.82 -6.57
C GLY A 17 -7.97 1.11 -5.66
N SER A 18 -7.65 -0.09 -5.20
CA SER A 18 -8.52 -0.91 -4.36
C SER A 18 -8.51 -0.50 -2.87
N GLN A 19 -9.51 -0.96 -2.12
CA GLN A 19 -9.59 -0.80 -0.66
C GLN A 19 -9.83 -2.15 0.07
N LYS A 20 -9.74 -3.28 -0.66
CA LYS A 20 -9.69 -4.62 -0.07
C LYS A 20 -8.37 -4.87 0.68
N GLU A 21 -8.33 -5.94 1.48
CA GLU A 21 -7.16 -6.37 2.25
C GLU A 21 -7.17 -7.88 2.53
N GLY A 22 -6.03 -8.41 2.95
CA GLY A 22 -5.77 -9.84 3.19
C GLY A 22 -5.76 -10.22 4.68
N PRO A 23 -5.17 -11.38 5.03
CA PRO A 23 -5.18 -11.94 6.39
C PRO A 23 -4.24 -11.19 7.34
N GLU A 24 -4.23 -11.61 8.61
CA GLU A 24 -3.38 -11.04 9.66
C GLU A 24 -1.89 -11.12 9.27
N GLY A 25 -1.21 -9.97 9.33
CA GLY A 25 0.21 -9.82 8.99
C GLY A 25 0.47 -9.50 7.50
N ALA A 26 -0.56 -9.53 6.65
CA ALA A 26 -0.43 -9.37 5.20
C ALA A 26 -0.70 -7.93 4.69
N ASN A 27 -1.06 -7.00 5.59
CA ASN A 27 -1.57 -5.67 5.24
C ASN A 27 -0.59 -4.57 5.69
N LEU A 28 -0.12 -3.75 4.74
CA LEU A 28 0.98 -2.79 4.87
C LEU A 28 0.53 -1.37 4.56
N PHE A 29 1.00 -0.41 5.37
CA PHE A 29 0.91 1.03 5.09
C PHE A 29 2.31 1.55 4.77
N ILE A 30 2.41 2.37 3.72
CA ILE A 30 3.65 2.87 3.13
C ILE A 30 3.64 4.40 3.25
N TYR A 31 4.76 4.98 3.65
CA TYR A 31 4.91 6.42 3.92
C TYR A 31 6.17 7.01 3.29
N HIS A 32 6.17 8.35 3.11
CA HIS A 32 7.23 9.17 2.50
C HIS A 32 7.39 8.92 0.99
N LEU A 33 6.30 8.57 0.29
CA LEU A 33 6.27 8.34 -1.17
C LEU A 33 6.54 9.65 -1.94
N PRO A 34 7.03 9.57 -3.21
CA PRO A 34 7.11 10.72 -4.09
C PRO A 34 5.74 11.36 -4.32
N GLN A 35 5.71 12.68 -4.54
CA GLN A 35 4.47 13.44 -4.74
C GLN A 35 3.75 13.08 -6.06
N GLU A 36 4.46 12.47 -7.02
CA GLU A 36 3.93 12.12 -8.35
C GLU A 36 3.33 10.70 -8.45
N PHE A 37 3.54 9.86 -7.43
CA PHE A 37 3.15 8.45 -7.43
C PHE A 37 1.62 8.23 -7.49
N GLY A 38 1.20 7.27 -8.31
CA GLY A 38 -0.18 6.76 -8.37
C GLY A 38 -0.28 5.30 -7.92
N ASP A 39 -1.49 4.76 -7.98
CA ASP A 39 -1.82 3.42 -7.48
C ASP A 39 -1.10 2.30 -8.25
N GLN A 40 -0.85 2.51 -9.55
CA GLN A 40 -0.10 1.58 -10.40
C GLN A 40 1.40 1.61 -10.08
N ASP A 41 1.96 2.77 -9.71
CA ASP A 41 3.37 2.88 -9.33
C ASP A 41 3.65 2.14 -8.02
N LEU A 42 2.74 2.26 -7.03
CA LEU A 42 2.83 1.53 -5.77
C LEU A 42 2.59 0.02 -5.96
N LEU A 43 1.67 -0.37 -6.87
CA LEU A 43 1.45 -1.79 -7.20
C LEU A 43 2.70 -2.40 -7.85
N GLN A 44 3.26 -1.77 -8.88
CA GLN A 44 4.44 -2.26 -9.59
C GLN A 44 5.70 -2.26 -8.70
N MET A 45 5.79 -1.36 -7.72
CA MET A 45 6.85 -1.34 -6.70
C MET A 45 6.79 -2.54 -5.74
N PHE A 46 5.58 -3.09 -5.46
CA PHE A 46 5.36 -4.15 -4.46
C PHE A 46 5.10 -5.54 -5.07
N MET A 47 4.80 -5.66 -6.38
CA MET A 47 4.75 -6.93 -7.11
C MET A 47 5.98 -7.86 -6.94
N PRO A 48 7.24 -7.37 -6.86
CA PRO A 48 8.42 -8.23 -6.76
C PRO A 48 8.49 -9.14 -5.52
N PHE A 49 7.72 -8.85 -4.47
CA PHE A 49 7.79 -9.56 -3.19
C PHE A 49 6.71 -10.65 -3.05
N GLY A 50 5.74 -10.69 -3.97
CA GLY A 50 4.72 -11.74 -4.09
C GLY A 50 3.34 -11.26 -4.52
N ASN A 51 2.32 -12.08 -4.24
CA ASN A 51 0.95 -11.88 -4.73
C ASN A 51 0.22 -10.74 -4.00
N VAL A 52 0.40 -9.51 -4.48
CA VAL A 52 -0.38 -8.33 -4.06
C VAL A 52 -1.85 -8.51 -4.47
N VAL A 53 -2.75 -8.39 -3.50
CA VAL A 53 -4.21 -8.46 -3.66
C VAL A 53 -4.80 -7.07 -3.94
N SER A 54 -4.21 -6.01 -3.38
CA SER A 54 -4.70 -4.62 -3.44
C SER A 54 -3.58 -3.63 -3.15
N ALA A 55 -3.60 -2.46 -3.81
CA ALA A 55 -2.64 -1.37 -3.64
C ALA A 55 -3.30 -0.01 -3.93
N LYS A 56 -2.91 1.03 -3.19
CA LYS A 56 -3.51 2.37 -3.29
C LYS A 56 -2.58 3.47 -2.73
N VAL A 57 -2.58 4.64 -3.38
CA VAL A 57 -1.96 5.89 -2.91
C VAL A 57 -3.09 6.86 -2.57
N PHE A 58 -2.97 7.58 -1.46
CA PHE A 58 -3.94 8.61 -1.06
C PHE A 58 -3.64 9.92 -1.81
N ILE A 59 -4.65 10.48 -2.47
CA ILE A 59 -4.51 11.60 -3.43
C ILE A 59 -5.23 12.86 -2.92
N ASP A 60 -4.60 14.02 -3.10
CA ASP A 60 -5.17 15.34 -2.80
C ASP A 60 -6.26 15.72 -3.82
N LYS A 61 -7.44 16.10 -3.32
CA LYS A 61 -8.62 16.39 -4.16
C LYS A 61 -8.55 17.69 -4.98
N GLN A 62 -7.58 18.58 -4.71
CA GLN A 62 -7.43 19.88 -5.35
C GLN A 62 -6.30 19.91 -6.39
N THR A 63 -5.21 19.16 -6.16
CA THR A 63 -4.03 19.10 -7.05
C THR A 63 -3.91 17.80 -7.83
N ASN A 64 -4.60 16.73 -7.40
CA ASN A 64 -4.53 15.37 -7.94
C ASN A 64 -3.16 14.69 -7.71
N LEU A 65 -2.35 15.22 -6.79
CA LEU A 65 -1.01 14.71 -6.42
C LEU A 65 -1.08 13.75 -5.22
N SER A 66 -0.03 12.96 -5.01
CA SER A 66 0.10 12.08 -3.85
C SER A 66 0.25 12.87 -2.54
N LYS A 67 -0.44 12.41 -1.49
CA LYS A 67 -0.25 12.88 -0.12
C LYS A 67 1.03 12.33 0.55
N CYS A 68 1.85 11.58 -0.22
CA CYS A 68 3.12 10.94 0.16
C CYS A 68 2.93 9.67 1.04
N PHE A 69 1.75 9.05 1.01
CA PHE A 69 1.47 7.80 1.72
C PHE A 69 0.42 6.94 1.01
N GLY A 70 0.44 5.64 1.30
CA GLY A 70 -0.33 4.60 0.62
C GLY A 70 -0.50 3.33 1.45
N PHE A 71 -1.07 2.30 0.81
CA PHE A 71 -1.51 1.05 1.40
C PHE A 71 -1.35 -0.09 0.39
N VAL A 72 -0.91 -1.27 0.84
CA VAL A 72 -0.69 -2.48 0.01
C VAL A 72 -1.01 -3.73 0.83
N SER A 73 -1.71 -4.71 0.24
CA SER A 73 -2.07 -5.96 0.92
C SER A 73 -1.82 -7.20 0.05
N TYR A 74 -1.35 -8.28 0.66
CA TYR A 74 -1.04 -9.58 0.04
C TYR A 74 -2.03 -10.69 0.46
N ASP A 75 -1.96 -11.85 -0.18
CA ASP A 75 -2.75 -13.04 0.20
C ASP A 75 -2.12 -13.83 1.37
N ASN A 76 -0.95 -13.40 1.87
CA ASN A 76 -0.20 -14.01 2.97
C ASN A 76 0.76 -13.01 3.65
N PRO A 77 1.17 -13.25 4.91
CA PRO A 77 2.09 -12.37 5.60
C PRO A 77 3.56 -12.56 5.18
N VAL A 78 3.93 -13.62 4.45
CA VAL A 78 5.36 -13.86 4.15
C VAL A 78 5.83 -12.96 3.01
N SER A 79 5.04 -12.84 1.94
CA SER A 79 5.26 -11.89 0.84
C SER A 79 5.18 -10.43 1.33
N ALA A 80 4.33 -10.18 2.33
CA ALA A 80 4.15 -8.86 2.94
C ALA A 80 5.37 -8.44 3.77
N GLN A 81 5.84 -9.29 4.69
CA GLN A 81 7.03 -8.99 5.50
C GLN A 81 8.31 -8.95 4.65
N ALA A 82 8.38 -9.72 3.55
CA ALA A 82 9.45 -9.60 2.56
C ALA A 82 9.48 -8.24 1.88
N ALA A 83 8.33 -7.56 1.71
CA ALA A 83 8.27 -6.20 1.21
C ALA A 83 8.73 -5.19 2.27
N ILE A 84 8.33 -5.36 3.54
CA ILE A 84 8.84 -4.52 4.65
C ILE A 84 10.37 -4.59 4.72
N GLN A 85 10.94 -5.79 4.70
CA GLN A 85 12.38 -6.02 4.79
C GLN A 85 13.15 -5.58 3.53
N SER A 86 12.48 -5.28 2.42
CA SER A 86 13.11 -4.80 1.18
C SER A 86 12.92 -3.29 0.94
N MET A 87 11.84 -2.69 1.45
CA MET A 87 11.41 -1.32 1.11
C MET A 87 11.42 -0.33 2.28
N ASN A 88 11.45 -0.79 3.53
CA ASN A 88 11.57 0.10 4.68
C ASN A 88 12.99 0.70 4.75
N GLY A 89 13.09 2.01 4.52
CA GLY A 89 14.35 2.77 4.37
C GLY A 89 14.83 2.93 2.92
N PHE A 90 14.07 2.46 1.91
CA PHE A 90 14.42 2.56 0.49
C PHE A 90 14.50 4.03 0.04
N GLN A 91 15.63 4.44 -0.54
CA GLN A 91 15.85 5.82 -0.98
C GLN A 91 15.30 6.05 -2.39
N ILE A 92 14.49 7.11 -2.55
CA ILE A 92 13.76 7.44 -3.77
C ILE A 92 13.60 8.97 -3.91
N GLY A 93 13.92 9.52 -5.07
CA GLY A 93 13.95 10.98 -5.30
C GLY A 93 15.06 11.64 -4.50
N MET A 94 14.69 12.22 -3.35
CA MET A 94 15.58 12.88 -2.38
C MET A 94 15.23 12.51 -0.92
N LYS A 95 14.52 11.40 -0.70
CA LYS A 95 13.96 10.96 0.59
C LYS A 95 13.97 9.42 0.76
N ARG A 96 13.60 8.91 1.93
CA ARG A 96 13.57 7.46 2.24
C ARG A 96 12.18 7.02 2.72
N LEU A 97 11.68 5.91 2.16
CA LEU A 97 10.38 5.32 2.47
C LEU A 97 10.34 4.71 3.88
N LYS A 98 9.14 4.62 4.46
CA LYS A 98 8.85 3.83 5.67
C LYS A 98 7.71 2.86 5.33
N VAL A 99 7.77 1.61 5.79
CA VAL A 99 6.75 0.59 5.53
C VAL A 99 6.46 -0.14 6.84
N GLN A 100 5.18 -0.38 7.16
CA GLN A 100 4.74 -0.85 8.47
C GLN A 100 3.45 -1.67 8.38
N LEU A 101 3.31 -2.67 9.25
CA LEU A 101 2.07 -3.46 9.39
C LEU A 101 0.89 -2.64 9.92
N LYS A 102 -0.33 -3.12 9.64
CA LYS A 102 -1.59 -2.65 10.24
C LYS A 102 -1.74 -3.19 11.69
N ARG A 103 -0.75 -2.90 12.54
CA ARG A 103 -0.58 -3.49 13.89
C ARG A 103 0.35 -2.62 14.76
N SER A 104 -0.08 -2.36 15.99
CA SER A 104 0.61 -1.47 16.96
C SER A 104 0.27 -1.78 18.43
N LYS A 105 -0.47 -2.88 18.69
CA LYS A 105 -1.04 -3.26 19.99
C LYS A 105 -1.41 -4.76 20.02
N ASN A 106 -1.46 -5.37 21.20
CA ASN A 106 -1.83 -6.78 21.40
C ASN A 106 -2.54 -7.00 22.75
N ASP A 107 -3.51 -7.93 22.79
CA ASP A 107 -4.40 -8.15 23.93
C ASP A 107 -4.85 -9.64 24.05
N SER A 108 -4.07 -10.55 23.48
CA SER A 108 -4.33 -12.01 23.45
C SER A 108 -3.02 -12.77 23.20
N LYS A 109 -2.72 -13.79 24.02
CA LYS A 109 -1.47 -14.59 23.98
C LYS A 109 -0.20 -13.75 24.24
N SER A 110 -0.32 -12.62 24.94
CA SER A 110 0.78 -11.68 25.25
C SER A 110 1.85 -12.24 26.23
N GLY A 111 1.56 -13.36 26.92
CA GLY A 111 2.46 -14.03 27.86
C GLY A 111 2.30 -13.58 29.33
N PRO A 112 2.98 -14.26 30.27
CA PRO A 112 2.89 -13.98 31.70
C PRO A 112 3.70 -12.74 32.09
N SER A 113 3.42 -12.19 33.27
CA SER A 113 4.08 -10.99 33.83
C SER A 113 5.43 -11.27 34.51
N SER A 114 5.87 -12.53 34.57
CA SER A 114 7.11 -13.00 35.18
C SER A 114 7.47 -14.43 34.70
N GLY A 115 8.75 -14.83 34.84
CA GLY A 115 9.28 -16.13 34.41
C GLY A 115 10.76 -16.31 34.77
N GLY A 1 -11.96 -25.91 -11.52
CA GLY A 1 -12.49 -25.53 -12.85
C GLY A 1 -11.73 -24.36 -13.45
N SER A 2 -11.69 -24.27 -14.79
CA SER A 2 -10.87 -23.28 -15.52
C SER A 2 -11.50 -21.88 -15.64
N SER A 3 -12.76 -21.71 -15.22
CA SER A 3 -13.51 -20.44 -15.25
C SER A 3 -14.73 -20.48 -14.31
N GLY A 4 -15.19 -19.32 -13.83
CA GLY A 4 -16.31 -19.16 -12.89
C GLY A 4 -17.65 -18.85 -13.58
N SER A 5 -18.73 -18.95 -12.81
CA SER A 5 -20.12 -18.77 -13.27
C SER A 5 -20.98 -17.92 -12.29
N SER A 6 -20.34 -17.20 -11.37
CA SER A 6 -20.98 -16.49 -10.24
C SER A 6 -20.02 -15.46 -9.59
N GLY A 7 -20.53 -14.67 -8.63
CA GLY A 7 -19.77 -13.66 -7.87
C GLY A 7 -19.79 -12.25 -8.46
N LEU A 8 -20.05 -12.13 -9.78
CA LEU A 8 -20.26 -10.89 -10.54
C LEU A 8 -18.98 -10.02 -10.62
N THR A 9 -19.07 -8.86 -11.28
CA THR A 9 -17.95 -7.96 -11.61
C THR A 9 -17.22 -7.39 -10.40
N GLN A 10 -17.81 -7.45 -9.20
CA GLN A 10 -17.17 -7.10 -7.93
C GLN A 10 -15.98 -8.04 -7.60
N GLN A 11 -15.88 -9.21 -8.25
CA GLN A 11 -14.73 -10.12 -8.14
C GLN A 11 -13.74 -9.98 -9.32
N SER A 12 -14.02 -9.09 -10.29
CA SER A 12 -13.20 -8.86 -11.49
C SER A 12 -12.29 -7.62 -11.38
N ILE A 13 -12.20 -7.03 -10.19
CA ILE A 13 -11.46 -5.78 -9.91
C ILE A 13 -9.93 -5.98 -9.85
N GLY A 14 -9.19 -4.94 -10.25
CA GLY A 14 -7.72 -4.88 -10.15
C GLY A 14 -7.23 -4.40 -8.78
N ALA A 15 -5.94 -4.63 -8.48
CA ALA A 15 -5.34 -4.26 -7.19
C ALA A 15 -5.10 -2.74 -7.05
N ALA A 16 -4.72 -2.06 -8.12
CA ALA A 16 -4.43 -0.62 -8.13
C ALA A 16 -5.71 0.21 -7.90
N GLY A 17 -5.72 1.00 -6.83
CA GLY A 17 -6.82 1.88 -6.42
C GLY A 17 -7.89 1.18 -5.59
N SER A 18 -7.70 -0.11 -5.26
CA SER A 18 -8.63 -0.89 -4.43
C SER A 18 -8.38 -0.69 -2.92
N GLN A 19 -9.25 -1.29 -2.10
CA GLN A 19 -9.16 -1.32 -0.63
C GLN A 19 -9.41 -2.76 -0.12
N LYS A 20 -9.22 -3.77 -0.97
CA LYS A 20 -9.18 -5.18 -0.58
C LYS A 20 -8.02 -5.49 0.40
N GLU A 21 -8.13 -6.62 1.10
CA GLU A 21 -7.14 -7.04 2.11
C GLU A 21 -6.88 -8.55 2.12
N GLY A 22 -5.70 -8.92 2.61
CA GLY A 22 -5.23 -10.29 2.82
C GLY A 22 -5.40 -10.77 4.27
N PRO A 23 -4.83 -11.94 4.62
CA PRO A 23 -4.91 -12.54 5.95
C PRO A 23 -4.10 -11.75 6.99
N GLU A 24 -4.16 -12.19 8.26
CA GLU A 24 -3.42 -11.59 9.38
C GLU A 24 -1.90 -11.59 9.10
N GLY A 25 -1.29 -10.40 9.19
CA GLY A 25 0.13 -10.17 8.90
C GLY A 25 0.42 -9.71 7.47
N ALA A 26 -0.58 -9.72 6.58
CA ALA A 26 -0.40 -9.50 5.13
C ALA A 26 -0.81 -8.09 4.64
N ASN A 27 -1.12 -7.16 5.55
CA ASN A 27 -1.66 -5.82 5.24
C ASN A 27 -0.68 -4.73 5.73
N LEU A 28 -0.26 -3.85 4.81
CA LEU A 28 0.83 -2.87 4.97
C LEU A 28 0.37 -1.44 4.69
N PHE A 29 0.86 -0.50 5.50
CA PHE A 29 0.76 0.94 5.27
C PHE A 29 2.16 1.50 4.97
N ILE A 30 2.23 2.33 3.93
CA ILE A 30 3.47 2.87 3.35
C ILE A 30 3.42 4.40 3.47
N TYR A 31 4.54 5.02 3.85
CA TYR A 31 4.66 6.46 4.11
C TYR A 31 5.92 7.06 3.44
N HIS A 32 5.94 8.38 3.30
CA HIS A 32 7.00 9.17 2.66
C HIS A 32 7.20 8.85 1.16
N LEU A 33 6.11 8.49 0.46
CA LEU A 33 6.10 8.25 -0.99
C LEU A 33 6.40 9.54 -1.77
N PRO A 34 6.85 9.45 -3.03
CA PRO A 34 6.96 10.59 -3.93
C PRO A 34 5.63 11.34 -4.07
N GLN A 35 5.73 12.67 -4.19
CA GLN A 35 4.64 13.64 -4.39
C GLN A 35 3.75 13.38 -5.62
N GLU A 36 4.17 12.47 -6.51
CA GLU A 36 3.59 12.23 -7.84
C GLU A 36 3.31 10.75 -8.14
N PHE A 37 3.60 9.88 -7.17
CA PHE A 37 3.37 8.43 -7.22
C PHE A 37 1.87 8.10 -7.27
N GLY A 38 1.47 7.19 -8.17
CA GLY A 38 0.10 6.68 -8.29
C GLY A 38 -0.07 5.25 -7.75
N ASP A 39 -1.30 4.74 -7.85
CA ASP A 39 -1.67 3.41 -7.36
C ASP A 39 -0.97 2.28 -8.14
N GLN A 40 -0.72 2.52 -9.44
CA GLN A 40 -0.04 1.62 -10.36
C GLN A 40 1.46 1.58 -10.09
N ASP A 41 2.05 2.74 -9.79
CA ASP A 41 3.46 2.87 -9.38
C ASP A 41 3.71 2.12 -8.07
N LEU A 42 2.82 2.26 -7.09
CA LEU A 42 2.91 1.53 -5.82
C LEU A 42 2.71 0.02 -6.02
N LEU A 43 1.73 -0.39 -6.85
CA LEU A 43 1.50 -1.80 -7.19
C LEU A 43 2.75 -2.43 -7.81
N GLN A 44 3.31 -1.82 -8.86
CA GLN A 44 4.41 -2.41 -9.62
C GLN A 44 5.75 -2.34 -8.87
N MET A 45 5.90 -1.44 -7.89
CA MET A 45 7.06 -1.42 -6.98
C MET A 45 6.99 -2.51 -5.89
N PHE A 46 5.79 -3.02 -5.57
CA PHE A 46 5.53 -4.03 -4.54
C PHE A 46 5.29 -5.45 -5.10
N MET A 47 5.01 -5.60 -6.39
CA MET A 47 4.99 -6.88 -7.12
C MET A 47 6.21 -7.81 -6.90
N PRO A 48 7.46 -7.31 -6.79
CA PRO A 48 8.65 -8.16 -6.65
C PRO A 48 8.68 -9.03 -5.37
N PHE A 49 7.87 -8.70 -4.35
CA PHE A 49 7.91 -9.37 -3.04
C PHE A 49 6.83 -10.47 -2.90
N GLY A 50 5.89 -10.55 -3.85
CA GLY A 50 4.92 -11.64 -4.00
C GLY A 50 3.56 -11.19 -4.56
N ASN A 51 2.55 -12.05 -4.40
CA ASN A 51 1.21 -11.85 -4.96
C ASN A 51 0.44 -10.73 -4.23
N VAL A 52 0.40 -9.53 -4.82
CA VAL A 52 -0.31 -8.35 -4.30
C VAL A 52 -1.82 -8.49 -4.52
N VAL A 53 -2.60 -8.29 -3.46
CA VAL A 53 -4.07 -8.35 -3.41
C VAL A 53 -4.71 -6.96 -3.59
N SER A 54 -4.04 -5.91 -3.10
CA SER A 54 -4.48 -4.51 -3.22
C SER A 54 -3.28 -3.57 -3.10
N ALA A 55 -3.37 -2.38 -3.72
CA ALA A 55 -2.36 -1.32 -3.66
C ALA A 55 -3.00 0.04 -3.98
N LYS A 56 -2.75 1.05 -3.14
CA LYS A 56 -3.39 2.37 -3.25
C LYS A 56 -2.54 3.49 -2.66
N VAL A 57 -2.59 4.68 -3.26
CA VAL A 57 -2.01 5.94 -2.76
C VAL A 57 -3.17 6.88 -2.45
N PHE A 58 -3.16 7.48 -1.26
CA PHE A 58 -4.24 8.38 -0.81
C PHE A 58 -4.11 9.76 -1.45
N ILE A 59 -5.25 10.33 -1.87
CA ILE A 59 -5.35 11.54 -2.72
C ILE A 59 -6.15 12.64 -1.99
N ASP A 60 -5.78 13.90 -2.21
CA ASP A 60 -6.52 15.08 -1.75
C ASP A 60 -7.77 15.35 -2.61
N LYS A 61 -8.93 15.51 -1.98
CA LYS A 61 -10.22 15.65 -2.66
C LYS A 61 -10.42 17.00 -3.40
N GLN A 62 -9.59 18.01 -3.12
CA GLN A 62 -9.73 19.37 -3.66
C GLN A 62 -8.63 19.73 -4.67
N THR A 63 -7.43 19.16 -4.55
CA THR A 63 -6.29 19.40 -5.46
C THR A 63 -5.95 18.21 -6.36
N ASN A 64 -6.47 17.01 -6.05
CA ASN A 64 -6.23 15.74 -6.74
C ASN A 64 -4.76 15.26 -6.66
N LEU A 65 -3.97 15.81 -5.71
CA LEU A 65 -2.56 15.48 -5.49
C LEU A 65 -2.39 14.31 -4.50
N SER A 66 -1.31 13.55 -4.64
CA SER A 66 -0.97 12.44 -3.75
C SER A 66 -0.44 12.93 -2.39
N LYS A 67 -0.93 12.33 -1.30
CA LYS A 67 -0.64 12.74 0.09
C LYS A 67 0.69 12.19 0.65
N CYS A 68 1.48 11.50 -0.18
CA CYS A 68 2.77 10.86 0.14
C CYS A 68 2.64 9.64 1.08
N PHE A 69 1.45 9.04 1.19
CA PHE A 69 1.22 7.79 1.92
C PHE A 69 0.17 6.91 1.22
N GLY A 70 0.24 5.61 1.49
CA GLY A 70 -0.50 4.56 0.79
C GLY A 70 -0.68 3.27 1.60
N PHE A 71 -1.26 2.26 0.95
CA PHE A 71 -1.57 0.95 1.50
C PHE A 71 -1.27 -0.13 0.45
N VAL A 72 -0.84 -1.32 0.90
CA VAL A 72 -0.60 -2.51 0.07
C VAL A 72 -0.98 -3.77 0.85
N SER A 73 -1.53 -4.79 0.21
CA SER A 73 -1.84 -6.08 0.84
C SER A 73 -1.47 -7.28 -0.06
N TYR A 74 -1.22 -8.44 0.56
CA TYR A 74 -0.72 -9.65 -0.10
C TYR A 74 -1.59 -10.89 0.18
N ASP A 75 -1.43 -11.93 -0.64
CA ASP A 75 -2.08 -13.24 -0.47
C ASP A 75 -1.54 -14.02 0.76
N ASN A 76 -0.34 -13.67 1.25
CA ASN A 76 0.34 -14.29 2.39
C ASN A 76 1.19 -13.26 3.16
N PRO A 77 1.43 -13.46 4.48
CA PRO A 77 2.16 -12.51 5.31
C PRO A 77 3.69 -12.58 5.13
N VAL A 78 4.24 -13.66 4.58
CA VAL A 78 5.68 -13.77 4.25
C VAL A 78 6.02 -12.87 3.06
N SER A 79 5.15 -12.80 2.05
CA SER A 79 5.28 -11.87 0.92
C SER A 79 5.21 -10.40 1.38
N ALA A 80 4.41 -10.14 2.41
CA ALA A 80 4.26 -8.83 3.02
C ALA A 80 5.49 -8.43 3.85
N GLN A 81 5.98 -9.33 4.73
CA GLN A 81 7.21 -9.11 5.50
C GLN A 81 8.43 -8.87 4.60
N ALA A 82 8.52 -9.60 3.47
CA ALA A 82 9.56 -9.40 2.47
C ALA A 82 9.51 -8.01 1.82
N ALA A 83 8.33 -7.39 1.74
CA ALA A 83 8.18 -6.01 1.27
C ALA A 83 8.62 -5.01 2.35
N ILE A 84 8.24 -5.21 3.62
CA ILE A 84 8.70 -4.35 4.72
C ILE A 84 10.23 -4.35 4.81
N GLN A 85 10.84 -5.55 4.75
CA GLN A 85 12.29 -5.74 4.82
C GLN A 85 13.05 -5.19 3.60
N SER A 86 12.37 -4.93 2.47
CA SER A 86 12.98 -4.39 1.24
C SER A 86 12.68 -2.91 0.99
N MET A 87 11.59 -2.37 1.55
CA MET A 87 11.07 -1.03 1.26
C MET A 87 11.17 -0.06 2.44
N ASN A 88 11.27 -0.53 3.69
CA ASN A 88 11.41 0.34 4.85
C ASN A 88 12.81 1.00 4.88
N GLY A 89 12.88 2.32 4.68
CA GLY A 89 14.11 3.11 4.53
C GLY A 89 14.66 3.20 3.10
N PHE A 90 13.97 2.62 2.12
CA PHE A 90 14.36 2.64 0.69
C PHE A 90 14.42 4.07 0.15
N GLN A 91 15.56 4.48 -0.42
CA GLN A 91 15.70 5.80 -1.03
C GLN A 91 15.03 5.83 -2.40
N ILE A 92 14.22 6.86 -2.63
CA ILE A 92 13.45 7.08 -3.86
C ILE A 92 13.54 8.57 -4.22
N GLY A 93 14.45 8.90 -5.15
CA GLY A 93 14.82 10.29 -5.44
C GLY A 93 15.64 10.88 -4.28
N MET A 94 15.16 12.00 -3.73
CA MET A 94 15.80 12.76 -2.64
C MET A 94 15.20 12.47 -1.24
N LYS A 95 14.36 11.43 -1.11
CA LYS A 95 13.67 11.04 0.13
C LYS A 95 13.75 9.52 0.39
N ARG A 96 13.37 9.06 1.60
CA ARG A 96 13.33 7.64 1.99
C ARG A 96 11.94 7.24 2.49
N LEU A 97 11.48 6.05 2.06
CA LEU A 97 10.20 5.46 2.45
C LEU A 97 10.20 4.96 3.91
N LYS A 98 9.00 4.72 4.44
CA LYS A 98 8.74 4.01 5.71
C LYS A 98 7.57 3.04 5.51
N VAL A 99 7.62 1.83 6.06
CA VAL A 99 6.60 0.79 5.87
C VAL A 99 6.33 0.05 7.18
N GLN A 100 5.06 -0.26 7.46
CA GLN A 100 4.62 -0.91 8.70
C GLN A 100 3.39 -1.79 8.45
N LEU A 101 3.19 -2.82 9.29
CA LEU A 101 1.95 -3.59 9.34
C LEU A 101 0.75 -2.70 9.75
N LYS A 102 -0.46 -3.17 9.42
CA LYS A 102 -1.73 -2.62 9.90
C LYS A 102 -1.80 -2.74 11.45
N ARG A 103 -1.70 -1.60 12.15
CA ARG A 103 -1.57 -1.47 13.61
C ARG A 103 -0.24 -2.06 14.14
N SER A 104 0.10 -1.77 15.40
CA SER A 104 1.38 -2.14 16.01
C SER A 104 1.32 -2.10 17.55
N LYS A 105 2.29 -2.77 18.20
CA LYS A 105 2.42 -2.91 19.66
C LYS A 105 3.87 -3.23 20.06
N ASN A 106 4.40 -2.57 21.09
CA ASN A 106 5.79 -2.69 21.54
C ASN A 106 5.96 -2.20 22.99
N ASP A 107 6.91 -2.79 23.73
CA ASP A 107 7.27 -2.43 25.11
C ASP A 107 8.78 -2.57 25.41
N SER A 108 9.62 -2.65 24.36
CA SER A 108 11.08 -2.88 24.45
C SER A 108 11.77 -2.65 23.10
N LYS A 109 12.93 -1.98 23.10
CA LYS A 109 13.74 -1.70 21.89
C LYS A 109 14.58 -2.93 21.42
N SER A 110 14.02 -4.13 21.55
CA SER A 110 14.67 -5.42 21.28
C SER A 110 13.62 -6.54 21.10
N GLY A 111 14.06 -7.74 20.68
CA GLY A 111 13.19 -8.88 20.36
C GLY A 111 12.70 -8.88 18.90
N PRO A 112 11.67 -9.68 18.56
CA PRO A 112 11.15 -9.81 17.20
C PRO A 112 10.39 -8.55 16.76
N SER A 113 10.45 -8.24 15.46
CA SER A 113 9.83 -7.07 14.83
C SER A 113 9.79 -7.22 13.29
N SER A 114 9.06 -6.34 12.60
CA SER A 114 8.96 -6.33 11.13
C SER A 114 10.07 -5.51 10.44
N GLY A 115 10.83 -4.70 11.21
CA GLY A 115 11.89 -3.82 10.71
C GLY A 115 12.61 -3.07 11.83
N GLY A 1 5.55 23.25 -17.77
CA GLY A 1 4.08 23.40 -17.64
C GLY A 1 3.34 22.10 -17.93
N SER A 2 2.03 22.17 -18.13
CA SER A 2 1.11 21.05 -18.43
C SER A 2 -0.22 21.56 -19.00
N SER A 3 -0.86 20.79 -19.89
CA SER A 3 -2.10 21.17 -20.59
C SER A 3 -3.39 20.67 -19.92
N GLY A 4 -3.28 19.88 -18.84
CA GLY A 4 -4.41 19.30 -18.10
C GLY A 4 -3.99 18.37 -16.95
N SER A 5 -4.94 17.59 -16.45
CA SER A 5 -4.79 16.62 -15.35
C SER A 5 -5.98 15.62 -15.33
N SER A 6 -5.78 14.43 -14.75
CA SER A 6 -6.78 13.36 -14.67
C SER A 6 -6.42 12.32 -13.58
N GLY A 7 -7.31 11.35 -13.35
CA GLY A 7 -7.14 10.21 -12.44
C GLY A 7 -6.76 8.91 -13.16
N LEU A 8 -7.16 7.77 -12.60
CA LEU A 8 -6.88 6.42 -13.11
C LEU A 8 -7.94 5.90 -14.11
N THR A 9 -8.76 6.80 -14.66
CA THR A 9 -9.83 6.61 -15.67
C THR A 9 -10.84 5.53 -15.26
N GLN A 10 -10.60 4.28 -15.65
CA GLN A 10 -11.41 3.10 -15.34
C GLN A 10 -10.52 1.86 -15.07
N GLN A 11 -9.21 2.05 -14.84
CA GLN A 11 -8.26 0.97 -14.58
C GLN A 11 -8.17 0.59 -13.10
N SER A 12 -8.96 1.22 -12.24
CA SER A 12 -9.06 0.97 -10.79
C SER A 12 -9.81 -0.32 -10.42
N ILE A 13 -10.13 -1.16 -11.41
CA ILE A 13 -10.82 -2.46 -11.26
C ILE A 13 -9.90 -3.63 -10.84
N GLY A 14 -8.58 -3.39 -10.79
CA GLY A 14 -7.57 -4.33 -10.30
C GLY A 14 -7.18 -4.08 -8.84
N ALA A 15 -5.97 -4.51 -8.45
CA ALA A 15 -5.41 -4.23 -7.12
C ALA A 15 -5.10 -2.73 -6.92
N ALA A 16 -4.66 -2.05 -7.99
CA ALA A 16 -4.39 -0.60 -8.00
C ALA A 16 -5.69 0.21 -7.81
N GLY A 17 -5.74 1.03 -6.76
CA GLY A 17 -6.87 1.88 -6.39
C GLY A 17 -7.90 1.19 -5.50
N SER A 18 -7.68 -0.09 -5.15
CA SER A 18 -8.56 -0.87 -4.28
C SER A 18 -8.35 -0.55 -2.78
N GLN A 19 -9.29 -1.00 -1.95
CA GLN A 19 -9.24 -0.93 -0.48
C GLN A 19 -9.52 -2.30 0.15
N LYS A 20 -9.39 -3.38 -0.63
CA LYS A 20 -9.38 -4.76 -0.13
C LYS A 20 -8.15 -5.02 0.77
N GLU A 21 -8.16 -6.15 1.48
CA GLU A 21 -6.99 -6.67 2.18
C GLU A 21 -7.05 -8.19 2.37
N GLY A 22 -5.86 -8.79 2.50
CA GLY A 22 -5.66 -10.23 2.72
C GLY A 22 -5.76 -10.64 4.20
N PRO A 23 -5.12 -11.76 4.61
CA PRO A 23 -5.15 -12.24 5.99
C PRO A 23 -4.40 -11.28 6.94
N GLU A 24 -4.67 -11.39 8.24
CA GLU A 24 -4.03 -10.55 9.26
C GLU A 24 -2.52 -10.80 9.28
N GLY A 25 -1.73 -9.73 9.13
CA GLY A 25 -0.27 -9.77 8.96
C GLY A 25 0.18 -9.49 7.52
N ALA A 26 -0.72 -9.57 6.55
CA ALA A 26 -0.47 -9.33 5.12
C ALA A 26 -0.84 -7.90 4.69
N ASN A 27 -0.91 -6.95 5.63
CA ASN A 27 -1.51 -5.62 5.46
C ASN A 27 -0.50 -4.52 5.84
N LEU A 28 -0.08 -3.70 4.88
CA LEU A 28 1.02 -2.73 4.99
C LEU A 28 0.59 -1.30 4.68
N PHE A 29 1.09 -0.35 5.46
CA PHE A 29 1.01 1.09 5.20
C PHE A 29 2.42 1.61 4.87
N ILE A 30 2.50 2.43 3.81
CA ILE A 30 3.74 2.92 3.20
C ILE A 30 3.73 4.45 3.32
N TYR A 31 4.85 5.05 3.70
CA TYR A 31 5.01 6.48 3.97
C TYR A 31 6.27 7.08 3.33
N HIS A 32 6.27 8.40 3.14
CA HIS A 32 7.30 9.22 2.50
C HIS A 32 7.40 9.02 0.96
N LEU A 33 6.29 8.64 0.31
CA LEU A 33 6.22 8.43 -1.15
C LEU A 33 6.41 9.74 -1.94
N PRO A 34 6.83 9.68 -3.22
CA PRO A 34 6.82 10.85 -4.11
C PRO A 34 5.41 11.43 -4.27
N GLN A 35 5.31 12.74 -4.52
CA GLN A 35 4.05 13.46 -4.72
C GLN A 35 3.34 13.14 -6.06
N GLU A 36 4.04 12.43 -6.94
CA GLU A 36 3.62 12.03 -8.28
C GLU A 36 3.35 10.52 -8.43
N PHE A 37 3.67 9.74 -7.39
CA PHE A 37 3.49 8.29 -7.34
C PHE A 37 1.99 7.93 -7.27
N GLY A 38 1.50 7.12 -8.21
CA GLY A 38 0.11 6.66 -8.27
C GLY A 38 -0.08 5.22 -7.79
N ASP A 39 -1.32 4.74 -7.88
CA ASP A 39 -1.72 3.42 -7.40
C ASP A 39 -1.07 2.27 -8.16
N GLN A 40 -0.84 2.46 -9.47
CA GLN A 40 -0.15 1.50 -10.33
C GLN A 40 1.38 1.54 -10.12
N ASP A 41 1.94 2.70 -9.76
CA ASP A 41 3.37 2.82 -9.43
C ASP A 41 3.68 2.09 -8.12
N LEU A 42 2.81 2.23 -7.10
CA LEU A 42 2.93 1.48 -5.85
C LEU A 42 2.72 -0.02 -6.07
N LEU A 43 1.77 -0.42 -6.92
CA LEU A 43 1.56 -1.82 -7.29
C LEU A 43 2.79 -2.42 -7.98
N GLN A 44 3.31 -1.76 -9.02
CA GLN A 44 4.49 -2.24 -9.77
C GLN A 44 5.77 -2.28 -8.92
N MET A 45 5.88 -1.43 -7.89
CA MET A 45 7.02 -1.43 -6.96
C MET A 45 6.93 -2.51 -5.87
N PHE A 46 5.73 -3.04 -5.58
CA PHE A 46 5.49 -4.03 -4.51
C PHE A 46 5.14 -5.46 -5.00
N MET A 47 4.69 -5.64 -6.25
CA MET A 47 4.54 -6.96 -6.87
C MET A 47 5.81 -7.84 -6.89
N PRO A 48 7.05 -7.31 -6.99
CA PRO A 48 8.28 -8.08 -6.90
C PRO A 48 8.47 -8.92 -5.62
N PHE A 49 7.72 -8.64 -4.55
CA PHE A 49 7.82 -9.37 -3.26
C PHE A 49 6.75 -10.47 -3.09
N GLY A 50 5.76 -10.51 -4.00
CA GLY A 50 4.78 -11.60 -4.12
C GLY A 50 3.38 -11.15 -4.55
N ASN A 51 2.39 -12.00 -4.26
CA ASN A 51 1.01 -11.85 -4.75
C ASN A 51 0.26 -10.72 -4.04
N VAL A 52 0.32 -9.51 -4.60
CA VAL A 52 -0.41 -8.31 -4.14
C VAL A 52 -1.92 -8.46 -4.46
N VAL A 53 -2.75 -8.23 -3.44
CA VAL A 53 -4.22 -8.25 -3.48
C VAL A 53 -4.80 -6.83 -3.57
N SER A 54 -4.10 -5.82 -3.06
CA SER A 54 -4.53 -4.42 -3.05
C SER A 54 -3.33 -3.47 -2.96
N ALA A 55 -3.41 -2.29 -3.59
CA ALA A 55 -2.39 -1.24 -3.58
C ALA A 55 -3.02 0.13 -3.89
N LYS A 56 -2.70 1.15 -3.09
CA LYS A 56 -3.32 2.49 -3.22
C LYS A 56 -2.44 3.61 -2.64
N VAL A 57 -2.52 4.79 -3.23
CA VAL A 57 -1.89 6.04 -2.77
C VAL A 57 -2.99 7.08 -2.57
N PHE A 58 -2.95 7.82 -1.47
CA PHE A 58 -3.93 8.85 -1.14
C PHE A 58 -3.56 10.18 -1.81
N ILE A 59 -4.55 10.88 -2.39
CA ILE A 59 -4.35 12.06 -3.27
C ILE A 59 -5.28 13.20 -2.82
N ASP A 60 -4.77 14.43 -2.80
CA ASP A 60 -5.51 15.62 -2.37
C ASP A 60 -6.33 16.22 -3.52
N LYS A 61 -7.63 16.44 -3.30
CA LYS A 61 -8.57 16.97 -4.30
C LYS A 61 -8.30 18.44 -4.71
N GLN A 62 -7.45 19.16 -3.98
CA GLN A 62 -7.11 20.56 -4.26
C GLN A 62 -5.97 20.68 -5.31
N THR A 63 -5.16 19.63 -5.50
CA THR A 63 -3.93 19.66 -6.32
C THR A 63 -3.79 18.47 -7.28
N ASN A 64 -4.52 17.37 -7.04
CA ASN A 64 -4.36 16.07 -7.71
C ASN A 64 -2.97 15.43 -7.46
N LEU A 65 -2.25 15.87 -6.41
CA LEU A 65 -0.95 15.34 -5.99
C LEU A 65 -1.09 14.37 -4.81
N SER A 66 -0.23 13.37 -4.79
CA SER A 66 -0.19 12.32 -3.77
C SER A 66 0.33 12.84 -2.42
N LYS A 67 -0.32 12.45 -1.33
CA LYS A 67 -0.08 12.93 0.03
C LYS A 67 1.19 12.33 0.70
N CYS A 68 2.01 11.62 -0.08
CA CYS A 68 3.24 10.91 0.33
C CYS A 68 2.98 9.67 1.21
N PHE A 69 1.77 9.11 1.22
CA PHE A 69 1.47 7.85 1.92
C PHE A 69 0.40 7.02 1.20
N GLY A 70 0.42 5.71 1.47
CA GLY A 70 -0.37 4.68 0.79
C GLY A 70 -0.50 3.39 1.59
N PHE A 71 -1.11 2.40 0.96
CA PHE A 71 -1.43 1.08 1.52
C PHE A 71 -1.16 -0.03 0.48
N VAL A 72 -0.76 -1.21 0.93
CA VAL A 72 -0.57 -2.42 0.12
C VAL A 72 -1.00 -3.65 0.94
N SER A 73 -1.57 -4.67 0.30
CA SER A 73 -1.88 -5.95 0.97
C SER A 73 -1.69 -7.15 0.05
N TYR A 74 -1.29 -8.29 0.62
CA TYR A 74 -0.91 -9.53 -0.08
C TYR A 74 -1.82 -10.72 0.24
N ASP A 75 -1.71 -11.79 -0.54
CA ASP A 75 -2.39 -13.08 -0.32
C ASP A 75 -1.90 -13.83 0.94
N ASN A 76 -0.78 -13.42 1.53
CA ASN A 76 -0.12 -14.02 2.69
C ASN A 76 0.81 -13.02 3.40
N PRO A 77 1.14 -13.23 4.69
CA PRO A 77 2.05 -12.36 5.42
C PRO A 77 3.53 -12.58 5.07
N VAL A 78 3.91 -13.64 4.33
CA VAL A 78 5.34 -13.88 4.01
C VAL A 78 5.81 -12.95 2.90
N SER A 79 5.00 -12.76 1.85
CA SER A 79 5.22 -11.79 0.78
C SER A 79 5.17 -10.34 1.29
N ALA A 80 4.35 -10.10 2.33
CA ALA A 80 4.23 -8.80 2.98
C ALA A 80 5.46 -8.46 3.83
N GLN A 81 5.90 -9.39 4.70
CA GLN A 81 7.12 -9.23 5.50
C GLN A 81 8.38 -9.09 4.61
N ALA A 82 8.42 -9.76 3.46
CA ALA A 82 9.47 -9.59 2.46
C ALA A 82 9.47 -8.19 1.83
N ALA A 83 8.31 -7.52 1.74
CA ALA A 83 8.22 -6.14 1.26
C ALA A 83 8.68 -5.16 2.33
N ILE A 84 8.30 -5.35 3.61
CA ILE A 84 8.79 -4.51 4.72
C ILE A 84 10.33 -4.55 4.78
N GLN A 85 10.91 -5.76 4.71
CA GLN A 85 12.37 -5.97 4.77
C GLN A 85 13.11 -5.48 3.52
N SER A 86 12.42 -5.19 2.41
CA SER A 86 13.03 -4.67 1.17
C SER A 86 12.78 -3.18 0.94
N MET A 87 11.70 -2.61 1.49
CA MET A 87 11.21 -1.26 1.18
C MET A 87 11.27 -0.27 2.34
N ASN A 88 11.34 -0.73 3.59
CA ASN A 88 11.54 0.15 4.74
C ASN A 88 12.98 0.70 4.72
N GLY A 89 13.13 2.00 4.44
CA GLY A 89 14.42 2.68 4.21
C GLY A 89 14.83 2.81 2.73
N PHE A 90 14.01 2.36 1.77
CA PHE A 90 14.30 2.41 0.33
C PHE A 90 14.42 3.85 -0.17
N GLN A 91 15.52 4.19 -0.83
CA GLN A 91 15.80 5.54 -1.32
C GLN A 91 15.05 5.79 -2.63
N ILE A 92 14.26 6.86 -2.70
CA ILE A 92 13.45 7.25 -3.85
C ILE A 92 13.38 8.78 -3.94
N GLY A 93 13.56 9.35 -5.15
CA GLY A 93 13.69 10.79 -5.35
C GLY A 93 14.89 11.35 -4.59
N MET A 94 14.63 12.25 -3.63
CA MET A 94 15.63 12.88 -2.75
C MET A 94 15.54 12.40 -1.28
N LYS A 95 14.79 11.33 -1.01
CA LYS A 95 14.41 10.87 0.34
C LYS A 95 14.38 9.34 0.48
N ARG A 96 13.97 8.81 1.65
CA ARG A 96 13.80 7.39 1.94
C ARG A 96 12.39 7.07 2.44
N LEU A 97 11.85 5.92 2.02
CA LEU A 97 10.53 5.42 2.41
C LEU A 97 10.52 4.81 3.83
N LYS A 98 9.32 4.68 4.39
CA LYS A 98 9.04 3.91 5.61
C LYS A 98 7.86 2.96 5.34
N VAL A 99 7.89 1.73 5.85
CA VAL A 99 6.83 0.72 5.66
C VAL A 99 6.58 -0.01 6.98
N GLN A 100 5.31 -0.24 7.33
CA GLN A 100 4.89 -0.77 8.63
C GLN A 100 3.57 -1.55 8.50
N LEU A 101 3.37 -2.55 9.37
CA LEU A 101 2.10 -3.28 9.48
C LEU A 101 0.91 -2.38 9.90
N LYS A 102 -0.30 -2.81 9.54
CA LYS A 102 -1.57 -2.22 10.02
C LYS A 102 -1.66 -2.24 11.55
N ARG A 103 -2.04 -1.10 12.16
CA ARG A 103 -2.13 -0.90 13.61
C ARG A 103 -3.60 -0.94 14.08
N SER A 104 -3.86 -1.72 15.12
CA SER A 104 -5.15 -1.86 15.82
C SER A 104 -5.29 -0.92 17.03
N LYS A 105 -6.48 -0.88 17.65
CA LYS A 105 -6.78 -0.21 18.95
C LYS A 105 -6.79 1.33 18.91
N ASN A 106 -6.75 1.95 17.72
CA ASN A 106 -6.89 3.40 17.53
C ASN A 106 -7.50 3.76 16.16
N ASP A 107 -8.27 4.86 16.12
CA ASP A 107 -9.04 5.36 14.97
C ASP A 107 -9.25 6.88 15.08
N SER A 108 -9.45 7.56 13.94
CA SER A 108 -9.74 9.00 13.88
C SER A 108 -11.19 9.37 14.27
N LYS A 109 -12.06 8.38 14.50
CA LYS A 109 -13.46 8.57 14.91
C LYS A 109 -13.58 9.18 16.32
N SER A 110 -14.50 10.14 16.49
CA SER A 110 -14.88 10.76 17.76
C SER A 110 -16.35 11.27 17.69
N GLY A 111 -16.82 11.91 18.77
CA GLY A 111 -18.19 12.41 18.93
C GLY A 111 -19.13 11.41 19.64
N PRO A 112 -20.36 11.84 19.99
CA PRO A 112 -21.33 11.05 20.74
C PRO A 112 -21.98 9.97 19.88
N SER A 113 -22.52 8.93 20.53
CA SER A 113 -23.23 7.80 19.91
C SER A 113 -24.05 7.01 20.97
N SER A 114 -25.12 6.34 20.54
CA SER A 114 -25.98 5.52 21.41
C SER A 114 -25.45 4.10 21.67
N GLY A 115 -24.35 3.70 21.00
CA GLY A 115 -23.70 2.38 21.13
C GLY A 115 -22.50 2.21 20.21
N GLY A 1 -32.67 4.27 -21.47
CA GLY A 1 -31.71 3.28 -20.95
C GLY A 1 -31.96 1.88 -21.52
N SER A 2 -31.18 0.90 -21.07
CA SER A 2 -31.24 -0.50 -21.52
C SER A 2 -30.52 -1.45 -20.54
N SER A 3 -30.56 -2.76 -20.80
CA SER A 3 -29.86 -3.79 -20.01
C SER A 3 -28.38 -4.00 -20.39
N GLY A 4 -27.87 -3.23 -21.36
CA GLY A 4 -26.48 -3.32 -21.86
C GLY A 4 -25.46 -2.65 -20.94
N SER A 5 -24.20 -3.10 -21.03
CA SER A 5 -23.10 -2.66 -20.16
C SER A 5 -22.32 -1.43 -20.71
N SER A 6 -22.66 -0.95 -21.91
CA SER A 6 -22.16 0.31 -22.53
C SER A 6 -20.65 0.34 -22.86
N GLY A 7 -19.90 -0.73 -22.57
CA GLY A 7 -18.45 -0.82 -22.79
C GLY A 7 -17.60 -0.05 -21.77
N LEU A 8 -18.19 0.43 -20.66
CA LEU A 8 -17.54 1.27 -19.66
C LEU A 8 -16.56 0.45 -18.79
N THR A 9 -15.26 0.71 -18.96
CA THR A 9 -14.14 -0.01 -18.29
C THR A 9 -14.14 0.11 -16.77
N GLN A 10 -14.75 1.17 -16.22
CA GLN A 10 -14.90 1.41 -14.78
C GLN A 10 -15.72 0.32 -14.05
N GLN A 11 -16.40 -0.57 -14.79
CA GLN A 11 -17.09 -1.75 -14.24
C GLN A 11 -16.13 -2.93 -13.96
N SER A 12 -14.84 -2.80 -14.27
CA SER A 12 -13.79 -3.79 -13.99
C SER A 12 -12.73 -3.21 -13.03
N ILE A 13 -12.25 -4.04 -12.09
CA ILE A 13 -11.34 -3.66 -10.99
C ILE A 13 -10.31 -4.77 -10.71
N GLY A 14 -9.14 -4.39 -10.20
CA GLY A 14 -7.99 -5.27 -9.95
C GLY A 14 -7.39 -5.05 -8.56
N ALA A 15 -6.15 -4.57 -8.51
CA ALA A 15 -5.40 -4.30 -7.27
C ALA A 15 -5.09 -2.80 -7.08
N ALA A 16 -4.51 -2.13 -8.08
CA ALA A 16 -4.23 -0.69 -8.07
C ALA A 16 -5.54 0.12 -8.07
N GLY A 17 -5.70 0.97 -7.05
CA GLY A 17 -6.88 1.82 -6.84
C GLY A 17 -8.00 1.11 -6.07
N SER A 18 -7.86 -0.18 -5.80
CA SER A 18 -8.85 -1.02 -5.15
C SER A 18 -8.52 -1.18 -3.65
N GLN A 19 -9.50 -0.97 -2.77
CA GLN A 19 -9.30 -0.87 -1.31
C GLN A 19 -9.72 -2.15 -0.57
N LYS A 20 -9.45 -3.32 -1.18
CA LYS A 20 -9.57 -4.63 -0.51
C LYS A 20 -8.39 -4.85 0.48
N GLU A 21 -8.33 -6.01 1.12
CA GLU A 21 -7.18 -6.45 1.90
C GLU A 21 -7.09 -7.97 2.10
N GLY A 22 -5.92 -8.44 2.57
CA GLY A 22 -5.60 -9.84 2.85
C GLY A 22 -5.70 -10.21 4.35
N PRO A 23 -5.15 -11.37 4.75
CA PRO A 23 -5.21 -11.86 6.14
C PRO A 23 -4.32 -11.04 7.09
N GLU A 24 -4.45 -11.31 8.39
CA GLU A 24 -3.68 -10.62 9.44
C GLU A 24 -2.16 -10.81 9.23
N GLY A 25 -1.42 -9.69 9.20
CA GLY A 25 0.03 -9.65 8.93
C GLY A 25 0.39 -9.45 7.46
N ALA A 26 -0.58 -9.57 6.54
CA ALA A 26 -0.38 -9.38 5.09
C ALA A 26 -0.63 -7.94 4.60
N ASN A 27 -1.02 -7.03 5.50
CA ASN A 27 -1.50 -5.67 5.18
C ASN A 27 -0.53 -4.59 5.68
N LEU A 28 -0.09 -3.73 4.76
CA LEU A 28 1.00 -2.75 4.93
C LEU A 28 0.53 -1.33 4.61
N PHE A 29 0.99 -0.36 5.42
CA PHE A 29 0.89 1.07 5.15
C PHE A 29 2.29 1.61 4.86
N ILE A 30 2.41 2.39 3.78
CA ILE A 30 3.65 2.89 3.21
C ILE A 30 3.63 4.41 3.32
N TYR A 31 4.74 5.02 3.76
CA TYR A 31 4.87 6.45 4.02
C TYR A 31 6.14 7.05 3.40
N HIS A 32 6.15 8.38 3.25
CA HIS A 32 7.20 9.21 2.63
C HIS A 32 7.33 9.01 1.10
N LEU A 33 6.23 8.65 0.42
CA LEU A 33 6.17 8.48 -1.04
C LEU A 33 6.32 9.83 -1.78
N PRO A 34 6.66 9.83 -3.08
CA PRO A 34 6.61 11.03 -3.92
C PRO A 34 5.17 11.58 -4.00
N GLN A 35 5.01 12.89 -4.19
CA GLN A 35 3.72 13.58 -4.30
C GLN A 35 2.97 13.31 -5.62
N GLU A 36 3.66 12.65 -6.56
CA GLU A 36 3.21 12.32 -7.92
C GLU A 36 3.02 10.80 -8.16
N PHE A 37 3.39 9.98 -7.19
CA PHE A 37 3.26 8.51 -7.22
C PHE A 37 1.78 8.10 -7.24
N GLY A 38 1.40 7.21 -8.17
CA GLY A 38 0.04 6.68 -8.29
C GLY A 38 -0.11 5.25 -7.77
N ASP A 39 -1.34 4.74 -7.85
CA ASP A 39 -1.69 3.41 -7.35
C ASP A 39 -0.99 2.28 -8.12
N GLN A 40 -0.76 2.50 -9.43
CA GLN A 40 -0.04 1.56 -10.30
C GLN A 40 1.48 1.63 -10.07
N ASP A 41 2.02 2.80 -9.70
CA ASP A 41 3.44 2.94 -9.34
C ASP A 41 3.74 2.18 -8.03
N LEU A 42 2.85 2.29 -7.04
CA LEU A 42 2.95 1.55 -5.79
C LEU A 42 2.78 0.04 -6.01
N LEU A 43 1.85 -0.39 -6.88
CA LEU A 43 1.68 -1.80 -7.25
C LEU A 43 2.93 -2.35 -7.92
N GLN A 44 3.45 -1.69 -8.97
CA GLN A 44 4.62 -2.15 -9.71
C GLN A 44 5.90 -2.19 -8.85
N MET A 45 6.00 -1.34 -7.81
CA MET A 45 7.13 -1.32 -6.88
C MET A 45 7.06 -2.42 -5.80
N PHE A 46 5.87 -2.97 -5.52
CA PHE A 46 5.64 -3.97 -4.45
C PHE A 46 5.31 -5.39 -4.95
N MET A 47 4.87 -5.59 -6.20
CA MET A 47 4.73 -6.91 -6.81
C MET A 47 6.01 -7.79 -6.82
N PRO A 48 7.24 -7.25 -6.90
CA PRO A 48 8.49 -8.04 -6.80
C PRO A 48 8.67 -8.86 -5.52
N PHE A 49 7.91 -8.59 -4.44
CA PHE A 49 8.02 -9.30 -3.16
C PHE A 49 6.97 -10.42 -2.99
N GLY A 50 5.99 -10.49 -3.90
CA GLY A 50 5.01 -11.57 -3.99
C GLY A 50 3.62 -11.13 -4.44
N ASN A 51 2.61 -11.98 -4.20
CA ASN A 51 1.25 -11.80 -4.72
C ASN A 51 0.51 -10.66 -4.00
N VAL A 52 0.65 -9.43 -4.50
CA VAL A 52 -0.15 -8.26 -4.08
C VAL A 52 -1.61 -8.48 -4.48
N VAL A 53 -2.51 -8.32 -3.50
CA VAL A 53 -3.97 -8.43 -3.62
C VAL A 53 -4.59 -7.05 -3.91
N SER A 54 -4.08 -5.98 -3.29
CA SER A 54 -4.59 -4.61 -3.45
C SER A 54 -3.50 -3.57 -3.10
N ALA A 55 -3.55 -2.40 -3.75
CA ALA A 55 -2.58 -1.33 -3.62
C ALA A 55 -3.23 0.04 -3.91
N LYS A 56 -2.87 1.07 -3.13
CA LYS A 56 -3.56 2.36 -3.13
C LYS A 56 -2.64 3.50 -2.65
N VAL A 57 -2.72 4.67 -3.28
CA VAL A 57 -2.10 5.92 -2.82
C VAL A 57 -3.23 6.93 -2.56
N PHE A 58 -3.20 7.56 -1.39
CA PHE A 58 -4.25 8.49 -0.96
C PHE A 58 -4.02 9.90 -1.53
N ILE A 59 -5.10 10.58 -1.92
CA ILE A 59 -5.08 11.84 -2.68
C ILE A 59 -5.72 12.97 -1.87
N ASP A 60 -5.09 14.15 -1.85
CA ASP A 60 -5.57 15.32 -1.10
C ASP A 60 -6.65 16.10 -1.90
N LYS A 61 -7.79 16.35 -1.26
CA LYS A 61 -8.95 17.05 -1.87
C LYS A 61 -8.69 18.54 -2.20
N GLN A 62 -7.60 19.13 -1.70
CA GLN A 62 -7.26 20.55 -1.91
C GLN A 62 -6.40 20.78 -3.16
N THR A 63 -5.71 19.75 -3.66
CA THR A 63 -4.68 19.85 -4.72
C THR A 63 -4.75 18.76 -5.79
N ASN A 64 -5.43 17.65 -5.50
CA ASN A 64 -5.47 16.42 -6.31
C ASN A 64 -4.10 15.70 -6.40
N LEU A 65 -3.14 16.06 -5.54
CA LEU A 65 -1.82 15.44 -5.43
C LEU A 65 -1.82 14.31 -4.40
N SER A 66 -0.83 13.42 -4.46
CA SER A 66 -0.70 12.30 -3.54
C SER A 66 -0.17 12.75 -2.17
N LYS A 67 -0.77 12.24 -1.08
CA LYS A 67 -0.47 12.64 0.30
C LYS A 67 0.90 12.17 0.85
N CYS A 68 1.72 11.54 0.00
CA CYS A 68 2.99 10.89 0.34
C CYS A 68 2.81 9.63 1.21
N PHE A 69 1.62 9.03 1.25
CA PHE A 69 1.36 7.76 1.92
C PHE A 69 0.28 6.94 1.20
N GLY A 70 0.34 5.62 1.41
CA GLY A 70 -0.43 4.60 0.71
C GLY A 70 -0.57 3.29 1.50
N PHE A 71 -1.19 2.31 0.86
CA PHE A 71 -1.51 0.98 1.39
C PHE A 71 -1.17 -0.11 0.36
N VAL A 72 -0.73 -1.27 0.83
CA VAL A 72 -0.48 -2.48 0.01
C VAL A 72 -0.88 -3.70 0.83
N SER A 73 -1.47 -4.71 0.19
CA SER A 73 -1.89 -5.96 0.85
C SER A 73 -1.57 -7.19 0.00
N TYR A 74 -1.25 -8.32 0.64
CA TYR A 74 -0.80 -9.56 0.00
C TYR A 74 -1.73 -10.76 0.30
N ASP A 75 -1.52 -11.86 -0.43
CA ASP A 75 -2.13 -13.17 -0.17
C ASP A 75 -1.74 -13.76 1.21
N ASN A 76 -0.61 -13.34 1.76
CA ASN A 76 0.02 -13.91 2.97
C ASN A 76 1.00 -12.95 3.63
N PRO A 77 1.29 -13.12 4.95
CA PRO A 77 2.29 -12.33 5.65
C PRO A 77 3.73 -12.60 5.19
N VAL A 78 4.04 -13.68 4.46
CA VAL A 78 5.42 -13.97 4.04
C VAL A 78 5.87 -13.02 2.91
N SER A 79 5.00 -12.81 1.92
CA SER A 79 5.23 -11.84 0.83
C SER A 79 5.19 -10.40 1.33
N ALA A 80 4.39 -10.13 2.38
CA ALA A 80 4.29 -8.82 3.01
C ALA A 80 5.55 -8.48 3.82
N GLN A 81 6.03 -9.39 4.68
CA GLN A 81 7.28 -9.23 5.43
C GLN A 81 8.48 -9.02 4.50
N ALA A 82 8.54 -9.75 3.38
CA ALA A 82 9.56 -9.56 2.35
C ALA A 82 9.55 -8.15 1.74
N ALA A 83 8.40 -7.48 1.69
CA ALA A 83 8.30 -6.08 1.26
C ALA A 83 8.73 -5.12 2.36
N ILE A 84 8.30 -5.31 3.62
CA ILE A 84 8.73 -4.46 4.75
C ILE A 84 10.26 -4.46 4.87
N GLN A 85 10.86 -5.66 4.82
CA GLN A 85 12.30 -5.86 5.01
C GLN A 85 13.13 -5.44 3.78
N SER A 86 12.50 -5.15 2.64
CA SER A 86 13.16 -4.61 1.44
C SER A 86 12.91 -3.10 1.20
N MET A 87 11.79 -2.56 1.70
CA MET A 87 11.30 -1.21 1.36
C MET A 87 11.32 -0.21 2.51
N ASN A 88 11.36 -0.67 3.77
CA ASN A 88 11.51 0.24 4.91
C ASN A 88 12.94 0.83 4.94
N GLY A 89 13.05 2.14 4.67
CA GLY A 89 14.31 2.88 4.47
C GLY A 89 14.77 3.01 3.02
N PHE A 90 14.00 2.50 2.04
CA PHE A 90 14.35 2.52 0.61
C PHE A 90 14.42 3.95 0.06
N GLN A 91 15.55 4.33 -0.55
CA GLN A 91 15.71 5.66 -1.12
C GLN A 91 14.90 5.80 -2.42
N ILE A 92 14.13 6.88 -2.54
CA ILE A 92 13.36 7.22 -3.74
C ILE A 92 13.51 8.72 -3.99
N GLY A 93 14.24 9.09 -5.05
CA GLY A 93 14.67 10.47 -5.29
C GLY A 93 15.61 10.93 -4.16
N MET A 94 15.19 11.97 -3.43
CA MET A 94 15.89 12.49 -2.24
C MET A 94 15.26 12.02 -0.90
N LYS A 95 14.17 11.24 -0.94
CA LYS A 95 13.50 10.69 0.26
C LYS A 95 13.96 9.27 0.59
N ARG A 96 13.59 8.78 1.78
CA ARG A 96 13.66 7.37 2.19
C ARG A 96 12.29 6.95 2.74
N LEU A 97 11.73 5.88 2.19
CA LEU A 97 10.39 5.38 2.53
C LEU A 97 10.34 4.80 3.95
N LYS A 98 9.13 4.69 4.48
CA LYS A 98 8.80 3.96 5.71
C LYS A 98 7.67 2.95 5.40
N VAL A 99 7.71 1.74 5.96
CA VAL A 99 6.69 0.71 5.77
C VAL A 99 6.38 0.02 7.11
N GLN A 100 5.10 -0.20 7.40
CA GLN A 100 4.63 -0.71 8.70
C GLN A 100 3.35 -1.54 8.55
N LEU A 101 3.19 -2.57 9.39
CA LEU A 101 1.99 -3.41 9.44
C LEU A 101 0.73 -2.64 9.89
N LYS A 102 -0.42 -3.08 9.40
CA LYS A 102 -1.73 -2.65 9.90
C LYS A 102 -1.95 -3.07 11.36
N ARG A 103 -1.37 -4.22 11.75
CA ARG A 103 -1.28 -4.70 13.13
C ARG A 103 -0.18 -3.94 13.90
N SER A 104 -0.53 -2.76 14.40
CA SER A 104 0.33 -1.88 15.21
C SER A 104 -0.51 -0.85 16.00
N LYS A 105 0.08 -0.21 17.01
CA LYS A 105 -0.66 0.63 17.97
C LYS A 105 -1.20 1.95 17.38
N ASN A 106 -2.30 2.43 17.96
CA ASN A 106 -2.98 3.70 17.66
C ASN A 106 -2.86 4.74 18.80
N ASP A 107 -1.99 4.49 19.78
CA ASP A 107 -1.71 5.30 20.97
C ASP A 107 -0.29 4.98 21.49
N SER A 108 0.25 5.81 22.40
CA SER A 108 1.64 5.76 22.90
C SER A 108 2.69 6.14 21.83
N LYS A 109 2.27 6.84 20.77
CA LYS A 109 3.05 7.09 19.55
C LYS A 109 4.20 8.12 19.70
N SER A 110 4.33 8.75 20.87
CA SER A 110 5.40 9.70 21.23
C SER A 110 5.51 9.88 22.75
N GLY A 111 6.66 10.36 23.22
CA GLY A 111 7.00 10.52 24.65
C GLY A 111 8.51 10.73 24.88
N PRO A 112 9.08 10.24 25.99
CA PRO A 112 10.50 10.40 26.29
C PRO A 112 11.40 9.47 25.46
N SER A 113 10.84 8.44 24.81
CA SER A 113 11.59 7.39 24.08
C SER A 113 11.32 7.36 22.56
N SER A 114 10.49 8.27 22.03
CA SER A 114 10.08 8.33 20.61
C SER A 114 9.39 9.66 20.28
N GLY A 115 9.60 10.19 19.07
CA GLY A 115 9.03 11.46 18.59
C GLY A 115 9.56 11.87 17.21
N GLY A 1 -23.05 -12.67 -20.85
CA GLY A 1 -23.55 -11.31 -21.16
C GLY A 1 -24.57 -11.34 -22.30
N SER A 2 -25.54 -10.43 -22.27
CA SER A 2 -26.68 -10.41 -23.22
C SER A 2 -26.37 -9.73 -24.57
N SER A 3 -25.20 -9.10 -24.72
CA SER A 3 -24.76 -8.39 -25.93
C SER A 3 -23.22 -8.17 -25.92
N GLY A 4 -22.64 -7.81 -27.07
CA GLY A 4 -21.20 -7.60 -27.25
C GLY A 4 -20.40 -8.89 -27.47
N SER A 5 -19.08 -8.79 -27.33
CA SER A 5 -18.12 -9.89 -27.52
C SER A 5 -16.74 -9.55 -26.90
N SER A 6 -15.89 -10.57 -26.68
CA SER A 6 -14.56 -10.43 -26.06
C SER A 6 -13.67 -11.66 -26.30
N GLY A 7 -12.36 -11.51 -26.06
CA GLY A 7 -11.35 -12.59 -26.17
C GLY A 7 -11.13 -13.33 -24.85
N LEU A 8 -9.89 -13.77 -24.62
CA LEU A 8 -9.46 -14.52 -23.43
C LEU A 8 -7.98 -14.25 -23.12
N THR A 9 -7.69 -13.91 -21.85
CA THR A 9 -6.36 -13.54 -21.32
C THR A 9 -6.21 -14.01 -19.87
N GLN A 10 -5.03 -13.85 -19.30
CA GLN A 10 -4.70 -14.15 -17.90
C GLN A 10 -4.09 -12.90 -17.22
N GLN A 11 -4.71 -11.74 -17.46
CA GLN A 11 -4.19 -10.41 -17.09
C GLN A 11 -5.23 -9.58 -16.29
N SER A 12 -6.30 -10.20 -15.81
CA SER A 12 -7.50 -9.57 -15.23
C SER A 12 -7.31 -8.96 -13.81
N ILE A 13 -6.09 -8.56 -13.45
CA ILE A 13 -5.76 -7.98 -12.13
C ILE A 13 -6.29 -6.54 -11.96
N GLY A 14 -6.79 -6.24 -10.75
CA GLY A 14 -7.42 -4.95 -10.40
C GLY A 14 -6.94 -4.33 -9.09
N ALA A 15 -5.76 -4.74 -8.59
CA ALA A 15 -5.26 -4.38 -7.26
C ALA A 15 -5.02 -2.86 -7.08
N ALA A 16 -4.47 -2.19 -8.09
CA ALA A 16 -4.26 -0.74 -8.11
C ALA A 16 -5.61 -0.01 -8.19
N GLY A 17 -5.90 0.80 -7.16
CA GLY A 17 -7.17 1.53 -7.01
C GLY A 17 -8.21 0.76 -6.18
N SER A 18 -7.89 -0.47 -5.75
CA SER A 18 -8.73 -1.27 -4.87
C SER A 18 -8.29 -1.17 -3.40
N GLN A 19 -9.16 -1.59 -2.48
CA GLN A 19 -9.00 -1.40 -1.03
C GLN A 19 -9.32 -2.69 -0.24
N LYS A 20 -9.33 -3.85 -0.91
CA LYS A 20 -9.37 -5.17 -0.28
C LYS A 20 -8.12 -5.44 0.58
N GLU A 21 -8.14 -6.51 1.37
CA GLU A 21 -7.04 -6.88 2.25
C GLU A 21 -6.98 -8.40 2.49
N GLY A 22 -5.81 -8.89 2.90
CA GLY A 22 -5.50 -10.30 3.13
C GLY A 22 -5.51 -10.69 4.62
N PRO A 23 -4.89 -11.84 4.98
CA PRO A 23 -4.89 -12.37 6.34
C PRO A 23 -4.05 -11.52 7.31
N GLU A 24 -4.14 -11.81 8.61
CA GLU A 24 -3.42 -11.10 9.67
C GLU A 24 -1.89 -11.14 9.45
N GLY A 25 -1.28 -9.95 9.33
CA GLY A 25 0.15 -9.77 9.03
C GLY A 25 0.49 -9.61 7.55
N ALA A 26 -0.50 -9.72 6.64
CA ALA A 26 -0.33 -9.54 5.20
C ALA A 26 -0.63 -8.11 4.70
N ASN A 27 -0.96 -7.17 5.60
CA ASN A 27 -1.49 -5.85 5.27
C ASN A 27 -0.54 -4.73 5.76
N LEU A 28 -0.15 -3.85 4.84
CA LEU A 28 0.91 -2.85 5.00
C LEU A 28 0.40 -1.42 4.74
N PHE A 29 0.82 -0.49 5.59
CA PHE A 29 0.67 0.96 5.38
C PHE A 29 2.05 1.53 5.03
N ILE A 30 2.07 2.38 4.00
CA ILE A 30 3.29 2.88 3.34
C ILE A 30 3.33 4.40 3.52
N TYR A 31 4.50 4.96 3.84
CA TYR A 31 4.68 6.40 4.08
C TYR A 31 5.94 6.95 3.40
N HIS A 32 5.99 8.28 3.24
CA HIS A 32 7.08 9.05 2.63
C HIS A 32 7.31 8.69 1.14
N LEU A 33 6.24 8.41 0.41
CA LEU A 33 6.25 8.16 -1.05
C LEU A 33 6.53 9.46 -1.84
N PRO A 34 6.91 9.37 -3.13
CA PRO A 34 6.97 10.52 -4.02
C PRO A 34 5.59 11.17 -4.19
N GLN A 35 5.54 12.49 -4.42
CA GLN A 35 4.28 13.23 -4.62
C GLN A 35 3.58 12.95 -5.97
N GLU A 36 4.29 12.25 -6.87
CA GLU A 36 3.85 11.89 -8.22
C GLU A 36 3.42 10.41 -8.38
N PHE A 37 3.68 9.59 -7.35
CA PHE A 37 3.33 8.15 -7.33
C PHE A 37 1.81 7.95 -7.27
N GLY A 38 1.27 7.16 -8.20
CA GLY A 38 -0.13 6.71 -8.21
C GLY A 38 -0.29 5.25 -7.78
N ASP A 39 -1.52 4.76 -7.87
CA ASP A 39 -1.89 3.40 -7.42
C ASP A 39 -1.16 2.30 -8.20
N GLN A 40 -0.90 2.52 -9.49
CA GLN A 40 -0.18 1.57 -10.36
C GLN A 40 1.33 1.61 -10.12
N ASP A 41 1.88 2.77 -9.72
CA ASP A 41 3.30 2.90 -9.37
C ASP A 41 3.59 2.18 -8.04
N LEU A 42 2.68 2.30 -7.07
CA LEU A 42 2.75 1.56 -5.81
C LEU A 42 2.56 0.05 -6.03
N LEU A 43 1.66 -0.36 -6.93
CA LEU A 43 1.51 -1.77 -7.29
C LEU A 43 2.81 -2.32 -7.92
N GLN A 44 3.38 -1.63 -8.90
CA GLN A 44 4.60 -2.07 -9.58
C GLN A 44 5.85 -2.03 -8.69
N MET A 45 5.85 -1.21 -7.63
CA MET A 45 6.89 -1.20 -6.59
C MET A 45 6.80 -2.42 -5.65
N PHE A 46 5.61 -2.97 -5.41
CA PHE A 46 5.35 -4.01 -4.41
C PHE A 46 5.06 -5.42 -4.98
N MET A 47 4.69 -5.55 -6.25
CA MET A 47 4.57 -6.84 -6.95
C MET A 47 5.82 -7.75 -6.90
N PRO A 48 7.07 -7.24 -6.88
CA PRO A 48 8.28 -8.06 -6.79
C PRO A 48 8.42 -8.95 -5.55
N PHE A 49 7.63 -8.73 -4.48
CA PHE A 49 7.74 -9.45 -3.21
C PHE A 49 6.67 -10.54 -3.00
N GLY A 50 5.66 -10.57 -3.87
CA GLY A 50 4.60 -11.61 -3.90
C GLY A 50 3.28 -11.14 -4.50
N ASN A 51 2.23 -11.95 -4.36
CA ASN A 51 0.93 -11.68 -4.95
C ASN A 51 0.20 -10.56 -4.20
N VAL A 52 0.24 -9.33 -4.73
CA VAL A 52 -0.46 -8.16 -4.18
C VAL A 52 -1.97 -8.30 -4.44
N VAL A 53 -2.75 -8.20 -3.37
CA VAL A 53 -4.23 -8.31 -3.35
C VAL A 53 -4.89 -6.95 -3.64
N SER A 54 -4.29 -5.86 -3.16
CA SER A 54 -4.75 -4.48 -3.36
C SER A 54 -3.60 -3.49 -3.07
N ALA A 55 -3.62 -2.33 -3.73
CA ALA A 55 -2.63 -1.27 -3.61
C ALA A 55 -3.27 0.09 -3.91
N LYS A 56 -2.98 1.09 -3.07
CA LYS A 56 -3.61 2.41 -3.14
C LYS A 56 -2.69 3.52 -2.57
N VAL A 57 -2.59 4.65 -3.26
CA VAL A 57 -1.98 5.90 -2.78
C VAL A 57 -3.13 6.88 -2.52
N PHE A 58 -3.10 7.59 -1.39
CA PHE A 58 -4.14 8.54 -1.00
C PHE A 58 -3.92 9.91 -1.66
N ILE A 59 -5.01 10.55 -2.10
CA ILE A 59 -4.99 11.75 -2.97
C ILE A 59 -5.70 12.92 -2.28
N ASP A 60 -5.13 14.13 -2.38
CA ASP A 60 -5.69 15.38 -1.86
C ASP A 60 -6.87 15.89 -2.70
N LYS A 61 -7.97 16.28 -2.03
CA LYS A 61 -9.24 16.65 -2.67
C LYS A 61 -9.27 18.07 -3.30
N GLN A 62 -8.24 18.90 -3.10
CA GLN A 62 -8.18 20.29 -3.57
C GLN A 62 -7.13 20.50 -4.68
N THR A 63 -6.16 19.59 -4.81
CA THR A 63 -5.02 19.67 -5.76
C THR A 63 -4.88 18.45 -6.66
N ASN A 64 -5.52 17.33 -6.32
CA ASN A 64 -5.42 16.02 -7.00
C ASN A 64 -4.00 15.40 -6.92
N LEU A 65 -3.15 15.89 -6.00
CA LEU A 65 -1.79 15.41 -5.76
C LEU A 65 -1.78 14.27 -4.73
N SER A 66 -0.77 13.40 -4.79
CA SER A 66 -0.61 12.29 -3.84
C SER A 66 -0.07 12.79 -2.49
N LYS A 67 -0.66 12.34 -1.38
CA LYS A 67 -0.34 12.77 -0.01
C LYS A 67 0.98 12.21 0.55
N CYS A 68 1.74 11.46 -0.26
CA CYS A 68 2.98 10.75 0.09
C CYS A 68 2.77 9.56 1.04
N PHE A 69 1.55 9.02 1.14
CA PHE A 69 1.25 7.79 1.90
C PHE A 69 0.18 6.94 1.22
N GLY A 70 0.19 5.64 1.53
CA GLY A 70 -0.58 4.59 0.86
C GLY A 70 -0.77 3.32 1.68
N PHE A 71 -1.32 2.29 1.04
CA PHE A 71 -1.64 0.98 1.60
C PHE A 71 -1.40 -0.12 0.54
N VAL A 72 -0.93 -1.29 0.98
CA VAL A 72 -0.66 -2.48 0.14
C VAL A 72 -1.01 -3.73 0.92
N SER A 73 -1.63 -4.73 0.30
CA SER A 73 -1.99 -6.00 0.94
C SER A 73 -1.63 -7.22 0.07
N TYR A 74 -1.40 -8.37 0.70
CA TYR A 74 -0.90 -9.60 0.05
C TYR A 74 -1.73 -10.86 0.34
N ASP A 75 -1.47 -11.92 -0.41
CA ASP A 75 -2.02 -13.26 -0.22
C ASP A 75 -1.54 -13.98 1.05
N ASN A 76 -0.40 -13.57 1.62
CA ASN A 76 0.24 -14.19 2.80
C ASN A 76 1.08 -13.16 3.60
N PRO A 77 1.32 -13.41 4.91
CA PRO A 77 2.20 -12.58 5.73
C PRO A 77 3.66 -12.59 5.26
N VAL A 78 4.12 -13.68 4.65
CA VAL A 78 5.52 -13.83 4.19
C VAL A 78 5.78 -13.00 2.92
N SER A 79 4.82 -12.95 2.00
CA SER A 79 4.85 -12.04 0.83
C SER A 79 4.93 -10.57 1.26
N ALA A 80 4.26 -10.24 2.37
CA ALA A 80 4.20 -8.91 2.95
C ALA A 80 5.49 -8.54 3.72
N GLN A 81 5.98 -9.42 4.59
CA GLN A 81 7.22 -9.24 5.34
C GLN A 81 8.45 -9.11 4.43
N ALA A 82 8.46 -9.78 3.27
CA ALA A 82 9.49 -9.60 2.25
C ALA A 82 9.53 -8.17 1.67
N ALA A 83 8.38 -7.49 1.60
CA ALA A 83 8.30 -6.09 1.18
C ALA A 83 8.75 -5.13 2.31
N ILE A 84 8.33 -5.36 3.56
CA ILE A 84 8.77 -4.53 4.71
C ILE A 84 10.30 -4.55 4.82
N GLN A 85 10.90 -5.74 4.74
CA GLN A 85 12.35 -5.93 4.86
C GLN A 85 13.15 -5.42 3.63
N SER A 86 12.49 -5.12 2.52
CA SER A 86 13.14 -4.59 1.29
C SER A 86 12.93 -3.09 1.09
N MET A 87 11.79 -2.53 1.55
CA MET A 87 11.36 -1.17 1.21
C MET A 87 11.36 -0.19 2.38
N ASN A 88 11.35 -0.67 3.64
CA ASN A 88 11.42 0.23 4.80
C ASN A 88 12.82 0.88 4.90
N GLY A 89 12.88 2.20 4.69
CA GLY A 89 14.11 3.01 4.60
C GLY A 89 14.66 3.18 3.19
N PHE A 90 14.01 2.63 2.14
CA PHE A 90 14.46 2.69 0.75
C PHE A 90 14.55 4.14 0.24
N GLN A 91 15.72 4.54 -0.27
CA GLN A 91 15.97 5.90 -0.73
C GLN A 91 15.40 6.10 -2.14
N ILE A 92 14.59 7.14 -2.32
CA ILE A 92 13.88 7.45 -3.57
C ILE A 92 13.72 8.97 -3.71
N GLY A 93 14.04 9.53 -4.88
CA GLY A 93 14.06 10.99 -5.09
C GLY A 93 15.04 11.67 -4.13
N MET A 94 14.53 12.58 -3.30
CA MET A 94 15.28 13.30 -2.26
C MET A 94 14.93 12.82 -0.83
N LYS A 95 14.28 11.66 -0.69
CA LYS A 95 13.70 11.14 0.57
C LYS A 95 13.93 9.63 0.79
N ARG A 96 13.37 9.06 1.86
CA ARG A 96 13.36 7.61 2.17
C ARG A 96 11.96 7.15 2.57
N LEU A 97 11.53 6.00 2.05
CA LEU A 97 10.25 5.35 2.37
C LEU A 97 10.20 4.83 3.81
N LYS A 98 9.00 4.57 4.31
CA LYS A 98 8.72 3.84 5.54
C LYS A 98 7.53 2.87 5.31
N VAL A 99 7.57 1.68 5.91
CA VAL A 99 6.55 0.63 5.73
C VAL A 99 6.27 -0.03 7.09
N GLN A 100 5.01 -0.21 7.45
CA GLN A 100 4.58 -0.81 8.72
C GLN A 100 3.35 -1.70 8.55
N LEU A 101 3.21 -2.71 9.42
CA LEU A 101 2.01 -3.55 9.50
C LEU A 101 0.76 -2.79 9.98
N LYS A 102 -0.41 -3.28 9.56
CA LYS A 102 -1.73 -2.86 10.07
C LYS A 102 -1.91 -3.27 11.56
N ARG A 103 -2.52 -2.39 12.36
CA ARG A 103 -2.84 -2.59 13.78
C ARG A 103 -4.25 -2.08 14.11
N SER A 104 -5.05 -2.90 14.78
CA SER A 104 -6.44 -2.63 15.17
C SER A 104 -6.96 -3.69 16.17
N LYS A 105 -8.13 -3.45 16.78
CA LYS A 105 -8.81 -4.37 17.71
C LYS A 105 -10.34 -4.42 17.48
N ASN A 106 -10.97 -3.25 17.27
CA ASN A 106 -12.41 -3.06 17.02
C ASN A 106 -12.71 -1.64 16.53
N ASP A 107 -13.81 -1.47 15.78
CA ASP A 107 -14.29 -0.20 15.20
C ASP A 107 -15.63 0.29 15.80
N SER A 108 -16.19 -0.48 16.74
CA SER A 108 -17.54 -0.34 17.29
C SER A 108 -17.75 -1.25 18.52
N LYS A 109 -18.89 -1.10 19.20
CA LYS A 109 -19.31 -1.88 20.37
C LYS A 109 -20.82 -2.17 20.44
N SER A 110 -21.66 -1.51 19.62
CA SER A 110 -23.12 -1.71 19.60
C SER A 110 -23.73 -1.43 18.20
N GLY A 111 -25.05 -1.64 18.06
CA GLY A 111 -25.84 -1.44 16.84
C GLY A 111 -26.37 0.00 16.74
N PRO A 112 -27.66 0.27 17.05
CA PRO A 112 -28.22 1.61 17.10
C PRO A 112 -27.63 2.35 18.32
N SER A 113 -26.62 3.18 18.07
CA SER A 113 -25.74 3.80 19.07
C SER A 113 -24.81 4.84 18.41
N SER A 114 -24.11 5.65 19.22
CA SER A 114 -22.99 6.50 18.78
C SER A 114 -21.69 5.69 18.55
N GLY A 115 -21.68 4.41 18.96
CA GLY A 115 -20.62 3.42 18.81
C GLY A 115 -21.04 2.04 19.32
N GLY A 1 -9.55 16.49 -30.06
CA GLY A 1 -8.70 15.73 -29.13
C GLY A 1 -9.46 14.61 -28.44
N SER A 2 -8.77 13.56 -28.01
CA SER A 2 -9.36 12.36 -27.39
C SER A 2 -9.98 12.59 -26.00
N SER A 3 -9.63 13.70 -25.33
CA SER A 3 -10.25 14.16 -24.08
C SER A 3 -11.70 14.69 -24.26
N GLY A 4 -12.14 14.88 -25.50
CA GLY A 4 -13.52 15.26 -25.87
C GLY A 4 -14.49 14.09 -26.01
N SER A 5 -14.07 12.87 -25.64
CA SER A 5 -14.83 11.63 -25.76
C SER A 5 -14.33 10.55 -24.77
N SER A 6 -14.83 9.31 -24.90
CA SER A 6 -14.51 8.16 -24.03
C SER A 6 -13.17 7.49 -24.43
N GLY A 7 -12.09 8.28 -24.48
CA GLY A 7 -10.75 7.84 -24.92
C GLY A 7 -9.99 6.94 -23.94
N LEU A 8 -10.43 6.88 -22.67
CA LEU A 8 -9.88 5.99 -21.64
C LEU A 8 -10.51 4.58 -21.76
N THR A 9 -9.66 3.55 -21.92
CA THR A 9 -10.09 2.14 -22.08
C THR A 9 -10.60 1.51 -20.80
N GLN A 10 -10.05 1.92 -19.65
CA GLN A 10 -10.36 1.41 -18.30
C GLN A 10 -9.90 -0.05 -18.10
N GLN A 11 -9.00 -0.57 -18.95
CA GLN A 11 -8.55 -1.97 -18.92
C GLN A 11 -7.29 -2.21 -18.07
N SER A 12 -6.64 -1.15 -17.57
CA SER A 12 -5.42 -1.22 -16.74
C SER A 12 -5.70 -1.21 -15.22
N ILE A 13 -6.97 -1.39 -14.83
CA ILE A 13 -7.44 -1.39 -13.44
C ILE A 13 -7.33 -2.77 -12.76
N GLY A 14 -7.52 -2.81 -11.43
CA GLY A 14 -7.48 -4.03 -10.61
C GLY A 14 -6.17 -4.12 -9.82
N ALA A 15 -6.28 -4.39 -8.52
CA ALA A 15 -5.25 -4.32 -7.48
C ALA A 15 -4.82 -2.86 -7.23
N ALA A 16 -4.30 -2.17 -8.26
CA ALA A 16 -4.06 -0.74 -8.26
C ALA A 16 -5.39 0.03 -8.21
N GLY A 17 -5.60 0.79 -7.11
CA GLY A 17 -6.83 1.53 -6.82
C GLY A 17 -7.89 0.68 -6.13
N SER A 18 -7.69 -0.63 -6.04
CA SER A 18 -8.50 -1.55 -5.22
C SER A 18 -8.11 -1.40 -3.73
N GLN A 19 -9.00 -1.79 -2.81
CA GLN A 19 -8.82 -1.59 -1.37
C GLN A 19 -9.27 -2.80 -0.55
N LYS A 20 -9.13 -4.01 -1.12
CA LYS A 20 -9.27 -5.28 -0.39
C LYS A 20 -8.09 -5.47 0.59
N GLU A 21 -8.16 -6.53 1.41
CA GLU A 21 -7.03 -6.95 2.22
C GLU A 21 -7.00 -8.47 2.49
N GLY A 22 -5.81 -8.95 2.86
CA GLY A 22 -5.50 -10.37 3.12
C GLY A 22 -5.46 -10.73 4.62
N PRO A 23 -4.80 -11.85 4.99
CA PRO A 23 -4.78 -12.38 6.35
C PRO A 23 -3.94 -11.51 7.31
N GLU A 24 -4.00 -11.84 8.60
CA GLU A 24 -3.27 -11.14 9.67
C GLU A 24 -1.76 -11.18 9.43
N GLY A 25 -1.14 -10.00 9.31
CA GLY A 25 0.29 -9.81 8.99
C GLY A 25 0.59 -9.62 7.50
N ALA A 26 -0.41 -9.70 6.62
CA ALA A 26 -0.25 -9.51 5.17
C ALA A 26 -0.58 -8.09 4.66
N ASN A 27 -0.93 -7.17 5.57
CA ASN A 27 -1.48 -5.85 5.23
C ASN A 27 -0.55 -4.72 5.72
N LEU A 28 -0.13 -3.85 4.80
CA LEU A 28 0.93 -2.85 4.96
C LEU A 28 0.43 -1.43 4.67
N PHE A 29 0.92 -0.47 5.45
CA PHE A 29 0.80 0.97 5.21
C PHE A 29 2.20 1.52 4.90
N ILE A 30 2.28 2.35 3.87
CA ILE A 30 3.53 2.88 3.28
C ILE A 30 3.48 4.41 3.42
N TYR A 31 4.59 5.01 3.83
CA TYR A 31 4.73 6.45 4.07
C TYR A 31 5.99 7.03 3.41
N HIS A 32 6.02 8.35 3.26
CA HIS A 32 7.10 9.14 2.63
C HIS A 32 7.32 8.81 1.14
N LEU A 33 6.23 8.54 0.41
CA LEU A 33 6.23 8.30 -1.05
C LEU A 33 6.55 9.59 -1.86
N PRO A 34 6.96 9.47 -3.13
CA PRO A 34 7.05 10.60 -4.06
C PRO A 34 5.68 11.26 -4.27
N GLN A 35 5.65 12.55 -4.62
CA GLN A 35 4.39 13.29 -4.81
C GLN A 35 3.67 12.95 -6.13
N GLU A 36 4.37 12.38 -7.11
CA GLU A 36 3.86 11.99 -8.42
C GLU A 36 3.46 10.50 -8.52
N PHE A 37 3.76 9.73 -7.48
CA PHE A 37 3.49 8.27 -7.41
C PHE A 37 1.98 7.98 -7.38
N GLY A 38 1.51 7.10 -8.27
CA GLY A 38 0.12 6.62 -8.32
C GLY A 38 -0.05 5.18 -7.84
N ASP A 39 -1.28 4.68 -7.93
CA ASP A 39 -1.67 3.35 -7.45
C ASP A 39 -0.99 2.22 -8.24
N GLN A 40 -0.78 2.44 -9.54
CA GLN A 40 -0.10 1.50 -10.44
C GLN A 40 1.42 1.51 -10.22
N ASP A 41 1.99 2.63 -9.77
CA ASP A 41 3.40 2.75 -9.40
C ASP A 41 3.68 2.05 -8.06
N LEU A 42 2.79 2.24 -7.06
CA LEU A 42 2.86 1.52 -5.79
C LEU A 42 2.65 0.01 -5.97
N LEU A 43 1.78 -0.40 -6.89
CA LEU A 43 1.62 -1.82 -7.27
C LEU A 43 2.93 -2.37 -7.85
N GLN A 44 3.53 -1.70 -8.83
CA GLN A 44 4.78 -2.15 -9.46
C GLN A 44 6.00 -2.07 -8.54
N MET A 45 5.96 -1.25 -7.49
CA MET A 45 6.97 -1.21 -6.43
C MET A 45 6.87 -2.41 -5.48
N PHE A 46 5.70 -3.02 -5.31
CA PHE A 46 5.45 -4.08 -4.32
C PHE A 46 5.16 -5.47 -4.92
N MET A 47 4.78 -5.58 -6.21
CA MET A 47 4.68 -6.85 -6.95
C MET A 47 5.93 -7.75 -6.90
N PRO A 48 7.19 -7.23 -6.87
CA PRO A 48 8.40 -8.03 -6.78
C PRO A 48 8.53 -8.94 -5.55
N PHE A 49 7.76 -8.71 -4.48
CA PHE A 49 7.85 -9.47 -3.22
C PHE A 49 6.77 -10.57 -3.08
N GLY A 50 5.79 -10.60 -3.98
CA GLY A 50 4.79 -11.66 -4.11
C GLY A 50 3.41 -11.20 -4.57
N ASN A 51 2.40 -12.05 -4.37
CA ASN A 51 1.04 -11.86 -4.86
C ASN A 51 0.30 -10.73 -4.09
N VAL A 52 0.30 -9.52 -4.66
CA VAL A 52 -0.42 -8.35 -4.14
C VAL A 52 -1.92 -8.49 -4.43
N VAL A 53 -2.74 -8.32 -3.39
CA VAL A 53 -4.21 -8.36 -3.41
C VAL A 53 -4.80 -6.99 -3.71
N SER A 54 -4.19 -5.91 -3.20
CA SER A 54 -4.59 -4.52 -3.41
C SER A 54 -3.42 -3.56 -3.11
N ALA A 55 -3.41 -2.41 -3.79
CA ALA A 55 -2.39 -1.35 -3.67
C ALA A 55 -3.01 0.00 -4.01
N LYS A 56 -2.81 1.01 -3.16
CA LYS A 56 -3.51 2.31 -3.28
C LYS A 56 -2.71 3.47 -2.68
N VAL A 57 -2.80 4.64 -3.30
CA VAL A 57 -2.20 5.91 -2.86
C VAL A 57 -3.31 6.92 -2.60
N PHE A 58 -3.22 7.66 -1.50
CA PHE A 58 -4.18 8.69 -1.14
C PHE A 58 -3.80 10.02 -1.83
N ILE A 59 -4.77 10.68 -2.46
CA ILE A 59 -4.56 11.83 -3.37
C ILE A 59 -5.16 13.12 -2.80
N ASP A 60 -4.41 14.21 -2.89
CA ASP A 60 -4.81 15.56 -2.48
C ASP A 60 -5.84 16.16 -3.46
N LYS A 61 -6.93 16.71 -2.91
CA LYS A 61 -8.09 17.18 -3.68
C LYS A 61 -7.94 18.58 -4.32
N GLN A 62 -6.82 19.27 -4.09
CA GLN A 62 -6.54 20.61 -4.65
C GLN A 62 -5.46 20.57 -5.75
N THR A 63 -4.54 19.59 -5.69
CA THR A 63 -3.37 19.47 -6.59
C THR A 63 -3.35 18.19 -7.42
N ASN A 64 -4.16 17.17 -7.06
CA ASN A 64 -4.18 15.83 -7.65
C ASN A 64 -2.86 15.04 -7.45
N LEU A 65 -2.00 15.49 -6.54
CA LEU A 65 -0.74 14.85 -6.16
C LEU A 65 -0.96 13.80 -5.05
N SER A 66 -0.01 12.89 -4.91
CA SER A 66 0.05 11.98 -3.76
C SER A 66 0.23 12.75 -2.45
N LYS A 67 -0.49 12.33 -1.40
CA LYS A 67 -0.28 12.81 -0.03
C LYS A 67 1.02 12.28 0.62
N CYS A 68 1.81 11.51 -0.15
CA CYS A 68 3.05 10.83 0.24
C CYS A 68 2.81 9.60 1.14
N PHE A 69 1.60 9.03 1.14
CA PHE A 69 1.29 7.78 1.87
C PHE A 69 0.23 6.94 1.14
N GLY A 70 0.26 5.63 1.41
CA GLY A 70 -0.50 4.59 0.74
C GLY A 70 -0.64 3.30 1.53
N PHE A 71 -1.22 2.29 0.91
CA PHE A 71 -1.55 0.98 1.47
C PHE A 71 -1.27 -0.13 0.44
N VAL A 72 -0.83 -1.30 0.90
CA VAL A 72 -0.60 -2.50 0.07
C VAL A 72 -0.96 -3.76 0.88
N SER A 73 -1.61 -4.74 0.28
CA SER A 73 -1.97 -6.01 0.92
C SER A 73 -1.62 -7.23 0.04
N TYR A 74 -1.29 -8.36 0.68
CA TYR A 74 -0.85 -9.59 0.01
C TYR A 74 -1.75 -10.80 0.33
N ASP A 75 -1.61 -11.85 -0.50
CA ASP A 75 -2.27 -13.14 -0.30
C ASP A 75 -1.69 -13.94 0.91
N ASN A 76 -0.48 -13.59 1.37
CA ASN A 76 0.22 -14.23 2.49
C ASN A 76 1.05 -13.23 3.32
N PRO A 77 1.27 -13.48 4.63
CA PRO A 77 2.11 -12.64 5.50
C PRO A 77 3.59 -12.62 5.10
N VAL A 78 4.09 -13.70 4.50
CA VAL A 78 5.53 -13.85 4.15
C VAL A 78 5.90 -12.94 2.97
N SER A 79 5.04 -12.85 1.95
CA SER A 79 5.19 -11.92 0.83
C SER A 79 5.18 -10.45 1.28
N ALA A 80 4.40 -10.17 2.34
CA ALA A 80 4.27 -8.85 2.95
C ALA A 80 5.51 -8.49 3.80
N GLN A 81 5.95 -9.39 4.68
CA GLN A 81 7.15 -9.21 5.50
C GLN A 81 8.42 -9.05 4.64
N ALA A 82 8.49 -9.73 3.49
CA ALA A 82 9.57 -9.55 2.51
C ALA A 82 9.59 -8.13 1.91
N ALA A 83 8.43 -7.47 1.78
CA ALA A 83 8.34 -6.10 1.30
C ALA A 83 8.74 -5.09 2.39
N ILE A 84 8.33 -5.30 3.65
CA ILE A 84 8.77 -4.45 4.78
C ILE A 84 10.30 -4.48 4.89
N GLN A 85 10.91 -5.67 4.84
CA GLN A 85 12.35 -5.85 4.98
C GLN A 85 13.16 -5.37 3.76
N SER A 86 12.50 -5.11 2.62
CA SER A 86 13.16 -4.61 1.40
C SER A 86 12.96 -3.10 1.17
N MET A 87 11.83 -2.52 1.63
CA MET A 87 11.41 -1.16 1.27
C MET A 87 11.40 -0.16 2.44
N ASN A 88 11.41 -0.62 3.70
CA ASN A 88 11.49 0.28 4.84
C ASN A 88 12.88 0.93 4.94
N GLY A 89 12.95 2.24 4.70
CA GLY A 89 14.18 3.04 4.60
C GLY A 89 14.73 3.20 3.17
N PHE A 90 14.05 2.66 2.15
CA PHE A 90 14.48 2.71 0.74
C PHE A 90 14.57 4.15 0.23
N GLN A 91 15.74 4.55 -0.29
CA GLN A 91 16.00 5.91 -0.76
C GLN A 91 15.41 6.10 -2.17
N ILE A 92 14.61 7.14 -2.34
CA ILE A 92 13.89 7.46 -3.59
C ILE A 92 13.75 8.98 -3.74
N GLY A 93 14.06 9.52 -4.91
CA GLY A 93 14.10 10.97 -5.14
C GLY A 93 15.11 11.64 -4.19
N MET A 94 14.61 12.55 -3.35
CA MET A 94 15.37 13.28 -2.32
C MET A 94 15.01 12.82 -0.88
N LYS A 95 14.35 11.67 -0.73
CA LYS A 95 13.77 11.18 0.53
C LYS A 95 13.99 9.65 0.75
N ARG A 96 13.43 9.09 1.84
CA ARG A 96 13.42 7.66 2.15
C ARG A 96 12.01 7.20 2.56
N LEU A 97 11.58 6.05 2.05
CA LEU A 97 10.30 5.40 2.38
C LEU A 97 10.27 4.88 3.83
N LYS A 98 9.07 4.64 4.35
CA LYS A 98 8.82 3.92 5.60
C LYS A 98 7.62 2.95 5.39
N VAL A 99 7.66 1.75 5.96
CA VAL A 99 6.65 0.71 5.76
C VAL A 99 6.38 0.00 7.09
N GLN A 100 5.10 -0.28 7.39
CA GLN A 100 4.65 -0.85 8.66
C GLN A 100 3.38 -1.69 8.46
N LEU A 101 3.17 -2.70 9.32
CA LEU A 101 1.90 -3.44 9.39
C LEU A 101 0.69 -2.56 9.76
N LYS A 102 -0.51 -3.02 9.40
CA LYS A 102 -1.79 -2.41 9.80
C LYS A 102 -1.91 -2.23 11.33
N ARG A 103 -2.38 -1.04 11.76
CA ARG A 103 -2.40 -0.58 13.17
C ARG A 103 -3.79 -0.64 13.83
N SER A 104 -4.79 -1.25 13.19
CA SER A 104 -6.18 -1.37 13.68
C SER A 104 -6.74 -2.77 13.40
N LYS A 105 -7.68 -3.24 14.23
CA LYS A 105 -8.26 -4.60 14.19
C LYS A 105 -9.79 -4.59 14.40
N ASN A 106 -10.46 -5.65 13.91
CA ASN A 106 -11.90 -5.90 14.12
C ASN A 106 -12.22 -6.34 15.57
N ASP A 107 -13.51 -6.36 15.92
CA ASP A 107 -14.01 -6.73 17.26
C ASP A 107 -15.45 -7.27 17.16
N SER A 108 -15.70 -8.45 17.73
CA SER A 108 -16.96 -9.19 17.59
C SER A 108 -18.16 -8.54 18.30
N LYS A 109 -17.93 -7.65 19.27
CA LYS A 109 -18.99 -6.88 19.94
C LYS A 109 -19.60 -5.77 19.07
N SER A 110 -19.06 -5.55 17.87
CA SER A 110 -19.54 -4.58 16.86
C SER A 110 -20.09 -5.26 15.59
N GLY A 111 -20.31 -6.59 15.63
CA GLY A 111 -20.81 -7.41 14.51
C GLY A 111 -22.34 -7.38 14.34
N PRO A 112 -22.91 -8.23 13.46
CA PRO A 112 -24.34 -8.26 13.16
C PRO A 112 -25.21 -8.75 14.33
N SER A 113 -24.62 -9.29 15.41
CA SER A 113 -25.29 -9.61 16.67
C SER A 113 -25.65 -8.38 17.52
N SER A 114 -25.17 -7.18 17.15
CA SER A 114 -25.43 -5.91 17.86
C SER A 114 -25.75 -4.72 16.93
N GLY A 115 -25.86 -4.94 15.61
CA GLY A 115 -26.18 -3.93 14.61
C GLY A 115 -26.39 -4.51 13.20
#